data_7USY
#
_entry.id   7USY
#
_cell.length_a   1.00
_cell.length_b   1.00
_cell.length_c   1.00
_cell.angle_alpha   90.00
_cell.angle_beta   90.00
_cell.angle_gamma   90.00
#
_symmetry.space_group_name_H-M   'P 1'
#
loop_
_entity.id
_entity.type
_entity.pdbx_description
1 polymer 'Transmembrane channel-like protein 1'
2 polymer 'CALMyrin (Calcium and Integrin Binding protein) homolog'
3 polymer 'Transmembrane inner ear expressed protein'
4 polymer 'ARRestin Domain protein'
5 non-polymer 'CALCIUM ION'
6 non-polymer 1,2-dioleoyl-sn-glycero-3-phosphoethanolamine
7 non-polymer 1,2-Distearoyl-sn-glycerophosphoethanolamine
8 non-polymer 2-acetamido-2-deoxy-beta-D-glucopyranose
9 non-polymer 'PALMITIC ACID'
#
loop_
_entity_poly.entity_id
_entity_poly.type
_entity_poly.pdbx_seq_one_letter_code
_entity_poly.pdbx_strand_id
1 'polypeptide(L)'
;MQEAARRASLRKEHTPTNEKFGDLSKQDSLGERASSKLTLDDELYDILYAFGETDAFINKGDKQRETDEDGNPLTRQALL
ERIRQKKEVIGKLRCQAWSMTRKRRTLKLAQKYLEQHESKVSRSHLYMEEMRKRARLMKRSFSNFKTYLIPWESKIKRIE
SHFGSVVSSYFTFLRWIVFVNIMITLIALVFVVLPETLADSVANEGRFNRTKTRKQIPANERVHADELAVVWHYDGYLRY
SPLFYGYYSDDPFLGNKIKYALPLAYFMVTLTIFAYSFFAILRKMAANARMSKLSGSKAEQYIFNWKLFTGWDYTIGNSE
TASNTVMAVVIKLRESIADIKKDAHGKFRLLQFSLRVFANIIICAMLGFSIYCIIFAVQKSQVQDDGNLFTKNQVPSVVS
TITHVFPMIFDLIGKMENYHPRTALRAHLGRVLILYTVNYITLIFALFEKMTALRDRVNSTSTSSSHRTKRQQGGWNPNM
QRPPPYASRAEVRQMSDFLAANTRRFQTVSQRTTRSVTTPFTVAPQFGPFNVNNPNAVFHNGTHSTSFESQILGPKALPI
FTPPPRKYPGFTPGNVGQQFGGPDFPRNQVYTKSTPLPRVRTKPPWVYTTTHPPLVQNRAMTTTMSKSAKKGNSKNLDDD
ILLSNETIQMSEAALRRNHDGHNNDICWETIIGQEIVKLVTMDLIFTILSILVIDLFRGLWIKYCSSWWCWDIETTFPEY
GEFKVAENVLHIINNQGMIWLGLFFAPLLPAINNIKLIILMYIRGWAVMTCNVPAREIFRASRSSNFYLGILLIWLLLCT
LPVGFVIASMSPSRSCGPFARYQHFYTVVTREIEKRVDQTVLSYIRHIASPGVVIPIILFLILIIYFLFSLVRGLREANT
DLQAQLVHERTEEKKKIFELAGGKKNKFEKDRDKKRSNDYIPLIEQRRREPWRQYHEMEADHALASDSSEESDINEDEDD
ERQPLTAYPLRAIETPPETLQVTAFHPSLGSLIENREMEDEESASGDQLPMIHKSVSFQGPSHMQMRQSISTESCSQISR
SAIQVATPEEIRALLRPYLEAKYGIPYQHGIKSFPIDVHTPPNNTPSRRSSKYNSFVSLYEHTRDDHKNFVASTIKETDE
DPGKSDKKQTSSKDVAPDFMPWPSADEARALREKMKSKTPLMLTKTTVEEKPKGGKSSESEFRPPVPIHRKYNIQTTEEE
NEEEETDSAPESSKKRFRISVSPTKTIAPASASRAQHKIVSQASSSSSIPHGRQPDPNKKASLVLPPLRAPRVQFDEDDS
PRQID
;
A,B
2 'polypeptide(L)'
;MGNNASSLSELNLFSKGGVFTREQLDEYQDCTFFTRKDIIRLYKRFYALNPHKVPTNMQGNRPAITTLTFEEVEKMPELK
ENPFKRRICEVFSEDGRGNLSFDDFLDMFSVFSEMAPLQLKLKYAFRIYDYDGDELLGHDDLSKMIRSLTRDELSDVEVE
FIIERIIEEADLDGDSSINFAEFEHVVSRSPDFIRTFHIRI
;
C,E
3 'polypeptide(L)'
;MPSGNEEINHLSALDQFVAPGLRLWMLIALVGGVLLIMIVIVCCFMRIRIPRTKRQIDLIAAKRKLRKSTKNSAEANAHN
DERAQAIVMNSMPSGGGGGAPSTSSSRHTGSRIQSQV
;
D,F
4 'polypeptide(L)'
;MAEEKKETMISTLLEKHYFQVEEQKSGMDYISSFDIRLNKDVYYAGETISGSVLLENTENIKIRGIRVLLRGKVHATLKV
VKSGERRTLKDDQYVLDEKQLLWGKDKSDESDSVPILARGVHQFSFNFDLPQSSLPCSLESRHCTIRYYFKVIIDIPYAS
SPQGIKYFTIIGPHIDSMEEKYLSPLSAQDRKVNCCWCCQRGALALRIILERTAYVCGENIRVRAQIENRQSTAQSLVIR
LVQHVEVFVEKGLLGENKMMSCVVFEHKSPAIAANSQGKYDSTLEQPIRLPVVPPTLVGVCRLIQIYYALRVCMEDEKGN
ECLHIDFPLTVATIPYRIPNAPPPPVDYDFCSNHVEGGKYVSPEFRLGQVYDGEGEEINKEEEIVLYRPVYVKLADRRIG
SPHVSKDFRSGSFTRIADSSLALVTEPNGSRRRSILVASNPCLAMRDESMDEKLMMTNGCNSEGDPLVA
;
J
#
# COMPACT_ATOMS: atom_id res chain seq x y z
N THR A 75 12.56 25.55 27.68
CA THR A 75 13.45 26.54 27.08
C THR A 75 13.36 26.48 25.55
N ARG A 76 14.53 26.35 24.91
CA ARG A 76 14.55 26.25 23.45
C ARG A 76 13.85 25.00 22.97
N GLN A 77 14.05 23.87 23.66
CA GLN A 77 13.37 22.63 23.28
C GLN A 77 11.86 22.77 23.42
N ALA A 78 11.39 23.40 24.49
CA ALA A 78 9.95 23.58 24.67
C ALA A 78 9.38 24.47 23.57
N LEU A 79 10.06 25.56 23.22
CA LEU A 79 9.59 26.43 22.15
C LEU A 79 9.57 25.70 20.81
N LEU A 80 10.61 24.91 20.53
CA LEU A 80 10.64 24.15 19.28
C LEU A 80 9.51 23.13 19.23
N GLU A 81 9.24 22.46 20.35
CA GLU A 81 8.14 21.50 20.39
C GLU A 81 6.80 22.18 20.20
N ARG A 82 6.61 23.36 20.81
CA ARG A 82 5.37 24.10 20.63
C ARG A 82 5.20 24.54 19.18
N ILE A 83 6.28 24.99 18.54
CA ILE A 83 6.21 25.38 17.13
C ILE A 83 5.87 24.18 16.27
N ARG A 84 6.47 23.03 16.55
CA ARG A 84 6.17 21.82 15.79
C ARG A 84 4.71 21.41 15.97
N GLN A 85 4.20 21.50 17.20
CA GLN A 85 2.80 21.17 17.44
C GLN A 85 1.87 22.11 16.69
N LYS A 86 2.18 23.41 16.70
CA LYS A 86 1.35 24.37 15.96
C LYS A 86 1.38 24.10 14.47
N LYS A 87 2.57 23.80 13.92
CA LYS A 87 2.67 23.49 12.49
C LYS A 87 1.91 22.21 12.15
N GLU A 88 1.99 21.20 13.02
CA GLU A 88 1.24 19.97 12.80
C GLU A 88 -0.26 20.22 12.82
N VAL A 89 -0.72 21.05 13.75
CA VAL A 89 -2.14 21.37 13.84
C VAL A 89 -2.59 22.11 12.58
N ILE A 90 -1.79 23.07 12.12
CA ILE A 90 -2.15 23.85 10.94
C ILE A 90 -2.20 22.97 9.70
N GLY A 91 -1.17 22.15 9.49
CA GLY A 91 -1.15 21.29 8.32
C GLY A 91 -2.22 20.21 8.36
N LYS A 92 -2.47 19.64 9.53
CA LYS A 92 -3.45 18.58 9.69
C LYS A 92 -4.86 19.13 9.87
N LEU A 93 -5.02 20.45 9.92
CA LEU A 93 -6.35 21.04 10.10
C LEU A 93 -7.32 20.60 9.02
N ARG A 94 -6.81 20.38 7.81
CA ARG A 94 -7.68 19.97 6.71
C ARG A 94 -8.17 18.53 6.90
N CYS A 95 -7.55 17.79 7.81
CA CYS A 95 -7.93 16.40 8.07
C CYS A 95 -8.74 16.25 9.36
N GLN A 96 -9.08 17.36 10.03
CA GLN A 96 -9.90 17.32 11.23
C GLN A 96 -11.34 17.65 10.89
N ALA A 97 -12.26 16.87 11.48
CA ALA A 97 -13.69 17.06 11.26
C ALA A 97 -14.25 18.10 12.24
N TRP A 98 -13.76 19.33 12.10
CA TRP A 98 -14.19 20.44 12.93
C TRP A 98 -15.03 21.41 12.11
N SER A 99 -15.80 22.25 12.82
CA SER A 99 -16.66 23.22 12.17
C SER A 99 -15.83 24.36 11.60
N MET A 100 -16.47 25.13 10.71
CA MET A 100 -15.79 26.28 10.10
C MET A 100 -15.45 27.34 11.14
N THR A 101 -16.36 27.60 12.08
CA THR A 101 -16.07 28.58 13.12
C THR A 101 -14.89 28.16 13.98
N ARG A 102 -14.86 26.89 14.39
CA ARG A 102 -13.74 26.39 15.18
C ARG A 102 -12.45 26.41 14.38
N LYS A 103 -12.52 26.06 13.09
CA LYS A 103 -11.32 26.08 12.26
C LYS A 103 -10.77 27.50 12.13
N ARG A 104 -11.65 28.48 11.91
CA ARG A 104 -11.22 29.87 11.81
C ARG A 104 -10.65 30.37 13.14
N ARG A 105 -11.27 29.99 14.26
CA ARG A 105 -10.74 30.37 15.56
C ARG A 105 -9.36 29.78 15.79
N THR A 106 -9.17 28.51 15.40
CA THR A 106 -7.86 27.88 15.54
C THR A 106 -6.82 28.58 14.67
N LEU A 107 -7.21 28.95 13.44
CA LEU A 107 -6.27 29.67 12.58
C LEU A 107 -5.90 31.02 13.17
N LYS A 108 -6.88 31.74 13.72
CA LYS A 108 -6.58 33.03 14.34
C LYS A 108 -5.67 32.86 15.55
N LEU A 109 -5.91 31.84 16.36
CA LEU A 109 -5.06 31.59 17.52
C LEU A 109 -3.64 31.26 17.09
N ALA A 110 -3.50 30.42 16.05
CA ALA A 110 -2.17 30.09 15.54
C ALA A 110 -1.46 31.32 14.99
N GLN A 111 -2.20 32.18 14.29
CA GLN A 111 -1.61 33.41 13.76
C GLN A 111 -1.15 34.32 14.88
N LYS A 112 -1.97 34.45 15.94
CA LYS A 112 -1.57 35.26 17.08
C LYS A 112 -0.33 34.69 17.78
N TYR A 113 -0.28 33.36 17.91
CA TYR A 113 0.89 32.73 18.52
C TYR A 113 2.15 32.95 17.68
N LEU A 114 2.01 32.86 16.35
CA LEU A 114 3.14 33.12 15.47
C LEU A 114 3.59 34.58 15.56
N GLU A 115 2.64 35.51 15.65
CA GLU A 115 2.99 36.91 15.83
C GLU A 115 3.72 37.13 17.15
N GLN A 116 3.26 36.47 18.21
CA GLN A 116 3.93 36.59 19.50
C GLN A 116 5.35 36.03 19.46
N HIS A 117 5.53 34.87 18.80
CA HIS A 117 6.83 34.23 18.73
C HIS A 117 7.74 34.85 17.67
N GLU A 118 7.23 35.77 16.86
CA GLU A 118 8.06 36.43 15.86
C GLU A 118 9.24 37.15 16.50
N SER A 119 9.00 37.84 17.61
CA SER A 119 10.08 38.54 18.32
C SER A 119 10.67 37.64 19.41
N LYS A 120 11.05 36.43 18.99
CA LYS A 120 11.66 35.46 19.89
C LYS A 120 12.87 34.81 19.23
N VAL A 121 12.91 34.81 17.90
CA VAL A 121 13.96 34.12 17.16
C VAL A 121 14.88 35.15 16.52
N SER A 122 15.95 34.66 15.90
CA SER A 122 16.97 35.51 15.30
C SER A 122 16.61 35.83 13.85
N ARG A 123 17.53 36.48 13.14
CA ARG A 123 17.28 36.87 11.76
C ARG A 123 17.24 35.68 10.82
N SER A 124 18.07 34.65 11.08
CA SER A 124 18.09 33.48 10.20
C SER A 124 16.74 32.76 10.20
N HIS A 125 16.13 32.61 11.38
CA HIS A 125 14.82 31.98 11.45
C HIS A 125 13.78 32.78 10.68
N LEU A 126 13.85 34.10 10.78
CA LEU A 126 12.93 34.95 10.01
C LEU A 126 13.15 34.77 8.51
N TYR A 127 14.41 34.63 8.08
CA TYR A 127 14.69 34.41 6.67
C TYR A 127 14.12 33.07 6.20
N MET A 128 14.28 32.01 7.00
CA MET A 128 13.66 30.73 6.65
C MET A 128 12.15 30.85 6.59
N GLU A 129 11.56 31.58 7.54
CA GLU A 129 10.11 31.74 7.57
C GLU A 129 9.60 32.46 6.33
N GLU A 130 10.26 33.55 5.94
CA GLU A 130 9.80 34.30 4.77
C GLU A 130 10.03 33.51 3.49
N MET A 131 11.13 32.75 3.42
CA MET A 131 11.35 31.89 2.25
C MET A 131 10.27 30.82 2.16
N ARG A 132 9.90 30.21 3.30
CA ARG A 132 8.84 29.21 3.29
C ARG A 132 7.50 29.82 2.88
N LYS A 133 7.21 31.03 3.37
CA LYS A 133 5.98 31.70 3.00
C LYS A 133 5.94 32.00 1.51
N ARG A 134 7.05 32.47 0.95
CA ARG A 134 7.11 32.76 -0.48
C ARG A 134 6.95 31.48 -1.30
N ALA A 135 7.59 30.39 -0.87
CA ALA A 135 7.44 29.12 -1.57
C ALA A 135 6.00 28.62 -1.54
N ARG A 136 5.35 28.74 -0.38
CA ARG A 136 3.95 28.33 -0.27
C ARG A 136 3.06 29.20 -1.16
N LEU A 137 3.33 30.50 -1.20
CA LEU A 137 2.54 31.38 -2.07
C LEU A 137 2.73 31.02 -3.54
N MET A 138 3.97 30.73 -3.95
CA MET A 138 4.21 30.33 -5.33
C MET A 138 3.51 29.01 -5.66
N LYS A 139 3.55 28.04 -4.74
CA LYS A 139 2.88 26.78 -4.97
C LYS A 139 1.37 26.96 -5.08
N ARG A 140 0.80 27.81 -4.22
CA ARG A 140 -0.63 28.10 -4.28
C ARG A 140 -1.00 28.76 -5.59
N SER A 141 -0.20 29.73 -6.05
CA SER A 141 -0.47 30.38 -7.32
C SER A 141 -0.37 29.39 -8.48
N PHE A 142 0.62 28.49 -8.43
CA PHE A 142 0.75 27.48 -9.48
C PHE A 142 -0.45 26.55 -9.49
N SER A 143 -0.93 26.14 -8.32
CA SER A 143 -2.12 25.28 -8.26
C SER A 143 -3.34 26.00 -8.80
N ASN A 144 -3.51 27.27 -8.44
CA ASN A 144 -4.65 28.04 -8.95
C ASN A 144 -4.61 28.17 -10.46
N PHE A 145 -3.42 28.44 -11.01
CA PHE A 145 -3.29 28.55 -12.46
C PHE A 145 -3.50 27.20 -13.14
N LYS A 146 -3.03 26.12 -12.52
CA LYS A 146 -3.18 24.79 -13.10
C LYS A 146 -4.65 24.39 -13.16
N THR A 147 -5.43 24.75 -12.13
CA THR A 147 -6.86 24.47 -12.18
C THR A 147 -7.57 25.20 -13.30
N TYR A 148 -6.97 26.24 -13.88
CA TYR A 148 -7.54 26.92 -15.02
C TYR A 148 -7.28 26.20 -16.35
N LEU A 149 -6.32 25.27 -16.38
CA LEU A 149 -5.92 24.60 -17.61
C LEU A 149 -6.38 23.15 -17.66
N ILE A 150 -7.18 22.71 -16.71
CA ILE A 150 -7.68 21.34 -16.67
C ILE A 150 -8.99 21.29 -17.46
N PRO A 151 -9.04 20.58 -18.59
CA PRO A 151 -10.24 20.61 -19.42
C PRO A 151 -11.19 19.45 -19.10
N TRP A 152 -12.36 19.50 -19.74
CA TRP A 152 -13.31 18.39 -19.72
C TRP A 152 -13.77 18.06 -18.30
N GLU A 153 -13.93 19.09 -17.49
CA GLU A 153 -14.40 18.91 -16.13
C GLU A 153 -15.92 18.72 -16.04
N SER A 154 -16.67 19.62 -16.67
CA SER A 154 -18.13 19.51 -16.64
C SER A 154 -18.61 18.25 -17.34
N LYS A 155 -17.96 17.87 -18.43
CA LYS A 155 -18.32 16.65 -19.14
C LYS A 155 -18.12 15.43 -18.24
N ILE A 156 -16.97 15.35 -17.56
CA ILE A 156 -16.72 14.23 -16.67
C ILE A 156 -17.71 14.22 -15.51
N LYS A 157 -17.99 15.40 -14.96
CA LYS A 157 -18.96 15.50 -13.86
C LYS A 157 -20.34 15.01 -14.28
N ARG A 158 -20.79 15.42 -15.48
CA ARG A 158 -22.09 14.98 -15.95
C ARG A 158 -22.15 13.48 -16.18
N ILE A 159 -21.10 12.93 -16.82
CA ILE A 159 -21.09 11.49 -17.04
C ILE A 159 -21.06 10.75 -15.70
N GLU A 160 -20.33 11.29 -14.73
CA GLU A 160 -20.29 10.67 -13.39
C GLU A 160 -21.66 10.69 -12.74
N SER A 161 -22.32 11.85 -12.71
CA SER A 161 -23.57 11.98 -11.97
C SER A 161 -24.73 11.34 -12.72
N HIS A 162 -24.53 10.95 -13.98
CA HIS A 162 -25.58 10.23 -14.68
C HIS A 162 -25.35 8.72 -14.70
N PHE A 163 -24.10 8.27 -14.81
CA PHE A 163 -23.81 6.86 -15.02
C PHE A 163 -23.06 6.20 -13.86
N GLY A 164 -22.44 6.96 -12.98
CA GLY A 164 -21.72 6.41 -11.85
C GLY A 164 -20.27 6.84 -11.83
N SER A 165 -19.54 6.30 -10.87
CA SER A 165 -18.13 6.61 -10.69
C SER A 165 -17.20 5.48 -11.11
N VAL A 166 -17.72 4.46 -11.80
CA VAL A 166 -16.90 3.37 -12.31
C VAL A 166 -16.70 3.57 -13.81
N VAL A 167 -17.71 4.12 -14.48
CA VAL A 167 -17.57 4.48 -15.89
C VAL A 167 -16.66 5.69 -16.04
N SER A 168 -16.83 6.71 -15.19
CA SER A 168 -16.04 7.94 -15.31
C SER A 168 -14.56 7.73 -15.02
N SER A 169 -14.17 6.60 -14.42
CA SER A 169 -12.76 6.32 -14.25
C SER A 169 -12.07 6.16 -15.60
N TYR A 170 -12.79 5.60 -16.59
CA TYR A 170 -12.25 5.53 -17.95
C TYR A 170 -11.94 6.92 -18.48
N PHE A 171 -12.85 7.88 -18.28
CA PHE A 171 -12.64 9.21 -18.81
C PHE A 171 -11.51 9.94 -18.08
N THR A 172 -11.40 9.74 -16.76
CA THR A 172 -10.27 10.32 -16.04
C THR A 172 -8.95 9.73 -16.52
N PHE A 173 -8.91 8.40 -16.72
CA PHE A 173 -7.71 7.76 -17.23
C PHE A 173 -7.36 8.27 -18.62
N LEU A 174 -8.37 8.46 -19.47
CA LEU A 174 -8.12 8.99 -20.81
C LEU A 174 -7.62 10.42 -20.76
N ARG A 175 -8.12 11.22 -19.82
CA ARG A 175 -7.62 12.58 -19.68
C ARG A 175 -6.15 12.58 -19.25
N TRP A 176 -5.79 11.70 -18.33
CA TRP A 176 -4.38 11.60 -17.94
C TRP A 176 -3.52 11.11 -19.10
N ILE A 177 -4.03 10.17 -19.88
CA ILE A 177 -3.29 9.67 -21.04
C ILE A 177 -3.08 10.78 -22.05
N VAL A 178 -4.09 11.62 -22.27
CA VAL A 178 -3.95 12.78 -23.14
C VAL A 178 -2.89 13.73 -22.62
N PHE A 179 -2.86 13.94 -21.30
CA PHE A 179 -1.82 14.78 -20.72
C PHE A 179 -0.42 14.21 -20.99
N VAL A 180 -0.27 12.90 -20.79
CA VAL A 180 1.03 12.26 -21.02
C VAL A 180 1.43 12.39 -22.48
N ASN A 181 0.48 12.19 -23.40
CA ASN A 181 0.79 12.28 -24.82
C ASN A 181 1.14 13.71 -25.21
N ILE A 182 0.50 14.70 -24.59
CA ILE A 182 0.85 16.09 -24.86
C ILE A 182 2.27 16.39 -24.39
N MET A 183 2.64 15.88 -23.22
CA MET A 183 4.01 16.08 -22.74
C MET A 183 5.02 15.39 -23.66
N ILE A 184 4.70 14.17 -24.09
CA ILE A 184 5.58 13.46 -25.03
C ILE A 184 5.72 14.23 -26.32
N THR A 185 4.62 14.76 -26.84
CA THR A 185 4.67 15.54 -28.08
C THR A 185 5.51 16.79 -27.90
N LEU A 186 5.37 17.48 -26.78
CA LEU A 186 6.20 18.66 -26.54
C LEU A 186 7.68 18.29 -26.52
N ILE A 187 8.02 17.20 -25.82
CA ILE A 187 9.43 16.80 -25.73
C ILE A 187 9.97 16.44 -27.12
N ALA A 188 9.19 15.70 -27.91
CA ALA A 188 9.61 15.30 -29.24
C ALA A 188 9.52 16.42 -30.27
N LEU A 189 8.91 17.55 -29.92
CA LEU A 189 8.71 18.63 -30.88
C LEU A 189 9.64 19.82 -30.65
N VAL A 190 9.99 20.15 -29.41
CA VAL A 190 10.88 21.29 -29.19
C VAL A 190 12.30 20.96 -29.60
N PHE A 191 12.69 19.69 -29.54
CA PHE A 191 14.09 19.33 -29.72
C PHE A 191 14.39 18.59 -31.01
N VAL A 192 13.39 18.20 -31.79
CA VAL A 192 13.66 17.49 -33.04
C VAL A 192 13.03 18.21 -34.22
N VAL A 193 11.70 18.29 -34.25
CA VAL A 193 11.00 18.78 -35.42
C VAL A 193 11.24 20.28 -35.61
N LEU A 194 11.08 21.07 -34.54
CA LEU A 194 11.22 22.52 -34.67
C LEU A 194 12.61 22.94 -35.07
N PRO A 195 13.71 22.45 -34.45
CA PRO A 195 15.03 22.82 -34.94
C PRO A 195 15.27 22.46 -36.40
N GLU A 196 14.82 21.28 -36.82
CA GLU A 196 15.05 20.86 -38.20
C GLU A 196 14.29 21.75 -39.19
N THR A 197 13.02 22.04 -38.90
CA THR A 197 12.25 22.90 -39.78
C THR A 197 12.80 24.33 -39.79
N LEU A 198 13.24 24.82 -38.64
CA LEU A 198 13.86 26.15 -38.59
C LEU A 198 15.12 26.20 -39.43
N ALA A 199 15.95 25.15 -39.35
CA ALA A 199 17.16 25.12 -40.17
C ALA A 199 16.82 25.01 -41.66
N ASP A 200 15.77 24.26 -41.98
CA ASP A 200 15.36 24.13 -43.38
C ASP A 200 14.86 25.46 -43.94
N SER A 201 14.19 26.27 -43.11
CA SER A 201 13.68 27.54 -43.59
C SER A 201 14.80 28.45 -44.05
N VAL A 202 15.90 28.51 -43.31
CA VAL A 202 17.03 29.36 -43.63
C VAL A 202 18.19 28.54 -44.22
N ALA A 203 17.90 27.36 -44.75
CA ALA A 203 18.95 26.50 -45.29
C ALA A 203 19.63 27.15 -46.49
N ASN A 204 20.93 26.93 -46.61
CA ASN A 204 21.71 27.50 -47.70
C ASN A 204 21.61 26.59 -48.93
N GLU A 205 22.33 26.95 -50.00
CA GLU A 205 22.28 26.17 -51.22
C GLU A 205 22.89 24.79 -51.02
N GLY A 206 24.01 24.71 -50.29
CA GLY A 206 24.65 23.43 -50.08
C GLY A 206 23.78 22.46 -49.29
N ARG A 207 23.13 22.96 -48.24
CA ARG A 207 22.26 22.11 -47.45
C ARG A 207 21.08 21.60 -48.29
N PHE A 208 20.51 22.45 -49.13
CA PHE A 208 19.45 22.01 -50.02
C PHE A 208 19.95 20.95 -50.99
N ASN A 209 21.16 21.13 -51.51
CA ASN A 209 21.72 20.15 -52.43
C ASN A 209 21.92 18.80 -51.74
N ARG A 210 22.33 18.82 -50.47
CA ARG A 210 22.51 17.56 -49.74
C ARG A 210 21.18 16.93 -49.35
N THR A 211 20.15 17.73 -49.09
CA THR A 211 18.89 17.24 -48.56
C THR A 211 17.79 17.09 -49.60
N LYS A 212 18.08 17.37 -50.88
CA LYS A 212 17.06 17.22 -51.92
C LYS A 212 16.60 15.77 -52.05
N THR A 213 17.52 14.81 -51.92
CA THR A 213 17.17 13.42 -52.09
C THR A 213 16.21 12.89 -51.02
N ARG A 214 16.03 13.62 -49.92
CA ARG A 214 15.18 13.19 -48.83
C ARG A 214 14.04 14.14 -48.51
N LYS A 215 14.09 15.39 -48.97
CA LYS A 215 13.06 16.37 -48.63
C LYS A 215 12.23 16.83 -49.82
N GLN A 216 12.50 16.33 -51.03
CA GLN A 216 11.76 16.73 -52.21
C GLN A 216 11.27 15.49 -52.95
N ILE A 217 9.99 15.48 -53.30
CA ILE A 217 9.42 14.36 -54.04
C ILE A 217 9.99 14.35 -55.46
N PRO A 218 10.39 13.20 -55.99
CA PRO A 218 10.86 13.16 -57.38
C PRO A 218 9.75 13.52 -58.36
N ALA A 219 10.15 14.10 -59.49
CA ALA A 219 9.17 14.55 -60.49
C ALA A 219 8.43 13.38 -61.14
N ASN A 220 9.05 12.21 -61.24
CA ASN A 220 8.39 11.08 -61.89
C ASN A 220 7.15 10.65 -61.14
N GLU A 221 7.23 10.59 -59.81
CA GLU A 221 6.09 10.17 -59.00
C GLU A 221 5.24 11.35 -58.54
N ARG A 222 5.72 12.58 -58.70
CA ARG A 222 4.97 13.75 -58.24
C ARG A 222 3.62 13.86 -58.94
N VAL A 223 3.52 13.42 -60.20
CA VAL A 223 2.25 13.48 -60.90
C VAL A 223 1.22 12.57 -60.24
N HIS A 224 1.68 11.51 -59.56
CA HIS A 224 0.81 10.59 -58.84
C HIS A 224 0.79 10.85 -57.34
N ALA A 225 0.95 12.12 -56.94
CA ALA A 225 1.04 12.43 -55.52
C ALA A 225 -0.30 12.28 -54.80
N ASP A 226 -1.41 12.51 -55.50
CA ASP A 226 -2.74 12.39 -54.92
C ASP A 226 -3.60 11.54 -55.85
N GLU A 227 -3.94 10.34 -55.40
CA GLU A 227 -4.74 9.42 -56.21
C GLU A 227 -5.81 8.68 -55.40
N LEU A 228 -6.16 9.19 -54.21
CA LEU A 228 -7.13 8.55 -53.32
C LEU A 228 -6.56 7.25 -52.76
N ALA A 229 -5.38 6.87 -53.21
CA ALA A 229 -4.66 5.71 -52.72
C ALA A 229 -3.24 6.04 -52.28
N VAL A 230 -2.58 6.97 -52.97
CA VAL A 230 -1.24 7.39 -52.56
C VAL A 230 -1.31 8.20 -51.27
N VAL A 231 -2.27 9.12 -51.17
CA VAL A 231 -2.37 9.94 -49.96
C VAL A 231 -3.04 9.15 -48.83
N TRP A 232 -3.82 8.12 -49.17
CA TRP A 232 -4.40 7.26 -48.15
C TRP A 232 -3.37 6.29 -47.56
N HIS A 233 -2.33 5.95 -48.32
CA HIS A 233 -1.24 5.12 -47.84
C HIS A 233 -0.09 5.95 -47.27
N TYR A 234 -0.28 7.26 -47.13
CA TYR A 234 0.75 8.17 -46.63
C TYR A 234 1.96 8.22 -47.57
N ASP A 235 1.78 7.80 -48.82
CA ASP A 235 2.83 7.91 -49.82
C ASP A 235 2.80 9.31 -50.42
N GLY A 236 3.67 9.55 -51.41
CA GLY A 236 3.63 10.81 -52.13
C GLY A 236 4.01 11.98 -51.25
N TYR A 237 3.06 12.92 -51.08
CA TYR A 237 3.35 14.15 -50.35
C TYR A 237 3.63 13.89 -48.88
N LEU A 238 3.08 12.80 -48.32
CA LEU A 238 3.28 12.52 -46.91
C LEU A 238 4.54 11.70 -46.66
N ARG A 239 5.00 10.93 -47.66
CA ARG A 239 6.19 10.11 -47.49
C ARG A 239 7.44 10.96 -47.32
N TYR A 240 7.42 12.21 -47.80
CA TYR A 240 8.55 13.12 -47.69
C TYR A 240 8.24 14.27 -46.74
N SER A 241 7.47 14.02 -45.70
CA SER A 241 7.01 15.02 -44.75
C SER A 241 7.72 14.84 -43.42
N PRO A 242 7.74 15.89 -42.56
CA PRO A 242 8.40 15.75 -41.25
C PRO A 242 7.76 14.68 -40.38
N LEU A 243 6.62 14.14 -40.81
CA LEU A 243 5.97 13.05 -40.10
C LEU A 243 6.85 11.82 -39.99
N PHE A 244 7.74 11.58 -40.94
CA PHE A 244 8.59 10.41 -40.94
C PHE A 244 10.01 10.77 -40.54
N TYR A 245 10.78 9.74 -40.22
CA TYR A 245 12.13 9.93 -39.67
C TYR A 245 13.13 10.32 -40.75
N GLY A 246 12.92 9.88 -42.00
CA GLY A 246 13.88 10.13 -43.05
C GLY A 246 13.89 11.55 -43.59
N TYR A 247 12.93 12.38 -43.19
CA TYR A 247 12.91 13.76 -43.66
C TYR A 247 14.09 14.57 -43.16
N TYR A 248 14.77 14.13 -42.10
CA TYR A 248 15.76 14.94 -41.42
C TYR A 248 17.13 14.81 -42.08
N SER A 249 18.02 15.75 -41.74
CA SER A 249 19.32 15.85 -42.37
C SER A 249 20.32 14.89 -41.73
N ASP A 250 21.44 14.67 -42.41
CA ASP A 250 22.53 13.85 -41.92
C ASP A 250 23.65 14.67 -41.28
N ASP A 251 23.61 15.99 -41.40
CA ASP A 251 24.71 16.82 -40.95
C ASP A 251 24.88 16.70 -39.44
N PRO A 252 26.09 16.40 -38.95
CA PRO A 252 26.30 16.47 -37.49
C PRO A 252 26.04 17.84 -36.91
N PHE A 253 26.30 18.89 -37.69
CA PHE A 253 26.10 20.27 -37.25
C PHE A 253 24.95 20.87 -38.05
N LEU A 254 23.93 21.34 -37.33
CA LEU A 254 22.79 21.95 -38.01
C LEU A 254 23.16 23.29 -38.62
N GLY A 255 23.99 24.07 -37.94
CA GLY A 255 24.43 25.33 -38.48
C GLY A 255 25.58 25.90 -37.67
N ASN A 256 26.20 26.93 -38.22
CA ASN A 256 27.31 27.59 -37.55
C ASN A 256 26.80 28.46 -36.40
N LYS A 257 27.68 28.68 -35.42
CA LYS A 257 27.47 29.54 -34.26
C LYS A 257 26.41 29.00 -33.31
N ILE A 258 25.78 27.87 -33.62
CA ILE A 258 24.75 27.30 -32.75
C ILE A 258 25.18 25.90 -32.32
N LYS A 259 25.69 25.12 -33.27
CA LYS A 259 26.28 23.81 -33.00
C LYS A 259 25.26 22.89 -32.34
N TYR A 260 24.23 22.55 -33.10
CA TYR A 260 23.19 21.62 -32.68
C TYR A 260 23.46 20.26 -33.33
N ALA A 261 23.65 19.24 -32.49
CA ALA A 261 23.88 17.88 -32.97
C ALA A 261 22.53 17.22 -33.22
N LEU A 262 22.19 17.01 -34.49
CA LEU A 262 20.85 16.52 -34.83
C LEU A 262 20.69 15.02 -34.55
N PRO A 263 21.58 14.14 -35.04
CA PRO A 263 21.41 12.71 -34.70
C PRO A 263 21.46 12.44 -33.20
N LEU A 264 22.35 13.15 -32.48
CA LEU A 264 22.42 12.99 -31.04
C LEU A 264 21.13 13.46 -30.37
N ALA A 265 20.58 14.60 -30.82
CA ALA A 265 19.31 15.07 -30.26
C ALA A 265 18.18 14.09 -30.54
N TYR A 266 18.17 13.52 -31.75
CA TYR A 266 17.16 12.52 -32.09
C TYR A 266 17.24 11.32 -31.15
N PHE A 267 18.45 10.77 -30.97
CA PHE A 267 18.62 9.60 -30.12
C PHE A 267 18.24 9.92 -28.67
N MET A 268 18.69 11.07 -28.17
CA MET A 268 18.40 11.43 -26.80
C MET A 268 16.92 11.70 -26.57
N VAL A 269 16.23 12.24 -27.58
CA VAL A 269 14.79 12.44 -27.46
C VAL A 269 14.06 11.10 -27.44
N THR A 270 14.47 10.17 -28.30
CA THR A 270 13.84 8.84 -28.27
C THR A 270 14.04 8.17 -26.93
N LEU A 271 15.22 8.32 -26.33
CA LEU A 271 15.45 7.75 -25.01
C LEU A 271 14.64 8.47 -23.93
N THR A 272 14.62 9.81 -23.98
CA THR A 272 13.95 10.59 -22.96
C THR A 272 12.44 10.37 -22.96
N ILE A 273 11.86 10.10 -24.13
CA ILE A 273 10.42 9.84 -24.19
C ILE A 273 10.08 8.57 -23.41
N PHE A 274 10.86 7.51 -23.61
CA PHE A 274 10.64 6.28 -22.86
C PHE A 274 10.89 6.48 -21.37
N ALA A 275 11.95 7.23 -21.04
CA ALA A 275 12.24 7.51 -19.64
C ALA A 275 11.09 8.25 -18.98
N TYR A 276 10.52 9.24 -19.68
CA TYR A 276 9.42 10.02 -19.10
C TYR A 276 8.15 9.19 -19.01
N SER A 277 7.91 8.29 -19.97
CA SER A 277 6.75 7.40 -19.87
C SER A 277 6.86 6.53 -18.62
N PHE A 278 8.05 5.96 -18.40
CA PHE A 278 8.27 5.17 -17.19
C PHE A 278 8.10 6.01 -15.94
N PHE A 279 8.63 7.23 -15.96
CA PHE A 279 8.52 8.12 -14.81
C PHE A 279 7.06 8.42 -14.48
N ALA A 280 6.28 8.79 -15.49
CA ALA A 280 4.87 9.13 -15.24
C ALA A 280 4.08 7.93 -14.76
N ILE A 281 4.26 6.77 -15.40
CA ILE A 281 3.50 5.59 -14.97
C ILE A 281 3.86 5.20 -13.55
N LEU A 282 5.14 5.17 -13.22
CA LEU A 282 5.55 4.78 -11.87
C LEU A 282 5.10 5.80 -10.84
N ARG A 283 5.17 7.09 -11.17
CA ARG A 283 4.75 8.12 -10.23
C ARG A 283 3.26 8.02 -9.94
N LYS A 284 2.43 7.83 -10.97
CA LYS A 284 1.00 7.68 -10.74
C LYS A 284 0.71 6.40 -9.95
N MET A 285 1.43 5.31 -10.26
CA MET A 285 1.27 4.08 -9.49
C MET A 285 1.57 4.30 -8.01
N ALA A 286 2.70 4.96 -7.71
CA ALA A 286 3.07 5.20 -6.32
C ALA A 286 2.05 6.10 -5.63
N ALA A 287 1.54 7.12 -6.35
CA ALA A 287 0.54 7.99 -5.76
C ALA A 287 -0.75 7.22 -5.44
N ASN A 288 -1.17 6.32 -6.34
CA ASN A 288 -2.42 5.59 -6.12
C ASN A 288 -2.23 4.48 -5.09
N ALA A 289 -0.99 4.03 -4.88
CA ALA A 289 -0.73 2.89 -4.01
C ALA A 289 -0.41 3.31 -2.58
N ARG A 290 0.64 4.10 -2.39
CA ARG A 290 1.11 4.42 -1.04
C ARG A 290 0.25 5.48 -0.38
N MET A 291 -0.03 6.58 -1.09
CA MET A 291 -0.73 7.70 -0.49
C MET A 291 -2.25 7.62 -0.61
N SER A 292 -2.77 6.59 -1.28
CA SER A 292 -4.23 6.49 -1.46
C SER A 292 -4.81 5.22 -0.87
N LYS A 293 -4.25 4.06 -1.17
CA LYS A 293 -4.82 2.77 -0.76
C LYS A 293 -3.78 1.93 -0.05
N LEU A 294 -3.09 2.52 0.91
CA LEU A 294 -2.16 1.75 1.74
C LEU A 294 -2.88 1.04 2.88
N SER A 295 -4.14 1.39 3.15
CA SER A 295 -4.90 0.80 4.23
C SER A 295 -5.78 -0.37 3.78
N GLY A 296 -5.77 -0.72 2.49
CA GLY A 296 -6.56 -1.83 2.01
C GLY A 296 -5.92 -3.19 2.16
N SER A 297 -4.71 -3.25 2.69
CA SER A 297 -3.98 -4.51 2.80
C SER A 297 -4.57 -5.38 3.90
N LYS A 298 -4.36 -6.70 3.76
CA LYS A 298 -4.75 -7.69 4.77
C LYS A 298 -6.24 -7.63 5.09
N ALA A 299 -7.04 -7.91 4.07
CA ALA A 299 -8.49 -7.91 4.19
C ALA A 299 -9.06 -9.30 3.96
N GLU A 300 -10.00 -9.70 4.80
CA GLU A 300 -10.62 -11.01 4.71
C GLU A 300 -12.08 -10.91 5.13
N GLN A 301 -12.89 -11.80 4.55
CA GLN A 301 -14.34 -11.84 4.79
C GLN A 301 -14.97 -10.46 4.74
N TYR A 302 -15.72 -10.10 5.79
CA TYR A 302 -16.41 -8.81 5.86
C TYR A 302 -17.31 -8.59 4.65
N ILE A 303 -18.01 -9.65 4.23
CA ILE A 303 -18.82 -9.57 3.02
C ILE A 303 -19.95 -8.57 3.18
N PHE A 304 -20.72 -8.69 4.27
CA PHE A 304 -21.86 -7.81 4.45
C PHE A 304 -21.42 -6.39 4.76
N ASN A 305 -20.32 -6.23 5.48
CA ASN A 305 -19.78 -4.89 5.72
C ASN A 305 -19.39 -4.22 4.41
N TRP A 306 -18.79 -4.96 3.49
CA TRP A 306 -18.35 -4.38 2.23
C TRP A 306 -19.52 -4.12 1.28
N LYS A 307 -20.52 -5.01 1.25
CA LYS A 307 -21.66 -4.84 0.36
C LYS A 307 -22.78 -4.00 0.95
N LEU A 308 -22.64 -3.53 2.20
CA LEU A 308 -23.69 -2.71 2.79
C LEU A 308 -23.21 -1.33 3.21
N PHE A 309 -22.04 -1.24 3.87
CA PHE A 309 -21.56 0.06 4.31
C PHE A 309 -21.01 0.90 3.16
N THR A 310 -20.38 0.27 2.17
CA THR A 310 -19.92 0.95 0.97
C THR A 310 -20.70 0.48 -0.24
N GLY A 311 -22.00 0.26 -0.05
CA GLY A 311 -22.86 -0.27 -1.10
C GLY A 311 -23.66 0.76 -1.86
N TRP A 312 -23.60 2.03 -1.49
CA TRP A 312 -24.32 3.09 -2.19
C TRP A 312 -23.32 4.01 -2.86
N ASP A 313 -23.60 4.38 -4.11
CA ASP A 313 -22.77 5.30 -4.87
C ASP A 313 -23.30 6.71 -4.67
N TYR A 314 -22.50 7.55 -4.00
CA TYR A 314 -22.90 8.93 -3.78
C TYR A 314 -22.91 9.75 -5.06
N THR A 315 -22.19 9.31 -6.09
CA THR A 315 -22.05 10.09 -7.32
C THR A 315 -23.33 10.06 -8.15
N ILE A 316 -24.14 9.01 -8.03
CA ILE A 316 -25.32 8.88 -8.86
C ILE A 316 -26.32 9.97 -8.52
N GLY A 317 -26.81 10.66 -9.54
CA GLY A 317 -27.78 11.72 -9.35
C GLY A 317 -28.93 11.65 -10.34
N ASN A 318 -29.30 10.44 -10.73
CA ASN A 318 -30.42 10.20 -11.64
C ASN A 318 -31.38 9.19 -11.03
N SER A 319 -32.67 9.36 -11.34
CA SER A 319 -33.69 8.51 -10.73
C SER A 319 -33.57 7.06 -11.17
N GLU A 320 -33.47 6.83 -12.49
CA GLU A 320 -33.42 5.45 -12.98
C GLU A 320 -32.11 4.78 -12.58
N THR A 321 -31.01 5.51 -12.59
CA THR A 321 -29.74 4.96 -12.13
C THR A 321 -29.82 4.55 -10.66
N ALA A 322 -30.44 5.40 -9.83
CA ALA A 322 -30.59 5.08 -8.41
C ALA A 322 -31.48 3.86 -8.22
N SER A 323 -32.57 3.75 -8.99
CA SER A 323 -33.44 2.59 -8.89
C SER A 323 -32.71 1.32 -9.28
N ASN A 324 -31.92 1.38 -10.37
CA ASN A 324 -31.13 0.22 -10.76
C ASN A 324 -30.12 -0.16 -9.69
N THR A 325 -29.48 0.83 -9.07
CA THR A 325 -28.51 0.55 -8.01
C THR A 325 -29.20 -0.10 -6.81
N VAL A 326 -30.39 0.39 -6.44
CA VAL A 326 -31.14 -0.19 -5.33
C VAL A 326 -31.50 -1.64 -5.63
N MET A 327 -31.99 -1.90 -6.85
CA MET A 327 -32.33 -3.26 -7.23
C MET A 327 -31.09 -4.15 -7.21
N ALA A 328 -29.96 -3.62 -7.68
CA ALA A 328 -28.72 -4.39 -7.70
C ALA A 328 -28.26 -4.75 -6.29
N VAL A 329 -28.32 -3.78 -5.37
CA VAL A 329 -27.87 -4.06 -4.00
C VAL A 329 -28.82 -5.04 -3.31
N VAL A 330 -30.13 -4.94 -3.59
CA VAL A 330 -31.08 -5.89 -3.03
C VAL A 330 -30.79 -7.29 -3.54
N ILE A 331 -30.55 -7.42 -4.85
CA ILE A 331 -30.24 -8.73 -5.43
C ILE A 331 -28.93 -9.26 -4.85
N LYS A 332 -27.93 -8.40 -4.67
CA LYS A 332 -26.65 -8.82 -4.12
C LYS A 332 -26.83 -9.37 -2.71
N LEU A 333 -27.54 -8.63 -1.86
CA LEU A 333 -27.75 -9.10 -0.49
C LEU A 333 -28.54 -10.40 -0.46
N ARG A 334 -29.60 -10.50 -1.28
CA ARG A 334 -30.41 -11.71 -1.30
C ARG A 334 -29.59 -12.92 -1.74
N GLU A 335 -28.81 -12.77 -2.82
CA GLU A 335 -28.00 -13.88 -3.30
C GLU A 335 -26.91 -14.26 -2.30
N SER A 336 -26.29 -13.27 -1.66
CA SER A 336 -25.27 -13.56 -0.66
C SER A 336 -25.85 -14.34 0.52
N ILE A 337 -27.03 -13.93 0.99
CA ILE A 337 -27.65 -14.64 2.10
C ILE A 337 -28.08 -16.04 1.67
N ALA A 338 -28.61 -16.18 0.45
CA ALA A 338 -29.00 -17.50 -0.03
C ALA A 338 -27.80 -18.43 -0.12
N ASP A 339 -26.66 -17.92 -0.60
CA ASP A 339 -25.46 -18.75 -0.68
C ASP A 339 -24.93 -19.10 0.71
N ILE A 340 -24.94 -18.14 1.64
CA ILE A 340 -24.42 -18.40 2.97
C ILE A 340 -25.33 -19.28 3.80
N LYS A 341 -26.61 -19.38 3.41
CA LYS A 341 -27.55 -20.22 4.15
C LYS A 341 -27.36 -21.70 3.82
N LYS A 342 -27.52 -22.05 2.54
CA LYS A 342 -27.47 -23.45 2.15
C LYS A 342 -26.06 -24.02 2.25
N ASP A 343 -25.08 -23.26 1.76
CA ASP A 343 -23.67 -23.65 1.78
C ASP A 343 -23.41 -24.99 1.09
N ALA A 344 -24.29 -25.39 0.17
CA ALA A 344 -24.16 -26.65 -0.55
C ALA A 344 -24.02 -26.37 -2.04
N HIS A 345 -22.93 -26.85 -2.63
CA HIS A 345 -22.67 -26.71 -4.07
C HIS A 345 -22.29 -28.09 -4.62
N GLY A 346 -23.30 -28.86 -5.00
CA GLY A 346 -23.07 -30.15 -5.61
C GLY A 346 -23.86 -30.34 -6.90
N LYS A 347 -23.14 -30.46 -8.01
CA LYS A 347 -23.77 -30.60 -9.31
C LYS A 347 -22.72 -31.02 -10.32
N PHE A 348 -23.08 -31.94 -11.21
CA PHE A 348 -22.15 -32.42 -12.24
C PHE A 348 -22.98 -32.87 -13.44
N ARG A 349 -22.94 -32.07 -14.51
CA ARG A 349 -23.62 -32.38 -15.76
C ARG A 349 -22.58 -32.62 -16.84
N LEU A 350 -22.72 -33.73 -17.55
CA LEU A 350 -21.81 -34.01 -18.66
C LEU A 350 -21.99 -33.02 -19.80
N LEU A 351 -23.22 -32.57 -20.04
CA LEU A 351 -23.47 -31.58 -21.08
C LEU A 351 -22.76 -30.26 -20.78
N GLN A 352 -22.78 -29.84 -19.51
CA GLN A 352 -22.12 -28.59 -19.14
C GLN A 352 -20.62 -28.67 -19.33
N PHE A 353 -20.01 -29.79 -18.93
CA PHE A 353 -18.57 -29.97 -19.12
C PHE A 353 -18.22 -30.04 -20.61
N SER A 354 -19.06 -30.73 -21.39
CA SER A 354 -18.84 -30.79 -22.84
C SER A 354 -18.91 -29.40 -23.46
N LEU A 355 -19.89 -28.59 -23.04
CA LEU A 355 -19.99 -27.22 -23.55
C LEU A 355 -18.76 -26.40 -23.16
N ARG A 356 -18.29 -26.55 -21.93
CA ARG A 356 -17.12 -25.80 -21.49
C ARG A 356 -15.88 -26.17 -22.31
N VAL A 357 -15.65 -27.46 -22.50
CA VAL A 357 -14.47 -27.88 -23.25
C VAL A 357 -14.60 -27.49 -24.72
N PHE A 358 -15.81 -27.57 -25.28
CA PHE A 358 -16.02 -27.17 -26.66
C PHE A 358 -15.73 -25.68 -26.85
N ALA A 359 -16.21 -24.84 -25.94
CA ALA A 359 -15.96 -23.40 -26.06
C ALA A 359 -14.50 -23.08 -25.88
N ASN A 360 -13.83 -23.73 -24.91
CA ASN A 360 -12.41 -23.47 -24.71
C ASN A 360 -11.56 -23.98 -25.86
N ILE A 361 -12.02 -24.99 -26.59
CA ILE A 361 -11.31 -25.45 -27.79
C ILE A 361 -11.54 -24.48 -28.94
N ILE A 362 -12.78 -24.03 -29.11
CA ILE A 362 -13.11 -23.13 -30.22
C ILE A 362 -12.43 -21.77 -30.04
N ILE A 363 -12.22 -21.33 -28.80
CA ILE A 363 -11.52 -20.07 -28.58
C ILE A 363 -10.08 -20.16 -29.07
N CYS A 364 -9.40 -21.26 -28.75
CA CYS A 364 -8.03 -21.43 -29.23
C CYS A 364 -8.00 -21.60 -30.75
N ALA A 365 -8.99 -22.29 -31.31
CA ALA A 365 -9.07 -22.41 -32.77
C ALA A 365 -9.22 -21.03 -33.42
N MET A 366 -10.05 -20.17 -32.84
CA MET A 366 -10.24 -18.82 -33.37
C MET A 366 -8.98 -17.98 -33.20
N LEU A 367 -8.25 -18.17 -32.10
CA LEU A 367 -6.97 -17.47 -31.94
C LEU A 367 -5.97 -17.89 -33.01
N GLY A 368 -5.91 -19.19 -33.30
CA GLY A 368 -5.07 -19.65 -34.40
C GLY A 368 -5.52 -19.12 -35.74
N PHE A 369 -6.84 -18.97 -35.92
CA PHE A 369 -7.37 -18.36 -37.14
C PHE A 369 -6.92 -16.92 -37.26
N SER A 370 -6.92 -16.17 -36.16
CA SER A 370 -6.41 -14.80 -36.17
C SER A 370 -4.94 -14.77 -36.54
N ILE A 371 -4.16 -15.71 -35.99
CA ILE A 371 -2.73 -15.78 -36.30
C ILE A 371 -2.53 -16.02 -37.79
N TYR A 372 -3.25 -17.00 -38.34
CA TYR A 372 -3.12 -17.31 -39.76
C TYR A 372 -3.54 -16.12 -40.62
N CYS A 373 -4.61 -15.42 -40.21
CA CYS A 373 -5.08 -14.28 -40.99
C CYS A 373 -4.07 -13.15 -41.01
N ILE A 374 -3.47 -12.83 -39.86
CA ILE A 374 -2.50 -11.73 -39.82
C ILE A 374 -1.25 -12.12 -40.61
N ILE A 375 -0.84 -13.40 -40.53
CA ILE A 375 0.33 -13.84 -41.29
C ILE A 375 0.05 -13.77 -42.79
N PHE A 376 -1.13 -14.21 -43.21
CA PHE A 376 -1.49 -14.15 -44.62
C PHE A 376 -1.56 -12.71 -45.10
N ALA A 377 -2.09 -11.82 -44.26
CA ALA A 377 -2.17 -10.41 -44.64
C ALA A 377 -0.79 -9.80 -44.82
N VAL A 378 0.14 -10.11 -43.93
CA VAL A 378 1.49 -9.55 -44.06
C VAL A 378 2.21 -10.18 -45.25
N GLN A 379 1.94 -11.45 -45.55
CA GLN A 379 2.63 -12.12 -46.66
C GLN A 379 2.12 -11.61 -48.00
N LYS A 380 0.81 -11.37 -48.12
CA LYS A 380 0.25 -10.94 -49.40
C LYS A 380 0.71 -9.54 -49.80
N SER A 381 1.16 -8.74 -48.85
CA SER A 381 1.69 -7.41 -49.15
C SER A 381 3.18 -7.49 -49.46
N GLN A 382 3.49 -8.23 -50.52
CA GLN A 382 4.86 -8.52 -50.90
C GLN A 382 5.40 -7.57 -51.97
N VAL A 383 4.74 -6.46 -52.23
CA VAL A 383 5.14 -5.51 -53.27
C VAL A 383 5.76 -4.29 -52.61
N GLN A 384 6.91 -3.87 -53.16
CA GLN A 384 7.59 -2.64 -52.73
C GLN A 384 7.35 -1.48 -53.68
N ASP A 385 7.31 -1.76 -54.99
CA ASP A 385 7.00 -0.73 -55.97
C ASP A 385 5.53 -0.36 -55.89
N ASP A 386 5.19 0.79 -56.47
CA ASP A 386 3.81 1.28 -56.47
C ASP A 386 3.03 0.67 -57.63
N GLY A 387 3.07 -0.66 -57.70
CA GLY A 387 2.36 -1.36 -58.76
C GLY A 387 0.88 -1.44 -58.51
N ASN A 388 0.48 -1.79 -57.29
CA ASN A 388 -0.93 -1.89 -56.94
C ASN A 388 -1.09 -1.53 -55.47
N LEU A 389 -2.24 -0.95 -55.13
CA LEU A 389 -2.51 -0.51 -53.77
C LEU A 389 -3.81 -1.03 -53.19
N PHE A 390 -4.61 -1.78 -53.95
CA PHE A 390 -5.82 -2.38 -53.40
C PHE A 390 -5.52 -3.64 -52.58
N THR A 391 -4.29 -4.14 -52.62
CA THR A 391 -3.88 -5.29 -51.83
C THR A 391 -2.87 -4.94 -50.75
N LYS A 392 -2.07 -3.88 -50.96
CA LYS A 392 -1.09 -3.47 -49.95
C LYS A 392 -1.77 -2.93 -48.70
N ASN A 393 -3.05 -2.56 -48.79
CA ASN A 393 -3.79 -1.97 -47.69
C ASN A 393 -4.55 -3.01 -46.88
N GLN A 394 -4.02 -4.23 -46.78
CA GLN A 394 -4.73 -5.29 -46.08
C GLN A 394 -4.50 -5.29 -44.57
N VAL A 395 -3.26 -5.42 -44.12
CA VAL A 395 -3.00 -5.66 -42.71
C VAL A 395 -3.37 -4.43 -41.88
N PRO A 396 -3.46 -3.22 -42.43
CA PRO A 396 -4.23 -2.18 -41.75
C PRO A 396 -5.65 -2.61 -41.41
N SER A 397 -6.31 -3.33 -42.32
CA SER A 397 -7.75 -3.58 -42.20
C SER A 397 -8.07 -4.92 -41.56
N VAL A 398 -7.13 -5.88 -41.61
CA VAL A 398 -7.36 -7.16 -40.95
C VAL A 398 -7.17 -7.02 -39.44
N VAL A 399 -5.97 -6.61 -39.03
CA VAL A 399 -5.65 -6.49 -37.61
C VAL A 399 -6.74 -5.75 -36.86
N SER A 400 -7.00 -4.49 -37.26
CA SER A 400 -8.01 -3.69 -36.58
C SER A 400 -9.34 -4.43 -36.50
N THR A 401 -9.77 -5.04 -37.61
CA THR A 401 -11.03 -5.76 -37.61
C THR A 401 -11.06 -6.78 -36.48
N ILE A 402 -10.02 -7.61 -36.40
CA ILE A 402 -9.95 -8.60 -35.33
C ILE A 402 -10.04 -7.90 -33.98
N THR A 403 -9.22 -6.86 -33.79
CA THR A 403 -9.15 -6.19 -32.50
C THR A 403 -10.51 -5.62 -32.11
N HIS A 404 -11.40 -5.41 -33.08
CA HIS A 404 -12.70 -4.83 -32.79
C HIS A 404 -13.85 -5.81 -32.97
N VAL A 405 -13.61 -7.03 -33.45
CA VAL A 405 -14.70 -7.97 -33.65
C VAL A 405 -14.54 -9.16 -32.71
N PHE A 406 -13.30 -9.60 -32.52
CA PHE A 406 -13.06 -10.78 -31.69
C PHE A 406 -13.49 -10.59 -30.24
N PRO A 407 -13.21 -9.46 -29.56
CA PRO A 407 -13.70 -9.31 -28.18
C PRO A 407 -15.19 -9.56 -28.01
N MET A 408 -16.02 -8.97 -28.89
CA MET A 408 -17.47 -9.14 -28.75
C MET A 408 -17.86 -10.60 -28.83
N ILE A 409 -17.33 -11.34 -29.81
CA ILE A 409 -17.60 -12.77 -29.90
C ILE A 409 -17.15 -13.48 -28.63
N PHE A 410 -16.01 -13.03 -28.07
CA PHE A 410 -15.56 -13.56 -26.79
C PHE A 410 -16.68 -13.50 -25.75
N ASP A 411 -17.33 -12.34 -25.65
CA ASP A 411 -18.41 -12.18 -24.69
C ASP A 411 -19.54 -13.16 -24.99
N LEU A 412 -19.80 -13.41 -26.27
CA LEU A 412 -20.83 -14.39 -26.63
C LEU A 412 -20.47 -15.77 -26.09
N ILE A 413 -19.18 -16.12 -26.14
CA ILE A 413 -18.75 -17.41 -25.59
C ILE A 413 -19.07 -17.47 -24.10
N GLY A 414 -19.07 -16.33 -23.43
CA GLY A 414 -19.44 -16.29 -22.03
C GLY A 414 -20.85 -16.77 -21.74
N LYS A 415 -21.71 -16.78 -22.77
CA LYS A 415 -23.03 -17.38 -22.58
C LYS A 415 -22.94 -18.88 -22.37
N MET A 416 -22.04 -19.55 -23.09
CA MET A 416 -21.86 -20.98 -22.90
C MET A 416 -21.26 -21.28 -21.53
N GLU A 417 -20.35 -20.42 -21.07
CA GLU A 417 -19.70 -20.58 -19.76
C GLU A 417 -20.45 -19.75 -18.74
N ASN A 418 -21.42 -20.36 -18.06
CA ASN A 418 -22.25 -19.67 -17.09
C ASN A 418 -21.64 -19.89 -15.70
N TYR A 419 -21.18 -18.82 -15.08
CA TYR A 419 -20.71 -18.81 -13.70
C TYR A 419 -20.75 -17.40 -13.16
N HIS A 420 -20.05 -17.17 -12.06
CA HIS A 420 -20.08 -15.88 -11.37
C HIS A 420 -19.68 -14.76 -12.33
N PRO A 421 -20.44 -13.66 -12.38
CA PRO A 421 -20.08 -12.57 -13.31
C PRO A 421 -18.69 -12.00 -13.08
N ARG A 422 -18.19 -11.99 -11.84
CA ARG A 422 -16.85 -11.48 -11.60
C ARG A 422 -15.80 -12.33 -12.29
N THR A 423 -15.84 -13.65 -12.10
CA THR A 423 -14.87 -14.51 -12.76
C THR A 423 -15.16 -14.61 -14.26
N ALA A 424 -16.41 -14.39 -14.68
CA ALA A 424 -16.69 -14.29 -16.11
C ALA A 424 -15.98 -13.09 -16.73
N LEU A 425 -16.01 -11.95 -16.04
CA LEU A 425 -15.28 -10.78 -16.50
C LEU A 425 -13.78 -11.02 -16.47
N ARG A 426 -13.29 -11.74 -15.46
CA ARG A 426 -11.87 -12.09 -15.43
C ARG A 426 -11.48 -12.96 -16.62
N ALA A 427 -12.31 -13.95 -16.95
CA ALA A 427 -12.03 -14.78 -18.11
C ALA A 427 -12.05 -13.97 -19.40
N HIS A 428 -13.05 -13.10 -19.55
CA HIS A 428 -13.11 -12.23 -20.72
C HIS A 428 -11.86 -11.36 -20.84
N LEU A 429 -11.45 -10.74 -19.74
CA LEU A 429 -10.26 -9.89 -19.76
C LEU A 429 -9.01 -10.69 -20.09
N GLY A 430 -8.88 -11.89 -19.52
CA GLY A 430 -7.72 -12.71 -19.83
C GLY A 430 -7.66 -13.08 -21.30
N ARG A 431 -8.79 -13.51 -21.86
CA ARG A 431 -8.81 -13.88 -23.27
C ARG A 431 -8.50 -12.68 -24.16
N VAL A 432 -9.05 -11.51 -23.85
CA VAL A 432 -8.81 -10.33 -24.68
C VAL A 432 -7.35 -9.91 -24.59
N LEU A 433 -6.77 -9.92 -23.38
CA LEU A 433 -5.37 -9.55 -23.24
C LEU A 433 -4.46 -10.53 -23.98
N ILE A 434 -4.77 -11.83 -23.91
CA ILE A 434 -3.98 -12.82 -24.64
C ILE A 434 -4.07 -12.55 -26.14
N LEU A 435 -5.28 -12.26 -26.64
CA LEU A 435 -5.43 -11.97 -28.06
C LEU A 435 -4.62 -10.75 -28.47
N TYR A 436 -4.67 -9.68 -27.67
CA TYR A 436 -3.94 -8.47 -28.02
C TYR A 436 -2.44 -8.70 -28.02
N THR A 437 -1.92 -9.38 -26.99
CA THR A 437 -0.48 -9.63 -26.92
C THR A 437 -0.02 -10.53 -28.06
N VAL A 438 -0.78 -11.57 -28.36
CA VAL A 438 -0.43 -12.47 -29.46
C VAL A 438 -0.41 -11.72 -30.78
N ASN A 439 -1.44 -10.90 -31.03
CA ASN A 439 -1.48 -10.13 -32.27
C ASN A 439 -0.31 -9.16 -32.36
N TYR A 440 0.03 -8.49 -31.26
CA TYR A 440 1.14 -7.55 -31.27
C TYR A 440 2.46 -8.26 -31.58
N ILE A 441 2.74 -9.35 -30.88
CA ILE A 441 4.00 -10.06 -31.09
C ILE A 441 4.09 -10.59 -32.51
N THR A 442 3.00 -11.19 -33.01
CA THR A 442 3.02 -11.74 -34.36
C THR A 442 3.17 -10.64 -35.40
N LEU A 443 2.52 -9.50 -35.20
CA LEU A 443 2.67 -8.38 -36.12
C LEU A 443 4.12 -7.92 -36.17
N ILE A 444 4.76 -7.80 -35.00
CA ILE A 444 6.15 -7.35 -34.97
C ILE A 444 7.06 -8.34 -35.69
N PHE A 445 6.87 -9.64 -35.41
CA PHE A 445 7.70 -10.65 -36.05
C PHE A 445 7.50 -10.63 -37.56
N ALA A 446 6.26 -10.53 -38.01
CA ALA A 446 5.96 -10.54 -39.43
C ALA A 446 6.55 -9.31 -40.13
N LEU A 447 6.41 -8.13 -39.50
CA LEU A 447 6.96 -6.92 -40.09
C LEU A 447 8.48 -7.03 -40.21
N PHE A 448 9.14 -7.52 -39.16
CA PHE A 448 10.60 -7.63 -39.22
C PHE A 448 11.04 -8.63 -40.27
N GLU A 449 10.36 -9.78 -40.35
CA GLU A 449 10.74 -10.78 -41.35
C GLU A 449 10.54 -10.26 -42.76
N LYS A 450 9.39 -9.62 -43.03
CA LYS A 450 9.14 -9.06 -44.35
C LYS A 450 10.15 -7.99 -44.69
N MET A 451 10.49 -7.12 -43.73
CA MET A 451 11.40 -6.03 -44.05
C MET A 451 12.81 -6.54 -44.28
N THR A 452 13.23 -7.56 -43.52
CA THR A 452 14.56 -8.13 -43.75
C THR A 452 14.61 -8.87 -45.08
N ALA A 453 13.51 -9.51 -45.47
CA ALA A 453 13.46 -10.15 -46.78
C ALA A 453 13.55 -9.11 -47.89
N LEU A 454 12.85 -7.99 -47.72
CA LEU A 454 12.92 -6.89 -48.69
C LEU A 454 14.33 -6.33 -48.78
N ARG A 455 15.00 -6.14 -47.64
CA ARG A 455 16.36 -5.64 -47.64
C ARG A 455 17.31 -6.61 -48.35
N ASP A 456 17.16 -7.91 -48.07
CA ASP A 456 18.02 -8.89 -48.71
C ASP A 456 17.78 -8.92 -50.23
N ARG A 457 16.52 -8.83 -50.65
CA ARG A 457 16.23 -8.82 -52.08
C ARG A 457 16.79 -7.56 -52.75
N VAL A 458 16.68 -6.41 -52.09
CA VAL A 458 17.18 -5.16 -52.65
C VAL A 458 18.69 -5.06 -52.63
N ASN A 459 19.37 -5.87 -51.83
CA ASN A 459 20.83 -5.84 -51.77
C ASN A 459 21.45 -6.77 -52.80
N ASN A 664 19.45 5.01 -53.70
CA ASN A 664 19.85 3.63 -53.93
C ASN A 664 19.04 2.66 -53.05
N ASP A 665 19.62 2.31 -51.90
CA ASP A 665 18.95 1.39 -50.99
C ASP A 665 17.70 2.03 -50.40
N ILE A 666 16.68 1.21 -50.17
CA ILE A 666 15.39 1.67 -49.66
C ILE A 666 15.54 2.16 -48.23
N CYS A 667 14.58 2.95 -47.77
CA CYS A 667 14.55 3.50 -46.41
C CYS A 667 13.55 2.66 -45.61
N TRP A 668 14.04 2.04 -44.53
CA TRP A 668 13.19 1.10 -43.81
C TRP A 668 12.47 1.75 -42.64
N GLU A 669 13.10 2.73 -41.98
CA GLU A 669 12.43 3.43 -40.89
C GLU A 669 11.18 4.13 -41.38
N THR A 670 11.25 4.78 -42.54
CA THR A 670 10.07 5.46 -43.08
C THR A 670 8.97 4.46 -43.43
N ILE A 671 9.34 3.29 -43.95
CA ILE A 671 8.34 2.27 -44.26
C ILE A 671 7.65 1.78 -43.00
N ILE A 672 8.42 1.55 -41.93
CA ILE A 672 7.82 1.09 -40.68
C ILE A 672 6.93 2.18 -40.09
N GLY A 673 7.34 3.44 -40.22
CA GLY A 673 6.48 4.53 -39.81
C GLY A 673 5.18 4.56 -40.59
N GLN A 674 5.25 4.32 -41.90
CA GLN A 674 4.03 4.21 -42.71
C GLN A 674 3.13 3.11 -42.17
N GLU A 675 3.69 1.93 -41.88
CA GLU A 675 2.87 0.82 -41.40
C GLU A 675 2.20 1.17 -40.08
N ILE A 676 2.95 1.74 -39.13
CA ILE A 676 2.38 2.04 -37.82
C ILE A 676 1.30 3.11 -37.93
N VAL A 677 1.54 4.16 -38.71
CA VAL A 677 0.56 5.23 -38.82
C VAL A 677 -0.70 4.74 -39.53
N LYS A 678 -0.54 3.91 -40.57
CA LYS A 678 -1.72 3.34 -41.21
C LYS A 678 -2.51 2.48 -40.23
N LEU A 679 -1.82 1.70 -39.40
CA LEU A 679 -2.51 0.88 -38.41
C LEU A 679 -3.31 1.75 -37.43
N VAL A 680 -2.70 2.83 -36.95
CA VAL A 680 -3.39 3.72 -36.01
C VAL A 680 -4.61 4.34 -36.65
N THR A 681 -4.47 4.84 -37.88
CA THR A 681 -5.59 5.51 -38.54
C THR A 681 -6.73 4.55 -38.82
N MET A 682 -6.42 3.34 -39.30
CA MET A 682 -7.49 2.38 -39.54
C MET A 682 -8.14 1.94 -38.24
N ASP A 683 -7.37 1.86 -37.14
CA ASP A 683 -7.96 1.59 -35.84
C ASP A 683 -8.97 2.66 -35.45
N LEU A 684 -8.60 3.94 -35.64
CA LEU A 684 -9.52 5.02 -35.31
C LEU A 684 -10.80 4.93 -36.16
N ILE A 685 -10.65 4.68 -37.45
CA ILE A 685 -11.82 4.62 -38.33
C ILE A 685 -12.73 3.46 -37.94
N PHE A 686 -12.15 2.29 -37.64
CA PHE A 686 -12.97 1.16 -37.26
C PHE A 686 -13.63 1.37 -35.90
N THR A 687 -12.94 2.06 -34.98
CA THR A 687 -13.57 2.39 -33.70
C THR A 687 -14.79 3.29 -33.91
N ILE A 688 -14.65 4.30 -34.78
CA ILE A 688 -15.79 5.18 -35.08
C ILE A 688 -16.93 4.37 -35.68
N LEU A 689 -16.62 3.47 -36.61
CA LEU A 689 -17.66 2.65 -37.22
C LEU A 689 -18.35 1.77 -36.18
N SER A 690 -17.57 1.18 -35.28
CA SER A 690 -18.15 0.33 -34.24
C SER A 690 -19.05 1.12 -33.30
N ILE A 691 -18.64 2.34 -32.93
CA ILE A 691 -19.47 3.19 -32.09
C ILE A 691 -20.77 3.52 -32.82
N LEU A 692 -20.68 3.88 -34.10
CA LEU A 692 -21.87 4.29 -34.83
C LEU A 692 -22.83 3.11 -35.07
N VAL A 693 -22.29 1.90 -35.13
CA VAL A 693 -23.15 0.74 -35.43
C VAL A 693 -23.72 0.17 -34.14
N ILE A 694 -22.87 -0.17 -33.17
CA ILE A 694 -23.32 -0.90 -31.98
C ILE A 694 -24.18 -0.01 -31.09
N ASP A 695 -23.86 1.29 -31.03
CA ASP A 695 -24.55 2.16 -30.07
C ASP A 695 -25.64 3.00 -30.72
N LEU A 696 -25.30 3.76 -31.77
CA LEU A 696 -26.25 4.71 -32.35
C LEU A 696 -27.30 4.01 -33.21
N PHE A 697 -26.85 3.34 -34.28
CA PHE A 697 -27.80 2.70 -35.18
C PHE A 697 -28.58 1.58 -34.50
N ARG A 698 -27.91 0.79 -33.66
CA ARG A 698 -28.60 -0.26 -32.93
C ARG A 698 -29.64 0.33 -31.97
N GLY A 699 -29.29 1.42 -31.30
CA GLY A 699 -30.25 2.06 -30.41
C GLY A 699 -31.46 2.59 -31.14
N LEU A 700 -31.25 3.26 -32.28
CA LEU A 700 -32.37 3.76 -33.06
C LEU A 700 -33.24 2.63 -33.59
N TRP A 701 -32.60 1.55 -34.07
CA TRP A 701 -33.35 0.39 -34.55
C TRP A 701 -34.19 -0.21 -33.44
N ILE A 702 -33.61 -0.37 -32.25
CA ILE A 702 -34.35 -0.94 -31.13
C ILE A 702 -35.51 -0.04 -30.75
N LYS A 703 -35.26 1.28 -30.69
CA LYS A 703 -36.30 2.21 -30.25
C LYS A 703 -37.47 2.22 -31.22
N TYR A 704 -37.20 2.24 -32.53
CA TYR A 704 -38.24 2.41 -33.52
C TYR A 704 -38.73 1.10 -34.13
N CYS A 705 -38.22 -0.05 -33.66
CA CYS A 705 -38.60 -1.32 -34.26
C CYS A 705 -38.83 -2.45 -33.27
N SER A 706 -38.79 -2.19 -31.96
CA SER A 706 -39.04 -3.26 -31.00
C SER A 706 -40.52 -3.50 -30.76
N SER A 707 -41.39 -2.59 -31.19
CA SER A 707 -42.81 -2.75 -30.94
C SER A 707 -43.45 -3.80 -31.84
N TRP A 708 -42.93 -3.96 -33.06
CA TRP A 708 -43.54 -4.84 -34.05
C TRP A 708 -42.61 -5.96 -34.50
N TRP A 709 -41.57 -6.25 -33.71
CA TRP A 709 -40.65 -7.30 -34.09
C TRP A 709 -41.22 -8.67 -33.74
N CYS A 710 -40.53 -9.71 -34.19
CA CYS A 710 -41.04 -11.08 -34.03
C CYS A 710 -41.12 -11.47 -32.55
N TRP A 711 -40.10 -11.13 -31.77
CA TRP A 711 -40.06 -11.48 -30.36
C TRP A 711 -39.71 -10.25 -29.53
N ASP A 712 -39.73 -10.44 -28.20
CA ASP A 712 -39.45 -9.36 -27.27
C ASP A 712 -37.96 -9.07 -27.23
N ILE A 713 -37.47 -8.37 -28.26
CA ILE A 713 -36.03 -8.14 -28.40
C ILE A 713 -35.53 -7.04 -27.47
N GLU A 714 -36.45 -6.33 -26.79
CA GLU A 714 -36.03 -5.40 -25.76
C GLU A 714 -35.63 -6.12 -24.48
N THR A 715 -36.27 -7.25 -24.19
CA THR A 715 -35.96 -8.06 -23.02
C THR A 715 -35.22 -9.35 -23.38
N THR A 716 -34.52 -9.36 -24.50
CA THR A 716 -33.82 -10.54 -25.01
C THR A 716 -32.32 -10.28 -25.06
N PHE A 717 -31.61 -11.07 -25.86
CA PHE A 717 -30.15 -10.89 -25.98
C PHE A 717 -29.70 -9.48 -26.39
N PRO A 718 -30.18 -8.97 -27.53
CA PRO A 718 -29.70 -7.67 -28.02
C PRO A 718 -29.65 -6.60 -26.95
N GLU A 719 -30.72 -6.40 -26.21
CA GLU A 719 -30.77 -5.39 -25.16
C GLU A 719 -30.65 -3.98 -25.74
N TYR A 720 -30.08 -3.07 -24.95
CA TYR A 720 -29.78 -1.72 -25.40
C TYR A 720 -28.30 -1.51 -25.69
N GLY A 721 -27.43 -2.01 -24.83
CA GLY A 721 -26.00 -1.81 -24.96
C GLY A 721 -25.40 -1.14 -23.73
N GLU A 722 -24.47 -1.82 -23.07
CA GLU A 722 -23.84 -1.32 -21.85
C GLU A 722 -22.42 -0.88 -22.14
N PHE A 723 -21.99 0.16 -21.45
CA PHE A 723 -20.63 0.69 -21.63
C PHE A 723 -19.62 -0.23 -20.95
N LYS A 724 -18.84 -0.95 -21.75
CA LYS A 724 -17.84 -1.88 -21.24
C LYS A 724 -16.56 -1.09 -20.97
N VAL A 725 -16.24 -0.89 -19.70
CA VAL A 725 -15.06 -0.10 -19.35
C VAL A 725 -13.78 -0.85 -19.67
N ALA A 726 -13.76 -2.16 -19.36
CA ALA A 726 -12.52 -2.92 -19.49
C ALA A 726 -12.04 -2.98 -20.93
N GLU A 727 -12.93 -3.32 -21.87
CA GLU A 727 -12.54 -3.44 -23.26
C GLU A 727 -12.05 -2.11 -23.83
N ASN A 728 -12.71 -1.01 -23.45
CA ASN A 728 -12.31 0.30 -23.97
C ASN A 728 -10.97 0.75 -23.39
N VAL A 729 -10.73 0.47 -22.11
CA VAL A 729 -9.42 0.79 -21.55
C VAL A 729 -8.34 -0.07 -22.21
N LEU A 730 -8.66 -1.32 -22.54
CA LEU A 730 -7.71 -2.14 -23.28
C LEU A 730 -7.45 -1.57 -24.67
N HIS A 731 -8.48 -1.02 -25.33
CA HIS A 731 -8.28 -0.33 -26.60
C HIS A 731 -7.30 0.81 -26.45
N ILE A 732 -7.49 1.63 -25.41
CA ILE A 732 -6.60 2.77 -25.18
C ILE A 732 -5.17 2.30 -24.95
N ILE A 733 -5.01 1.24 -24.14
CA ILE A 733 -3.67 0.74 -23.84
C ILE A 733 -2.99 0.20 -25.09
N ASN A 734 -3.73 -0.54 -25.92
CA ASN A 734 -3.17 -1.07 -27.15
C ASN A 734 -2.74 0.04 -28.10
N ASN A 735 -3.58 1.08 -28.24
CA ASN A 735 -3.21 2.21 -29.09
C ASN A 735 -1.96 2.91 -28.57
N GLN A 736 -1.88 3.11 -27.26
CA GLN A 736 -0.69 3.76 -26.71
C GLN A 736 0.55 2.90 -26.90
N GLY A 737 0.38 1.58 -26.83
CA GLY A 737 1.49 0.69 -27.11
C GLY A 737 1.98 0.80 -28.55
N MET A 738 1.05 0.88 -29.49
CA MET A 738 1.44 1.09 -30.89
C MET A 738 2.16 2.43 -31.05
N ILE A 739 1.70 3.47 -30.38
CA ILE A 739 2.37 4.76 -30.44
C ILE A 739 3.80 4.66 -29.90
N TRP A 740 3.97 3.99 -28.77
CA TRP A 740 5.31 3.85 -28.18
C TRP A 740 6.22 3.06 -29.11
N LEU A 741 5.70 2.01 -29.73
CA LEU A 741 6.52 1.24 -30.67
C LEU A 741 6.93 2.08 -31.87
N GLY A 742 6.01 2.88 -32.41
CA GLY A 742 6.26 3.60 -33.63
C GLY A 742 6.63 5.07 -33.50
N LEU A 743 7.03 5.55 -32.32
CA LEU A 743 7.42 6.95 -32.20
C LEU A 743 8.89 7.18 -32.50
N PHE A 744 9.66 6.13 -32.79
CA PHE A 744 11.06 6.31 -33.15
C PHE A 744 11.22 6.58 -34.65
N PHE A 745 10.45 5.86 -35.47
CA PHE A 745 10.52 6.02 -36.91
C PHE A 745 9.64 7.14 -37.44
N ALA A 746 8.92 7.85 -36.56
CA ALA A 746 8.01 8.92 -36.96
C ALA A 746 7.87 9.87 -35.77
N PRO A 747 8.65 10.96 -35.75
CA PRO A 747 8.62 11.86 -34.58
C PRO A 747 7.27 12.47 -34.31
N LEU A 748 6.46 12.69 -35.34
CA LEU A 748 5.15 13.33 -35.20
C LEU A 748 4.01 12.33 -35.10
N LEU A 749 4.25 11.16 -34.50
CA LEU A 749 3.13 10.25 -34.24
C LEU A 749 2.39 10.61 -32.96
N PRO A 750 3.05 10.97 -31.84
CA PRO A 750 2.28 11.48 -30.69
C PRO A 750 1.46 12.71 -31.00
N ALA A 751 1.94 13.59 -31.88
CA ALA A 751 1.15 14.77 -32.24
C ALA A 751 -0.16 14.39 -32.92
N ILE A 752 -0.12 13.40 -33.81
CA ILE A 752 -1.35 12.89 -34.41
C ILE A 752 -2.19 12.17 -33.37
N ASN A 753 -1.53 11.46 -32.45
CA ASN A 753 -2.25 10.72 -31.43
C ASN A 753 -3.03 11.63 -30.49
N ASN A 754 -2.54 12.86 -30.30
CA ASN A 754 -3.31 13.82 -29.51
C ASN A 754 -4.69 14.06 -30.12
N ILE A 755 -4.74 14.32 -31.42
CA ILE A 755 -6.01 14.55 -32.10
C ILE A 755 -6.85 13.26 -32.10
N LYS A 756 -6.19 12.11 -32.29
CA LYS A 756 -6.94 10.86 -32.24
C LYS A 756 -7.60 10.67 -30.89
N LEU A 757 -6.88 10.94 -29.80
CA LEU A 757 -7.44 10.76 -28.46
C LEU A 757 -8.52 11.78 -28.16
N ILE A 758 -8.39 13.00 -28.66
CA ILE A 758 -9.44 14.00 -28.45
C ILE A 758 -10.72 13.55 -29.14
N ILE A 759 -10.61 13.13 -30.40
CA ILE A 759 -11.77 12.62 -31.12
C ILE A 759 -12.37 11.43 -30.38
N LEU A 760 -11.51 10.53 -29.90
CA LEU A 760 -11.97 9.34 -29.20
C LEU A 760 -12.75 9.71 -27.95
N MET A 761 -12.21 10.63 -27.14
CA MET A 761 -12.90 11.02 -25.91
C MET A 761 -14.25 11.65 -26.22
N TYR A 762 -14.31 12.54 -27.20
CA TYR A 762 -15.58 13.21 -27.49
C TYR A 762 -16.62 12.22 -28.01
N ILE A 763 -16.22 11.32 -28.91
CA ILE A 763 -17.19 10.38 -29.45
C ILE A 763 -17.63 9.38 -28.38
N ARG A 764 -16.71 8.97 -27.50
CA ARG A 764 -17.10 8.06 -26.42
C ARG A 764 -18.07 8.73 -25.47
N GLY A 765 -17.83 9.99 -25.13
CA GLY A 765 -18.77 10.71 -24.28
C GLY A 765 -20.15 10.82 -24.91
N TRP A 766 -20.20 11.19 -26.19
CA TRP A 766 -21.50 11.29 -26.87
C TRP A 766 -22.20 9.94 -26.90
N ALA A 767 -21.48 8.87 -27.22
CA ALA A 767 -22.09 7.56 -27.31
C ALA A 767 -22.62 7.09 -25.96
N VAL A 768 -21.86 7.34 -24.89
CA VAL A 768 -22.32 6.87 -23.58
C VAL A 768 -23.50 7.70 -23.08
N MET A 769 -23.52 9.01 -23.38
CA MET A 769 -24.61 9.83 -22.88
C MET A 769 -25.88 9.67 -23.71
N THR A 770 -25.74 9.26 -24.98
CA THR A 770 -26.83 9.33 -25.93
C THR A 770 -27.42 7.98 -26.29
N CYS A 771 -26.67 6.89 -26.18
CA CYS A 771 -27.16 5.60 -26.67
C CYS A 771 -27.01 4.46 -25.68
N ASN A 772 -26.44 4.71 -24.50
CA ASN A 772 -26.16 3.65 -23.55
C ASN A 772 -27.02 3.81 -22.29
N VAL A 773 -27.27 2.69 -21.62
CA VAL A 773 -27.99 2.69 -20.35
C VAL A 773 -27.09 2.13 -19.26
N PRO A 774 -27.28 2.53 -18.00
CA PRO A 774 -26.48 1.96 -16.91
C PRO A 774 -26.72 0.46 -16.78
N ALA A 775 -25.65 -0.25 -16.40
CA ALA A 775 -25.74 -1.70 -16.22
C ALA A 775 -26.63 -2.02 -15.02
N ARG A 776 -27.43 -3.08 -15.15
CA ARG A 776 -28.27 -3.50 -14.03
C ARG A 776 -27.42 -3.91 -12.83
N GLU A 777 -26.29 -4.58 -13.07
CA GLU A 777 -25.32 -4.85 -12.02
C GLU A 777 -23.93 -4.76 -12.65
N ILE A 778 -23.01 -4.11 -11.97
CA ILE A 778 -21.65 -3.90 -12.49
C ILE A 778 -20.64 -4.38 -11.47
N PHE A 779 -19.70 -5.21 -11.90
CA PHE A 779 -18.59 -5.68 -11.11
C PHE A 779 -17.28 -5.25 -11.75
N ARG A 780 -16.17 -5.57 -11.08
CA ARG A 780 -14.85 -5.17 -11.54
C ARG A 780 -13.95 -6.39 -11.58
N ALA A 781 -13.00 -6.39 -12.54
CA ALA A 781 -12.11 -7.53 -12.68
C ALA A 781 -11.14 -7.62 -11.52
N SER A 782 -10.71 -6.48 -10.99
CA SER A 782 -9.70 -6.47 -9.94
C SER A 782 -10.08 -5.67 -8.71
N ARG A 783 -10.99 -4.69 -8.82
CA ARG A 783 -11.34 -3.80 -7.72
C ARG A 783 -10.10 -3.09 -7.15
N SER A 784 -9.14 -2.81 -8.02
CA SER A 784 -7.90 -2.15 -7.64
C SER A 784 -7.62 -1.00 -8.62
N SER A 785 -6.97 0.05 -8.11
CA SER A 785 -6.73 1.23 -8.93
C SER A 785 -5.58 1.01 -9.92
N ASN A 786 -4.54 0.29 -9.49
CA ASN A 786 -3.32 0.13 -10.28
C ASN A 786 -3.30 -1.16 -11.08
N PHE A 787 -4.45 -1.59 -11.59
CA PHE A 787 -4.53 -2.78 -12.42
C PHE A 787 -4.32 -2.43 -13.90
N TYR A 788 -5.11 -1.50 -14.41
CA TYR A 788 -4.94 -1.06 -15.79
C TYR A 788 -3.60 -0.37 -15.99
N LEU A 789 -3.09 0.33 -14.97
CA LEU A 789 -1.74 0.85 -15.07
C LEU A 789 -0.70 -0.26 -15.06
N GLY A 790 -0.99 -1.36 -14.37
CA GLY A 790 -0.11 -2.51 -14.47
C GLY A 790 -0.04 -3.05 -15.89
N ILE A 791 -1.19 -3.18 -16.54
CA ILE A 791 -1.21 -3.59 -17.94
C ILE A 791 -0.45 -2.58 -18.80
N LEU A 792 -0.62 -1.29 -18.50
CA LEU A 792 0.06 -0.25 -19.26
C LEU A 792 1.57 -0.36 -19.14
N LEU A 793 2.07 -0.60 -17.92
CA LEU A 793 3.51 -0.75 -17.72
C LEU A 793 4.04 -2.00 -18.43
N ILE A 794 3.29 -3.10 -18.34
CA ILE A 794 3.70 -4.31 -19.05
C ILE A 794 3.79 -4.05 -20.55
N TRP A 795 2.81 -3.33 -21.10
CA TRP A 795 2.85 -3.04 -22.53
C TRP A 795 3.96 -2.06 -22.89
N LEU A 796 4.26 -1.12 -21.99
CA LEU A 796 5.39 -0.23 -22.22
C LEU A 796 6.69 -1.01 -22.34
N LEU A 797 6.87 -2.01 -21.47
CA LEU A 797 8.07 -2.84 -21.57
C LEU A 797 8.07 -3.69 -22.84
N LEU A 798 6.92 -4.29 -23.16
CA LEU A 798 6.81 -5.09 -24.38
C LEU A 798 7.06 -4.25 -25.62
N CYS A 799 6.85 -2.93 -25.53
CA CYS A 799 7.10 -2.05 -26.67
C CYS A 799 8.51 -1.47 -26.68
N THR A 800 9.13 -1.32 -25.51
CA THR A 800 10.51 -0.88 -25.47
C THR A 800 11.49 -2.00 -25.80
N LEU A 801 11.06 -3.26 -25.74
CA LEU A 801 11.95 -4.35 -26.18
C LEU A 801 12.30 -4.25 -27.67
N PRO A 802 11.33 -4.16 -28.60
CA PRO A 802 11.69 -4.09 -30.02
C PRO A 802 12.50 -2.87 -30.42
N VAL A 803 12.20 -1.70 -29.83
CA VAL A 803 13.00 -0.51 -30.14
C VAL A 803 14.43 -0.70 -29.66
N GLY A 804 14.61 -1.29 -28.48
CA GLY A 804 15.94 -1.60 -28.01
C GLY A 804 16.68 -2.54 -28.94
N PHE A 805 16.01 -3.60 -29.40
CA PHE A 805 16.65 -4.54 -30.31
C PHE A 805 17.03 -3.86 -31.63
N VAL A 806 16.14 -3.04 -32.17
CA VAL A 806 16.40 -2.37 -33.44
C VAL A 806 17.58 -1.41 -33.29
N ILE A 807 17.63 -0.66 -32.20
CA ILE A 807 18.75 0.25 -31.97
C ILE A 807 20.05 -0.53 -31.84
N ALA A 808 20.04 -1.62 -31.06
CA ALA A 808 21.28 -2.34 -30.78
C ALA A 808 21.82 -3.09 -31.99
N SER A 809 20.99 -3.84 -32.70
CA SER A 809 21.46 -4.78 -33.71
C SER A 809 21.33 -4.27 -35.14
N MET A 810 20.18 -3.70 -35.50
CA MET A 810 19.93 -3.36 -36.89
C MET A 810 20.82 -2.22 -37.38
N SER A 811 21.18 -2.28 -38.65
CA SER A 811 22.04 -1.44 -39.48
C SER A 811 21.22 -0.38 -40.21
N PRO A 812 21.51 0.89 -39.99
CA PRO A 812 20.70 1.95 -40.59
C PRO A 812 20.88 2.03 -42.10
N SER A 813 19.86 2.56 -42.76
CA SER A 813 19.92 2.78 -44.20
C SER A 813 20.88 3.93 -44.52
N ARG A 814 21.47 3.87 -45.70
CA ARG A 814 22.53 4.78 -46.10
C ARG A 814 22.01 6.03 -46.82
N SER A 815 20.72 6.10 -47.13
CA SER A 815 20.19 7.19 -47.93
C SER A 815 19.11 8.01 -47.25
N CYS A 816 18.85 7.78 -45.95
CA CYS A 816 17.80 8.51 -45.27
C CYS A 816 18.12 8.58 -43.78
N GLY A 817 17.55 9.59 -43.13
CA GLY A 817 17.66 9.75 -41.70
C GLY A 817 19.02 10.29 -41.30
N PRO A 818 19.12 10.78 -40.06
CA PRO A 818 20.40 11.30 -39.55
C PRO A 818 21.41 10.23 -39.16
N PHE A 819 21.03 8.96 -39.21
CA PHE A 819 21.93 7.85 -38.87
C PHE A 819 22.43 7.11 -40.10
N ALA A 820 22.50 7.78 -41.26
CA ALA A 820 22.96 7.13 -42.47
C ALA A 820 24.48 7.07 -42.58
N ARG A 821 25.20 7.81 -41.75
CA ARG A 821 26.66 7.83 -41.77
C ARG A 821 27.29 6.80 -40.86
N TYR A 822 26.51 5.99 -40.16
CA TYR A 822 27.02 5.04 -39.20
C TYR A 822 26.55 3.63 -39.54
N GLN A 823 27.27 2.64 -39.03
CA GLN A 823 26.89 1.24 -39.21
C GLN A 823 25.93 0.74 -38.14
N HIS A 824 25.80 1.46 -37.03
CA HIS A 824 24.85 1.12 -35.97
C HIS A 824 24.19 2.40 -35.49
N PHE A 825 22.98 2.24 -34.94
CA PHE A 825 22.24 3.41 -34.45
C PHE A 825 22.94 4.07 -33.27
N TYR A 826 23.44 3.26 -32.34
CA TYR A 826 24.01 3.74 -31.08
C TYR A 826 25.35 4.45 -31.24
N THR A 827 26.00 4.33 -32.41
CA THR A 827 27.34 4.88 -32.58
C THR A 827 27.39 6.37 -32.24
N VAL A 828 26.38 7.13 -32.64
CA VAL A 828 26.38 8.58 -32.45
C VAL A 828 26.55 8.95 -30.98
N VAL A 829 26.23 8.03 -30.08
CA VAL A 829 26.46 8.27 -28.66
C VAL A 829 27.90 7.93 -28.27
N THR A 830 28.36 6.73 -28.63
CA THR A 830 29.67 6.27 -28.16
C THR A 830 30.80 7.01 -28.87
N ARG A 831 30.58 7.41 -30.11
CA ARG A 831 31.53 8.29 -30.78
C ARG A 831 31.72 9.58 -29.99
N GLU A 832 30.70 10.01 -29.25
CA GLU A 832 30.88 11.12 -28.32
C GLU A 832 31.59 10.67 -27.05
N ILE A 833 31.28 9.45 -26.57
CA ILE A 833 31.91 8.95 -25.35
C ILE A 833 33.38 8.64 -25.58
N GLU A 834 33.70 7.97 -26.68
CA GLU A 834 35.07 7.52 -26.93
C GLU A 834 36.02 8.69 -27.14
N LYS A 835 35.52 9.83 -27.60
CA LYS A 835 36.37 10.99 -27.87
C LYS A 835 36.77 11.75 -26.61
N ARG A 836 36.05 11.56 -25.50
CA ARG A 836 36.36 12.26 -24.26
C ARG A 836 36.81 11.36 -23.13
N VAL A 837 36.94 10.06 -23.36
CA VAL A 837 37.32 9.10 -22.32
C VAL A 837 38.53 8.31 -22.82
N ASP A 838 39.45 8.01 -21.92
CA ASP A 838 40.67 7.30 -22.27
C ASP A 838 40.37 5.87 -22.75
N GLN A 839 41.31 5.33 -23.53
CA GLN A 839 41.10 4.02 -24.12
C GLN A 839 41.18 2.90 -23.09
N THR A 840 42.14 2.98 -22.15
CA THR A 840 42.33 1.89 -21.19
C THR A 840 41.12 1.73 -20.28
N VAL A 841 40.60 2.83 -19.75
CA VAL A 841 39.44 2.76 -18.87
C VAL A 841 38.22 2.27 -19.63
N LEU A 842 38.04 2.71 -20.88
CA LEU A 842 36.92 2.24 -21.68
C LEU A 842 37.02 0.74 -21.94
N SER A 843 38.23 0.26 -22.24
CA SER A 843 38.42 -1.18 -22.45
C SER A 843 38.15 -1.98 -21.19
N TYR A 844 38.57 -1.46 -20.03
CA TYR A 844 38.25 -2.12 -18.77
C TYR A 844 36.75 -2.16 -18.53
N ILE A 845 36.05 -1.05 -18.80
CA ILE A 845 34.62 -0.99 -18.58
C ILE A 845 33.86 -1.92 -19.53
N ARG A 846 34.33 -2.07 -20.77
CA ARG A 846 33.62 -2.92 -21.74
C ARG A 846 33.55 -4.37 -21.30
N HIS A 847 34.43 -4.81 -20.40
CA HIS A 847 34.39 -6.19 -19.92
C HIS A 847 33.21 -6.45 -18.98
N ILE A 848 32.52 -5.41 -18.53
CA ILE A 848 31.33 -5.60 -17.72
C ILE A 848 30.23 -6.27 -18.53
N ALA A 849 30.15 -5.96 -19.82
CA ALA A 849 29.10 -6.49 -20.70
C ALA A 849 29.27 -7.96 -21.01
N SER A 850 30.22 -8.68 -20.43
CA SER A 850 30.33 -10.11 -20.69
C SER A 850 29.12 -10.84 -20.10
N PRO A 851 28.63 -11.87 -20.79
CA PRO A 851 27.45 -12.59 -20.27
C PRO A 851 27.68 -13.21 -18.90
N GLY A 852 28.91 -13.65 -18.62
CA GLY A 852 29.21 -14.25 -17.34
C GLY A 852 29.31 -13.28 -16.19
N VAL A 853 29.31 -11.97 -16.47
CA VAL A 853 29.31 -10.96 -15.42
C VAL A 853 27.90 -10.39 -15.31
N VAL A 854 27.11 -10.57 -16.37
CA VAL A 854 25.76 -10.02 -16.40
C VAL A 854 24.77 -10.98 -15.76
N ILE A 855 24.87 -12.28 -16.07
CA ILE A 855 23.91 -13.24 -15.53
C ILE A 855 23.92 -13.24 -14.01
N PRO A 856 25.07 -13.22 -13.32
CA PRO A 856 25.04 -12.97 -11.87
C PRO A 856 24.30 -11.71 -11.47
N ILE A 857 24.40 -10.63 -12.24
CA ILE A 857 23.67 -9.40 -11.89
C ILE A 857 22.16 -9.64 -11.96
N ILE A 858 21.70 -10.31 -13.01
CA ILE A 858 20.28 -10.64 -13.12
C ILE A 858 19.84 -11.53 -11.95
N LEU A 859 20.66 -12.52 -11.62
CA LEU A 859 20.33 -13.40 -10.50
C LEU A 859 20.24 -12.63 -9.19
N PHE A 860 21.17 -11.71 -8.97
CA PHE A 860 21.16 -10.89 -7.76
C PHE A 860 19.92 -10.01 -7.70
N LEU A 861 19.53 -9.42 -8.83
CA LEU A 861 18.34 -8.59 -8.86
C LEU A 861 17.09 -9.42 -8.55
N ILE A 862 16.99 -10.61 -9.14
CA ILE A 862 15.85 -11.47 -8.83
C ILE A 862 15.86 -11.86 -7.35
N LEU A 863 17.04 -12.12 -6.79
CA LEU A 863 17.13 -12.50 -5.38
C LEU A 863 16.68 -11.38 -4.47
N ILE A 864 17.10 -10.13 -4.75
CA ILE A 864 16.70 -9.04 -3.87
C ILE A 864 15.21 -8.74 -4.05
N ILE A 865 14.66 -8.90 -5.26
CA ILE A 865 13.22 -8.78 -5.45
C ILE A 865 12.49 -9.84 -4.64
N TYR A 866 13.02 -11.06 -4.63
CA TYR A 866 12.44 -12.13 -3.81
C TYR A 866 12.50 -11.79 -2.33
N PHE A 867 13.59 -11.16 -1.90
CA PHE A 867 13.70 -10.72 -0.51
C PHE A 867 12.61 -9.71 -0.17
N LEU A 868 12.38 -8.75 -1.07
CA LEU A 868 11.33 -7.77 -0.81
C LEU A 868 9.94 -8.41 -0.84
N PHE A 869 9.74 -9.39 -1.73
CA PHE A 869 8.47 -10.12 -1.76
C PHE A 869 8.24 -10.89 -0.47
N SER A 870 9.26 -11.43 0.12
CA SER A 870 9.00 -12.02 1.41
C SER A 870 8.72 -10.78 2.27
N LEU A 871 9.55 -9.75 2.19
CA LEU A 871 9.32 -8.55 2.97
C LEU A 871 7.86 -8.10 2.88
N VAL A 872 7.37 -7.92 1.67
CA VAL A 872 5.98 -7.52 1.46
C VAL A 872 5.04 -8.50 2.14
N ARG A 873 5.27 -9.78 1.89
CA ARG A 873 4.41 -10.80 2.49
C ARG A 873 4.39 -10.66 4.00
N GLY A 874 5.57 -10.51 4.60
CA GLY A 874 5.64 -10.39 6.03
C GLY A 874 4.85 -9.20 6.53
N LEU A 875 5.05 -8.04 5.91
CA LEU A 875 4.35 -6.84 6.32
C LEU A 875 2.84 -7.01 6.21
N ARG A 876 2.38 -7.66 5.15
CA ARG A 876 0.95 -7.89 4.97
C ARG A 876 0.40 -8.78 6.07
N GLU A 877 1.12 -9.86 6.37
CA GLU A 877 0.67 -10.75 7.43
C GLU A 877 0.58 -9.94 8.71
N ALA A 878 1.55 -9.06 8.91
CA ALA A 878 1.57 -8.25 10.11
C ALA A 878 0.34 -7.37 10.21
N ASN A 879 0.04 -6.63 9.15
CA ASN A 879 -1.10 -5.72 9.20
C ASN A 879 -2.43 -6.47 9.24
N THR A 880 -2.42 -7.75 8.87
CA THR A 880 -3.67 -8.52 8.99
C THR A 880 -4.39 -8.20 10.29
N THR B 75 -22.25 -42.56 2.72
CA THR B 75 -21.91 -41.28 3.34
C THR B 75 -20.46 -40.91 3.06
N ARG B 76 -20.17 -40.53 1.81
CA ARG B 76 -18.82 -40.15 1.44
C ARG B 76 -18.38 -38.88 2.17
N GLN B 77 -19.27 -37.89 2.27
CA GLN B 77 -18.92 -36.64 2.93
C GLN B 77 -18.65 -36.84 4.40
N ALA B 78 -19.48 -37.65 5.08
CA ALA B 78 -19.27 -37.90 6.50
C ALA B 78 -17.97 -38.67 6.72
N LEU B 79 -17.68 -39.66 5.88
CA LEU B 79 -16.43 -40.40 6.00
C LEU B 79 -15.23 -39.49 5.78
N LEU B 80 -15.30 -38.61 4.78
CA LEU B 80 -14.20 -37.69 4.52
C LEU B 80 -14.00 -36.74 5.71
N GLU B 81 -15.08 -36.22 6.26
CA GLU B 81 -14.97 -35.32 7.42
C GLU B 81 -14.37 -36.06 8.61
N ARG B 82 -14.80 -37.29 8.86
CA ARG B 82 -14.26 -38.06 9.97
C ARG B 82 -12.78 -38.35 9.78
N ILE B 83 -12.37 -38.73 8.56
CA ILE B 83 -10.97 -39.03 8.32
C ILE B 83 -10.13 -37.76 8.43
N ARG B 84 -10.67 -36.62 8.00
CA ARG B 84 -9.94 -35.37 8.16
C ARG B 84 -9.76 -35.00 9.62
N GLN B 85 -10.82 -35.16 10.42
CA GLN B 85 -10.73 -34.88 11.85
C GLN B 85 -9.73 -35.81 12.52
N LYS B 86 -9.74 -37.09 12.17
CA LYS B 86 -8.79 -38.04 12.74
C LYS B 86 -7.36 -37.68 12.35
N LYS B 87 -7.15 -37.30 11.09
CA LYS B 87 -5.81 -36.91 10.65
C LYS B 87 -5.32 -35.67 11.39
N GLU B 88 -6.20 -34.68 11.57
CA GLU B 88 -5.81 -33.49 12.31
C GLU B 88 -5.48 -33.81 13.76
N VAL B 89 -6.29 -34.68 14.38
CA VAL B 89 -6.04 -35.07 15.77
C VAL B 89 -4.71 -35.79 15.89
N ILE B 90 -4.41 -36.68 14.95
CA ILE B 90 -3.15 -37.41 14.99
C ILE B 90 -1.98 -36.46 14.80
N GLY B 91 -2.08 -35.56 13.83
CA GLY B 91 -0.97 -34.65 13.55
C GLY B 91 -0.71 -33.66 14.66
N LYS B 92 -1.78 -33.14 15.28
CA LYS B 92 -1.62 -32.08 16.26
C LYS B 92 -1.39 -32.59 17.68
N LEU B 93 -1.30 -33.91 17.87
CA LEU B 93 -1.08 -34.45 19.20
C LEU B 93 0.28 -34.04 19.75
N ARG B 94 1.31 -34.09 18.92
CA ARG B 94 2.66 -33.76 19.38
C ARG B 94 2.82 -32.26 19.62
N CYS B 95 1.96 -31.45 19.02
CA CYS B 95 2.05 -30.00 19.10
C CYS B 95 1.12 -29.40 20.16
N GLN B 96 0.30 -30.22 20.83
CA GLN B 96 -0.67 -29.75 21.80
C GLN B 96 -0.08 -29.79 23.20
N ALA B 97 -0.30 -28.71 23.96
CA ALA B 97 0.22 -28.59 25.32
C ALA B 97 -0.73 -29.24 26.32
N TRP B 98 -0.89 -30.54 26.18
CA TRP B 98 -1.73 -31.35 27.04
C TRP B 98 -0.88 -32.18 27.99
N SER B 99 -1.51 -32.67 29.05
CA SER B 99 -0.86 -33.62 29.93
C SER B 99 -0.58 -34.91 29.18
N MET B 100 0.47 -35.62 29.60
CA MET B 100 0.90 -36.81 28.87
C MET B 100 -0.19 -37.86 28.83
N THR B 101 -0.88 -38.09 29.95
CA THR B 101 -1.99 -39.04 29.98
C THR B 101 -3.10 -38.59 29.05
N ARG B 102 -3.35 -37.29 28.97
CA ARG B 102 -4.35 -36.77 28.04
C ARG B 102 -3.97 -37.08 26.60
N LYS B 103 -2.69 -36.92 26.26
CA LYS B 103 -2.23 -37.26 24.92
C LYS B 103 -2.39 -38.75 24.63
N ARG B 104 -2.06 -39.61 25.60
CA ARG B 104 -2.25 -41.04 25.40
C ARG B 104 -3.72 -41.38 25.20
N ARG B 105 -4.60 -40.77 25.99
CA ARG B 105 -6.04 -41.02 25.87
C ARG B 105 -6.55 -40.57 24.49
N THR B 106 -6.09 -39.42 24.03
CA THR B 106 -6.43 -38.96 22.68
C THR B 106 -5.93 -39.96 21.63
N LEU B 107 -4.72 -40.48 21.82
CA LEU B 107 -4.17 -41.43 20.86
C LEU B 107 -5.00 -42.71 20.81
N LYS B 108 -5.40 -43.24 21.97
CA LYS B 108 -6.24 -44.43 21.97
C LYS B 108 -7.59 -44.17 21.31
N LEU B 109 -8.19 -43.01 21.57
CA LEU B 109 -9.45 -42.70 20.91
C LEU B 109 -9.27 -42.63 19.39
N ALA B 110 -8.19 -41.99 18.94
CA ALA B 110 -7.95 -41.86 17.51
C ALA B 110 -7.73 -43.24 16.86
N GLN B 111 -6.95 -44.10 17.52
CA GLN B 111 -6.68 -45.41 16.95
C GLN B 111 -7.95 -46.27 16.92
N LYS B 112 -8.79 -46.17 17.96
CA LYS B 112 -10.04 -46.92 17.96
C LYS B 112 -10.97 -46.43 16.85
N TYR B 113 -11.06 -45.11 16.67
CA TYR B 113 -11.91 -44.58 15.61
C TYR B 113 -11.39 -44.98 14.24
N LEU B 114 -10.07 -44.98 14.05
CA LEU B 114 -9.48 -45.41 12.80
C LEU B 114 -9.77 -46.88 12.52
N GLU B 115 -9.65 -47.72 13.56
CA GLU B 115 -9.96 -49.14 13.38
C GLU B 115 -11.42 -49.35 13.02
N GLN B 116 -12.32 -48.59 13.66
CA GLN B 116 -13.74 -48.68 13.31
C GLN B 116 -13.99 -48.23 11.87
N HIS B 117 -13.36 -47.15 11.45
CA HIS B 117 -13.55 -46.58 10.12
C HIS B 117 -12.85 -47.39 9.03
N GLU B 118 -11.93 -48.29 9.40
CA GLU B 118 -11.17 -49.06 8.40
C GLU B 118 -12.10 -49.77 7.41
N SER B 119 -13.10 -50.50 7.91
CA SER B 119 -13.98 -51.29 7.05
C SER B 119 -15.20 -50.47 6.64
N LYS B 120 -14.94 -49.40 5.88
CA LYS B 120 -16.01 -48.52 5.43
C LYS B 120 -15.85 -48.19 3.95
N VAL B 121 -14.63 -48.31 3.43
CA VAL B 121 -14.29 -47.85 2.10
C VAL B 121 -14.00 -49.04 1.20
N SER B 122 -13.75 -48.75 -0.08
CA SER B 122 -13.54 -49.78 -1.09
C SER B 122 -12.06 -50.18 -1.13
N ARG B 123 -11.70 -50.95 -2.16
CA ARG B 123 -10.33 -51.46 -2.26
C ARG B 123 -9.33 -50.37 -2.66
N SER B 124 -9.74 -49.45 -3.55
CA SER B 124 -8.83 -48.40 -3.98
C SER B 124 -8.44 -47.49 -2.82
N HIS B 125 -9.41 -47.13 -1.98
CA HIS B 125 -9.10 -46.31 -0.82
C HIS B 125 -8.18 -47.04 0.15
N LEU B 126 -8.39 -48.34 0.33
CA LEU B 126 -7.52 -49.13 1.20
C LEU B 126 -6.10 -49.17 0.65
N TYR B 127 -5.96 -49.33 -0.67
CA TYR B 127 -4.63 -49.33 -1.28
C TYR B 127 -3.94 -47.97 -1.12
N MET B 128 -4.70 -46.89 -1.28
CA MET B 128 -4.14 -45.56 -1.08
C MET B 128 -3.69 -45.35 0.37
N GLU B 129 -4.51 -45.81 1.32
CA GLU B 129 -4.14 -45.71 2.73
C GLU B 129 -2.89 -46.53 3.02
N GLU B 130 -2.79 -47.72 2.42
CA GLU B 130 -1.60 -48.55 2.57
C GLU B 130 -0.36 -47.84 2.04
N MET B 131 -0.48 -47.22 0.86
CA MET B 131 0.66 -46.48 0.31
C MET B 131 1.05 -45.32 1.20
N ARG B 132 0.05 -44.59 1.73
CA ARG B 132 0.37 -43.46 2.60
C ARG B 132 1.08 -43.91 3.87
N LYS B 133 0.59 -44.97 4.51
CA LYS B 133 1.23 -45.42 5.76
C LYS B 133 2.61 -45.99 5.49
N ARG B 134 2.80 -46.65 4.34
CA ARG B 134 4.12 -47.14 3.99
C ARG B 134 5.08 -45.98 3.75
N ALA B 135 4.60 -44.90 3.12
CA ALA B 135 5.44 -43.72 2.92
C ALA B 135 5.82 -43.07 4.25
N ARG B 136 4.86 -42.98 5.18
CA ARG B 136 5.18 -42.45 6.50
C ARG B 136 6.18 -43.34 7.22
N LEU B 137 6.06 -44.65 7.05
CA LEU B 137 7.03 -45.56 7.64
C LEU B 137 8.43 -45.34 7.07
N MET B 138 8.52 -45.13 5.75
CA MET B 138 9.83 -44.82 5.16
C MET B 138 10.38 -43.52 5.71
N LYS B 139 9.53 -42.50 5.88
CA LYS B 139 10.02 -41.22 6.40
C LYS B 139 10.53 -41.37 7.83
N ARG B 140 9.79 -42.11 8.66
CA ARG B 140 10.22 -42.31 10.04
C ARG B 140 11.53 -43.11 10.09
N SER B 141 11.64 -44.15 9.28
CA SER B 141 12.88 -44.93 9.24
C SER B 141 14.05 -44.10 8.77
N PHE B 142 13.83 -43.24 7.76
CA PHE B 142 14.90 -42.38 7.27
C PHE B 142 15.33 -41.38 8.32
N SER B 143 14.38 -40.82 9.06
CA SER B 143 14.73 -39.89 10.14
C SER B 143 15.56 -40.62 11.21
N ASN B 144 15.14 -41.83 11.58
CA ASN B 144 15.89 -42.60 12.57
C ASN B 144 17.30 -42.89 12.07
N PHE B 145 17.45 -43.26 10.81
CA PHE B 145 18.77 -43.53 10.25
C PHE B 145 19.64 -42.28 10.23
N LYS B 146 19.05 -41.13 9.86
CA LYS B 146 19.81 -39.89 9.83
C LYS B 146 20.27 -39.50 11.23
N THR B 147 19.46 -39.78 12.25
CA THR B 147 19.89 -39.49 13.62
C THR B 147 21.10 -40.32 14.06
N TYR B 148 21.44 -41.39 13.34
CA TYR B 148 22.61 -42.18 13.68
C TYR B 148 23.90 -41.65 13.04
N LEU B 149 23.81 -40.69 12.13
CA LEU B 149 24.98 -40.18 11.43
C LEU B 149 25.19 -38.68 11.64
N ILE B 150 24.84 -38.16 12.81
CA ILE B 150 25.07 -36.76 13.15
C ILE B 150 26.19 -36.73 14.18
N PRO B 151 27.37 -36.23 13.84
CA PRO B 151 28.51 -36.28 14.75
C PRO B 151 28.65 -35.02 15.61
N TRP B 152 29.55 -35.11 16.59
CA TRP B 152 29.87 -34.00 17.49
C TRP B 152 28.64 -33.49 18.22
N GLU B 153 27.96 -34.37 18.94
CA GLU B 153 26.79 -33.95 19.72
C GLU B 153 27.16 -33.56 21.13
N SER B 154 27.86 -34.44 21.86
CA SER B 154 28.25 -34.12 23.23
C SER B 154 29.19 -32.93 23.28
N LYS B 155 29.99 -32.72 22.23
CA LYS B 155 30.91 -31.59 22.21
C LYS B 155 30.15 -30.26 22.21
N ILE B 156 29.20 -30.11 21.28
CA ILE B 156 28.39 -28.90 21.25
C ILE B 156 27.55 -28.78 22.51
N LYS B 157 27.07 -29.92 23.03
CA LYS B 157 26.29 -29.88 24.26
C LYS B 157 27.09 -29.32 25.42
N ARG B 158 28.34 -29.77 25.57
CA ARG B 158 29.16 -29.30 26.67
C ARG B 158 29.56 -27.84 26.49
N ILE B 159 29.89 -27.44 25.25
CA ILE B 159 30.22 -26.03 25.01
C ILE B 159 29.02 -25.14 25.28
N GLU B 160 27.83 -25.61 24.91
CA GLU B 160 26.60 -24.88 25.21
C GLU B 160 26.41 -24.73 26.71
N SER B 161 26.53 -25.83 27.45
CA SER B 161 26.28 -25.80 28.88
C SER B 161 27.31 -24.96 29.62
N HIS B 162 28.53 -24.84 29.08
CA HIS B 162 29.55 -24.04 29.73
C HIS B 162 29.47 -22.55 29.37
N PHE B 163 29.24 -22.22 28.10
CA PHE B 163 29.38 -20.85 27.64
C PHE B 163 28.08 -20.18 27.22
N GLY B 164 27.04 -20.94 26.89
CA GLY B 164 25.76 -20.38 26.53
C GLY B 164 25.27 -20.90 25.19
N SER B 165 24.16 -20.32 24.75
CA SER B 165 23.53 -20.69 23.48
C SER B 165 23.87 -19.73 22.36
N VAL B 166 24.79 -18.80 22.58
CA VAL B 166 25.22 -17.89 21.52
C VAL B 166 26.57 -18.36 20.99
N VAL B 167 27.42 -18.87 21.88
CA VAL B 167 28.69 -19.45 21.45
C VAL B 167 28.47 -20.71 20.63
N SER B 168 27.55 -21.57 21.06
CA SER B 168 27.26 -22.79 20.32
C SER B 168 26.63 -22.53 18.96
N SER B 169 26.16 -21.30 18.71
CA SER B 169 25.67 -20.97 17.37
C SER B 169 26.79 -21.10 16.34
N TYR B 170 28.00 -20.68 16.71
CA TYR B 170 29.14 -20.83 15.81
C TYR B 170 29.41 -22.29 15.51
N PHE B 171 29.31 -23.16 16.52
CA PHE B 171 29.60 -24.58 16.29
C PHE B 171 28.51 -25.25 15.45
N THR B 172 27.25 -24.90 15.67
CA THR B 172 26.20 -25.44 14.81
C THR B 172 26.36 -24.95 13.36
N PHE B 173 26.72 -23.67 13.19
CA PHE B 173 26.98 -23.15 11.86
C PHE B 173 28.16 -23.87 11.20
N LEU B 174 29.22 -24.14 11.98
CA LEU B 174 30.38 -24.82 11.43
C LEU B 174 30.05 -26.26 11.08
N ARG B 175 29.20 -26.92 11.86
CA ARG B 175 28.80 -28.27 11.52
C ARG B 175 27.95 -28.30 10.25
N TRP B 176 27.07 -27.31 10.09
CA TRP B 176 26.32 -27.23 8.83
C TRP B 176 27.26 -26.96 7.66
N ILE B 177 28.26 -26.10 7.86
CA ILE B 177 29.22 -25.82 6.80
C ILE B 177 30.02 -27.07 6.45
N VAL B 178 30.35 -27.88 7.46
CA VAL B 178 31.04 -29.14 7.21
C VAL B 178 30.16 -30.08 6.39
N PHE B 179 28.87 -30.13 6.71
CA PHE B 179 27.96 -30.95 5.91
C PHE B 179 27.90 -30.46 4.47
N VAL B 180 27.80 -29.15 4.28
CA VAL B 180 27.76 -28.58 2.94
C VAL B 180 29.03 -28.92 2.17
N ASN B 181 30.18 -28.81 2.84
CA ASN B 181 31.45 -29.08 2.19
C ASN B 181 31.60 -30.56 1.87
N ILE B 182 31.06 -31.43 2.73
CA ILE B 182 31.10 -32.87 2.45
C ILE B 182 30.23 -33.19 1.23
N MET B 183 29.06 -32.57 1.14
CA MET B 183 28.22 -32.77 -0.04
C MET B 183 28.92 -32.25 -1.30
N ILE B 184 29.58 -31.10 -1.20
CA ILE B 184 30.31 -30.56 -2.34
C ILE B 184 31.43 -31.52 -2.77
N THR B 185 32.16 -32.06 -1.79
CA THR B 185 33.23 -33.00 -2.10
C THR B 185 32.68 -34.26 -2.76
N LEU B 186 31.57 -34.77 -2.25
CA LEU B 186 30.98 -35.97 -2.86
C LEU B 186 30.55 -35.70 -4.29
N ILE B 187 29.90 -34.55 -4.54
CA ILE B 187 29.46 -34.23 -5.89
C ILE B 187 30.66 -34.12 -6.83
N ALA B 188 31.71 -33.45 -6.38
CA ALA B 188 32.91 -33.30 -7.21
C ALA B 188 33.74 -34.58 -7.30
N LEU B 189 33.46 -35.58 -6.47
CA LEU B 189 34.27 -36.79 -6.43
C LEU B 189 33.67 -37.98 -7.14
N VAL B 190 32.34 -38.13 -7.16
CA VAL B 190 31.77 -39.28 -7.86
C VAL B 190 31.81 -39.08 -9.37
N PHE B 191 31.68 -37.83 -9.83
CA PHE B 191 31.54 -37.57 -11.26
C PHE B 191 32.82 -37.16 -11.96
N VAL B 192 33.85 -36.74 -11.23
CA VAL B 192 35.06 -36.22 -11.88
C VAL B 192 36.28 -37.05 -11.52
N VAL B 193 36.67 -37.03 -10.24
CA VAL B 193 37.98 -37.56 -9.85
C VAL B 193 38.00 -39.07 -9.96
N LEU B 194 36.97 -39.74 -9.43
CA LEU B 194 36.98 -41.20 -9.40
C LEU B 194 36.95 -41.83 -10.79
N PRO B 195 36.05 -41.44 -11.71
CA PRO B 195 36.14 -42.02 -13.06
C PRO B 195 37.45 -41.72 -13.76
N GLU B 196 38.01 -40.53 -13.53
CA GLU B 196 39.29 -40.19 -14.13
C GLU B 196 40.40 -41.11 -13.64
N THR B 197 40.47 -41.32 -12.32
CA THR B 197 41.49 -42.21 -11.78
C THR B 197 41.27 -43.65 -12.24
N LEU B 198 40.00 -44.08 -12.34
CA LEU B 198 39.72 -45.42 -12.82
C LEU B 198 40.18 -45.60 -14.26
N ALA B 199 39.93 -44.61 -15.12
CA ALA B 199 40.39 -44.69 -16.50
C ALA B 199 41.90 -44.67 -16.56
N ASP B 200 42.56 -43.87 -15.71
CA ASP B 200 44.01 -43.80 -15.72
C ASP B 200 44.63 -45.13 -15.29
N SER B 201 44.00 -45.82 -14.33
CA SER B 201 44.52 -47.11 -13.88
C SER B 201 44.52 -48.12 -15.02
N VAL B 202 43.59 -48.00 -15.96
CA VAL B 202 43.51 -48.89 -17.10
C VAL B 202 43.89 -48.18 -18.40
N ALA B 203 44.73 -47.14 -18.31
CA ALA B 203 45.11 -46.38 -19.50
C ALA B 203 45.91 -47.23 -20.47
N ASN B 204 45.69 -47.01 -21.76
CA ASN B 204 46.37 -47.76 -22.80
C ASN B 204 47.67 -47.04 -23.18
N GLU B 205 48.40 -47.60 -24.15
CA GLU B 205 49.65 -47.00 -24.58
C GLU B 205 49.43 -45.65 -25.26
N GLY B 206 48.41 -45.57 -26.12
CA GLY B 206 48.15 -44.32 -26.82
C GLY B 206 47.72 -43.21 -25.88
N ARG B 207 46.83 -43.52 -24.95
CA ARG B 207 46.39 -42.54 -23.97
C ARG B 207 47.54 -42.10 -23.09
N PHE B 208 48.40 -43.04 -22.67
CA PHE B 208 49.56 -42.69 -21.87
C PHE B 208 50.51 -41.78 -22.64
N ASN B 209 50.72 -42.07 -23.93
CA ASN B 209 51.57 -41.22 -24.74
C ASN B 209 50.96 -39.82 -24.88
N ARG B 210 49.64 -39.73 -25.03
CA ARG B 210 48.99 -38.44 -25.17
C ARG B 210 49.10 -37.61 -23.90
N THR B 211 48.89 -38.22 -22.73
CA THR B 211 48.81 -37.49 -21.47
C THR B 211 50.08 -37.57 -20.62
N LYS B 212 51.18 -38.08 -21.16
CA LYS B 212 52.44 -38.08 -20.41
C LYS B 212 52.87 -36.66 -20.04
N THR B 213 52.61 -35.70 -20.91
CA THR B 213 53.07 -34.33 -20.66
C THR B 213 52.34 -33.65 -19.51
N ARG B 214 51.23 -34.22 -19.03
CA ARG B 214 50.45 -33.61 -17.97
C ARG B 214 50.25 -34.49 -16.74
N LYS B 215 50.34 -35.81 -16.87
CA LYS B 215 50.15 -36.68 -15.71
C LYS B 215 51.45 -37.19 -15.11
N GLN B 216 52.46 -37.47 -15.92
CA GLN B 216 53.72 -38.03 -15.46
C GLN B 216 54.75 -36.92 -15.32
N ILE B 217 55.30 -36.78 -14.13
CA ILE B 217 56.30 -35.73 -13.86
C ILE B 217 57.55 -36.01 -14.69
N PRO B 218 58.13 -35.00 -15.34
CA PRO B 218 59.33 -35.25 -16.17
C PRO B 218 60.48 -35.76 -15.33
N ALA B 219 61.30 -36.62 -15.93
CA ALA B 219 62.46 -37.17 -15.24
C ALA B 219 63.47 -36.10 -14.87
N ASN B 220 63.47 -34.97 -15.58
CA ASN B 220 64.37 -33.87 -15.22
C ASN B 220 64.05 -33.34 -13.83
N GLU B 221 62.76 -33.13 -13.55
CA GLU B 221 62.34 -32.57 -12.27
C GLU B 221 61.98 -33.64 -11.25
N ARG B 222 61.83 -34.90 -11.68
CA ARG B 222 61.46 -35.96 -10.75
C ARG B 222 62.47 -36.13 -9.62
N VAL B 223 63.75 -35.88 -9.90
CA VAL B 223 64.76 -36.02 -8.86
C VAL B 223 64.64 -34.91 -7.81
N HIS B 224 64.20 -33.71 -8.21
CA HIS B 224 63.99 -32.61 -7.28
C HIS B 224 62.52 -32.49 -6.86
N ALA B 225 61.83 -33.62 -6.70
CA ALA B 225 60.43 -33.57 -6.31
C ALA B 225 60.26 -33.06 -4.88
N ASP B 226 61.17 -33.40 -3.98
CA ASP B 226 61.10 -32.96 -2.59
C ASP B 226 62.33 -32.11 -2.29
N GLU B 227 62.10 -30.86 -1.90
CA GLU B 227 63.19 -29.95 -1.55
C GLU B 227 62.88 -29.09 -0.34
N LEU B 228 61.86 -29.44 0.46
CA LEU B 228 61.44 -28.70 1.65
C LEU B 228 60.77 -27.39 1.24
N ALA B 229 60.84 -27.06 -0.05
CA ALA B 229 60.18 -25.89 -0.61
C ALA B 229 59.39 -26.20 -1.86
N VAL B 230 59.78 -27.23 -2.61
CA VAL B 230 59.01 -27.62 -3.79
C VAL B 230 57.69 -28.24 -3.39
N VAL B 231 57.71 -29.16 -2.42
CA VAL B 231 56.46 -29.79 -1.97
C VAL B 231 55.60 -28.79 -1.22
N TRP B 232 56.22 -27.91 -0.43
CA TRP B 232 55.46 -26.88 0.27
C TRP B 232 54.74 -25.94 -0.68
N HIS B 233 55.23 -25.77 -1.89
CA HIS B 233 54.58 -24.97 -2.92
C HIS B 233 53.64 -25.78 -3.79
N TYR B 234 53.42 -27.05 -3.44
CA TYR B 234 52.54 -27.94 -4.19
C TYR B 234 53.06 -28.22 -5.59
N ASP B 235 54.38 -28.06 -5.78
CA ASP B 235 55.02 -28.46 -7.02
C ASP B 235 55.43 -29.93 -6.92
N GLY B 236 56.24 -30.41 -7.86
CA GLY B 236 56.71 -31.77 -7.78
C GLY B 236 55.59 -32.77 -7.99
N TYR B 237 55.46 -33.70 -7.04
CA TYR B 237 54.47 -34.76 -7.18
C TYR B 237 53.05 -34.24 -7.03
N LEU B 238 52.86 -33.11 -6.35
CA LEU B 238 51.52 -32.57 -6.14
C LEU B 238 50.98 -31.89 -7.40
N ARG B 239 51.84 -31.29 -8.20
CA ARG B 239 51.39 -30.60 -9.41
C ARG B 239 50.77 -31.56 -10.42
N TYR B 240 51.24 -32.81 -10.46
CA TYR B 240 50.76 -33.80 -11.41
C TYR B 240 49.83 -34.82 -10.75
N SER B 241 48.96 -34.32 -9.87
CA SER B 241 47.97 -35.18 -9.24
C SER B 241 46.60 -34.63 -9.65
N PRO B 242 45.55 -35.47 -9.56
CA PRO B 242 44.21 -35.03 -9.98
C PRO B 242 43.79 -33.74 -9.27
N LEU B 243 44.28 -33.52 -8.06
CA LEU B 243 43.94 -32.31 -7.31
C LEU B 243 43.87 -31.08 -8.19
N PHE B 244 44.76 -30.97 -9.17
CA PHE B 244 44.80 -29.78 -10.01
C PHE B 244 44.07 -30.03 -11.32
N TYR B 245 43.76 -28.92 -11.99
CA TYR B 245 42.94 -28.97 -13.20
C TYR B 245 43.66 -29.71 -14.33
N GLY B 246 44.95 -29.47 -14.50
CA GLY B 246 45.67 -29.94 -15.69
C GLY B 246 45.94 -31.43 -15.73
N TYR B 247 45.52 -32.19 -14.71
CA TYR B 247 45.76 -33.63 -14.74
C TYR B 247 44.77 -34.38 -15.61
N TYR B 248 43.67 -33.76 -16.00
CA TYR B 248 42.61 -34.49 -16.69
C TYR B 248 42.78 -34.38 -18.20
N SER B 249 42.54 -35.49 -18.88
CA SER B 249 42.84 -35.63 -20.30
C SER B 249 41.79 -34.95 -21.16
N ASP B 250 42.21 -34.55 -22.36
CA ASP B 250 41.38 -33.85 -23.34
C ASP B 250 40.45 -34.78 -24.12
N ASP B 251 40.57 -36.08 -23.95
CA ASP B 251 39.84 -37.02 -24.80
C ASP B 251 38.34 -36.83 -24.63
N PRO B 252 37.56 -36.82 -25.72
CA PRO B 252 36.11 -36.62 -25.59
C PRO B 252 35.43 -37.71 -24.78
N PHE B 253 35.93 -38.95 -24.83
CA PHE B 253 35.36 -40.06 -24.10
C PHE B 253 36.42 -40.68 -23.21
N LEU B 254 36.04 -40.97 -21.96
CA LEU B 254 36.99 -41.58 -21.02
C LEU B 254 37.41 -42.96 -21.48
N GLY B 255 36.48 -43.74 -22.02
CA GLY B 255 36.82 -45.08 -22.47
C GLY B 255 35.65 -45.71 -23.19
N ASN B 256 35.88 -46.93 -23.69
CA ASN B 256 34.87 -47.67 -24.41
C ASN B 256 33.82 -48.21 -23.45
N LYS B 257 32.61 -48.39 -23.98
CA LYS B 257 31.44 -48.97 -23.31
C LYS B 257 30.88 -48.08 -22.21
N ILE B 258 31.53 -46.96 -21.89
CA ILE B 258 31.02 -46.05 -20.87
C ILE B 258 30.70 -44.70 -21.52
N LYS B 259 31.56 -44.27 -22.45
CA LYS B 259 31.38 -43.03 -23.20
C LYS B 259 31.11 -41.85 -22.25
N TYR B 260 31.96 -41.74 -21.23
CA TYR B 260 31.85 -40.67 -20.24
C TYR B 260 32.63 -39.45 -20.72
N ALA B 261 31.91 -38.38 -21.01
CA ALA B 261 32.51 -37.14 -21.50
C ALA B 261 33.11 -36.39 -20.32
N LEU B 262 34.42 -36.52 -20.13
CA LEU B 262 35.12 -35.91 -19.00
C LEU B 262 35.02 -34.38 -18.98
N PRO B 263 35.28 -33.67 -20.09
CA PRO B 263 35.12 -32.20 -20.04
C PRO B 263 33.70 -31.76 -19.74
N LEU B 264 32.71 -32.46 -20.31
CA LEU B 264 31.32 -32.14 -20.01
C LEU B 264 31.00 -32.38 -18.55
N ALA B 265 31.52 -33.48 -18.00
CA ALA B 265 31.32 -33.74 -16.57
C ALA B 265 31.98 -32.66 -15.73
N TYR B 266 33.16 -32.20 -16.14
CA TYR B 266 33.84 -31.12 -15.44
C TYR B 266 32.98 -29.86 -15.39
N PHE B 267 32.47 -29.43 -16.55
CA PHE B 267 31.65 -28.22 -16.59
C PHE B 267 30.36 -28.39 -15.81
N MET B 268 29.69 -29.55 -15.97
CA MET B 268 28.43 -29.77 -15.29
C MET B 268 28.61 -29.84 -13.77
N VAL B 269 29.69 -30.46 -13.29
CA VAL B 269 29.96 -30.50 -11.86
C VAL B 269 30.26 -29.10 -11.33
N THR B 270 31.03 -28.31 -12.09
CA THR B 270 31.30 -26.95 -11.64
C THR B 270 30.02 -26.14 -11.53
N LEU B 271 29.07 -26.35 -12.45
CA LEU B 271 27.80 -25.65 -12.33
C LEU B 271 26.95 -26.18 -11.17
N THR B 272 26.94 -27.51 -11.01
CA THR B 272 26.11 -28.13 -9.97
C THR B 272 26.60 -27.76 -8.58
N ILE B 273 27.90 -27.53 -8.40
CA ILE B 273 28.39 -27.12 -7.08
C ILE B 273 27.75 -25.80 -6.66
N PHE B 274 27.76 -24.81 -7.54
CA PHE B 274 27.14 -23.52 -7.22
C PHE B 274 25.62 -23.66 -7.09
N ALA B 275 24.99 -24.48 -7.95
CA ALA B 275 23.56 -24.66 -7.84
C ALA B 275 23.18 -25.24 -6.48
N TYR B 276 23.91 -26.28 -6.03
CA TYR B 276 23.60 -26.89 -4.75
C TYR B 276 23.94 -25.96 -3.59
N SER B 277 25.01 -25.17 -3.71
CA SER B 277 25.31 -24.21 -2.65
C SER B 277 24.18 -23.21 -2.48
N PHE B 278 23.69 -22.67 -3.60
CA PHE B 278 22.58 -21.74 -3.55
C PHE B 278 21.34 -22.40 -2.97
N PHE B 279 21.04 -23.62 -3.43
CA PHE B 279 19.84 -24.31 -2.95
C PHE B 279 19.92 -24.58 -1.45
N ALA B 280 21.07 -25.04 -0.96
CA ALA B 280 21.21 -25.33 0.46
C ALA B 280 21.11 -24.06 1.31
N ILE B 281 21.76 -22.98 0.87
CA ILE B 281 21.69 -21.73 1.65
C ILE B 281 20.25 -21.23 1.69
N LEU B 282 19.57 -21.23 0.54
CA LEU B 282 18.20 -20.73 0.50
C LEU B 282 17.27 -21.61 1.33
N ARG B 283 17.43 -22.92 1.27
CA ARG B 283 16.58 -23.82 2.03
C ARG B 283 16.80 -23.64 3.53
N LYS B 284 18.05 -23.52 3.97
CA LYS B 284 18.31 -23.31 5.39
C LYS B 284 17.75 -21.98 5.85
N MET B 285 17.89 -20.93 5.04
CA MET B 285 17.32 -19.64 5.41
C MET B 285 15.80 -19.71 5.52
N ALA B 286 15.16 -20.40 4.57
CA ALA B 286 13.70 -20.54 4.61
C ALA B 286 13.25 -21.31 5.84
N ALA B 287 13.95 -22.40 6.16
CA ALA B 287 13.58 -23.19 7.34
C ALA B 287 13.81 -22.41 8.62
N ASN B 288 14.83 -21.55 8.66
CA ASN B 288 15.11 -20.78 9.86
C ASN B 288 14.13 -19.62 10.01
N ALA B 289 13.63 -19.07 8.90
CA ALA B 289 12.78 -17.89 8.94
C ALA B 289 11.31 -18.22 8.72
N ARG B 290 10.99 -18.91 7.62
CA ARG B 290 9.60 -19.10 7.25
C ARG B 290 8.89 -20.08 8.18
N MET B 291 9.54 -21.20 8.51
CA MET B 291 8.90 -22.25 9.29
C MET B 291 9.20 -22.17 10.78
N SER B 292 10.04 -21.23 11.22
CA SER B 292 10.44 -21.16 12.62
C SER B 292 10.04 -19.84 13.28
N LYS B 293 10.31 -18.71 12.63
CA LYS B 293 10.04 -17.39 13.19
C LYS B 293 9.17 -16.58 12.24
N LEU B 294 8.10 -17.21 11.75
CA LEU B 294 7.17 -16.51 10.86
C LEU B 294 6.39 -15.42 11.59
N SER B 295 6.29 -15.49 12.91
CA SER B 295 5.59 -14.49 13.70
C SER B 295 6.51 -13.41 14.24
N GLY B 296 7.82 -13.50 13.98
CA GLY B 296 8.75 -12.50 14.47
C GLY B 296 8.75 -11.19 13.71
N SER B 297 8.09 -11.14 12.56
CA SER B 297 8.02 -9.91 11.79
C SER B 297 7.06 -8.92 12.43
N LYS B 298 7.27 -7.64 12.14
CA LYS B 298 6.43 -6.55 12.63
C LYS B 298 6.38 -6.52 14.15
N ALA B 299 7.54 -6.28 14.75
CA ALA B 299 7.68 -6.20 16.20
C ALA B 299 8.05 -4.78 16.61
N GLU B 300 7.52 -4.36 17.76
CA GLU B 300 7.76 -3.02 18.26
C GLU B 300 7.77 -3.05 19.79
N GLN B 301 8.51 -2.10 20.37
CA GLN B 301 8.65 -1.94 21.81
C GLN B 301 8.92 -3.27 22.51
N TYR B 302 8.14 -3.57 23.55
CA TYR B 302 8.26 -4.80 24.32
C TYR B 302 9.68 -4.99 24.86
N ILE B 303 10.29 -3.89 25.31
CA ILE B 303 11.68 -3.94 25.77
C ILE B 303 11.78 -4.76 27.04
N PHE B 304 10.92 -4.47 28.02
CA PHE B 304 11.06 -5.09 29.33
C PHE B 304 10.58 -6.54 29.32
N ASN B 305 9.58 -6.86 28.51
CA ASN B 305 9.20 -8.25 28.33
C ASN B 305 10.34 -9.06 27.73
N TRP B 306 10.98 -8.52 26.70
CA TRP B 306 12.05 -9.26 26.04
C TRP B 306 13.31 -9.33 26.89
N LYS B 307 13.51 -8.37 27.79
CA LYS B 307 14.66 -8.39 28.69
C LYS B 307 14.36 -9.04 30.03
N LEU B 308 13.12 -9.46 30.27
CA LEU B 308 12.75 -10.14 31.51
C LEU B 308 12.25 -11.55 31.28
N PHE B 309 11.27 -11.73 30.39
CA PHE B 309 10.75 -13.07 30.11
C PHE B 309 11.75 -13.93 29.35
N THR B 310 12.54 -13.33 28.48
CA THR B 310 13.57 -14.03 27.73
C THR B 310 14.95 -13.66 28.25
N GLY B 311 15.02 -13.24 29.50
CA GLY B 311 16.26 -12.80 30.12
C GLY B 311 17.11 -13.87 30.74
N TRP B 312 16.64 -15.12 30.78
CA TRP B 312 17.42 -16.23 31.29
C TRP B 312 17.74 -17.20 30.17
N ASP B 313 18.98 -17.69 30.16
CA ASP B 313 19.40 -18.73 29.23
C ASP B 313 19.20 -20.08 29.90
N TYR B 314 18.30 -20.89 29.34
CA TYR B 314 18.00 -22.18 29.95
C TYR B 314 19.10 -23.21 29.71
N THR B 315 19.93 -23.01 28.69
CA THR B 315 20.91 -24.03 28.34
C THR B 315 22.14 -23.96 29.25
N ILE B 316 22.34 -22.83 29.94
CA ILE B 316 23.49 -22.69 30.82
C ILE B 316 23.35 -23.64 32.00
N GLY B 317 24.39 -24.43 32.24
CA GLY B 317 24.36 -25.42 33.30
C GLY B 317 25.60 -25.41 34.17
N ASN B 318 26.29 -24.28 34.23
CA ASN B 318 27.46 -24.10 35.07
C ASN B 318 27.20 -23.01 36.10
N SER B 319 27.70 -23.23 37.31
CA SER B 319 27.47 -22.28 38.40
C SER B 319 28.07 -20.92 38.07
N GLU B 320 29.31 -20.89 37.58
CA GLU B 320 29.94 -19.62 37.23
C GLU B 320 29.21 -18.92 36.09
N THR B 321 28.82 -19.68 35.06
CA THR B 321 28.11 -19.09 33.94
C THR B 321 26.73 -18.58 34.37
N ALA B 322 26.04 -19.34 35.23
CA ALA B 322 24.73 -18.91 35.71
C ALA B 322 24.85 -17.63 36.53
N SER B 323 25.83 -17.55 37.42
CA SER B 323 26.04 -16.32 38.18
C SER B 323 26.38 -15.17 37.27
N ASN B 324 27.23 -15.41 36.26
CA ASN B 324 27.61 -14.36 35.33
C ASN B 324 26.40 -13.83 34.57
N THR B 325 25.52 -14.72 34.10
CA THR B 325 24.36 -14.25 33.35
C THR B 325 23.34 -13.59 34.27
N VAL B 326 23.31 -13.99 35.54
CA VAL B 326 22.42 -13.31 36.50
C VAL B 326 22.88 -11.87 36.70
N MET B 327 24.19 -11.68 36.93
CA MET B 327 24.70 -10.32 37.06
C MET B 327 24.49 -9.53 35.77
N ALA B 328 24.65 -10.20 34.63
CA ALA B 328 24.46 -9.53 33.35
C ALA B 328 23.03 -9.05 33.17
N VAL B 329 22.04 -9.89 33.50
CA VAL B 329 20.65 -9.50 33.33
C VAL B 329 20.28 -8.41 34.32
N VAL B 330 20.85 -8.46 35.53
CA VAL B 330 20.64 -7.37 36.48
C VAL B 330 21.17 -6.06 35.90
N ILE B 331 22.35 -6.11 35.29
CA ILE B 331 22.94 -4.91 34.69
C ILE B 331 22.07 -4.41 33.54
N LYS B 332 21.57 -5.31 32.70
CA LYS B 332 20.71 -4.89 31.60
C LYS B 332 19.47 -4.18 32.11
N LEU B 333 18.81 -4.75 33.12
CA LEU B 333 17.61 -4.12 33.66
C LEU B 333 17.93 -2.75 34.27
N ARG B 334 19.03 -2.66 35.03
CA ARG B 334 19.37 -1.40 35.68
C ARG B 334 19.70 -0.31 34.66
N GLU B 335 20.51 -0.64 33.64
CA GLU B 335 20.83 0.34 32.62
C GLU B 335 19.61 0.73 31.78
N SER B 336 18.73 -0.23 31.48
CA SER B 336 17.52 0.11 30.74
C SER B 336 16.65 1.07 31.54
N ILE B 337 16.49 0.83 32.84
CA ILE B 337 15.68 1.72 33.67
C ILE B 337 16.34 3.09 33.77
N ALA B 338 17.67 3.14 33.92
CA ALA B 338 18.37 4.42 34.01
C ALA B 338 18.22 5.21 32.72
N ASP B 339 18.32 4.54 31.56
CA ASP B 339 18.16 5.21 30.29
C ASP B 339 16.72 5.70 30.10
N ILE B 340 15.74 4.89 30.51
CA ILE B 340 14.35 5.24 30.28
C ILE B 340 13.84 6.28 31.27
N LYS B 341 14.56 6.49 32.38
CA LYS B 341 14.15 7.50 33.35
C LYS B 341 14.61 8.89 32.94
N LYS B 342 15.92 9.05 32.71
CA LYS B 342 16.48 10.37 32.46
C LYS B 342 16.02 10.92 31.11
N ASP B 343 16.13 10.11 30.05
CA ASP B 343 15.63 10.43 28.72
C ASP B 343 16.25 11.72 28.15
N ALA B 344 17.42 12.11 28.64
CA ALA B 344 18.11 13.30 28.15
C ALA B 344 19.47 12.89 27.60
N HIS B 345 19.74 13.26 26.36
CA HIS B 345 21.01 12.95 25.69
C HIS B 345 21.56 14.23 25.07
N GLY B 346 22.33 14.98 25.84
CA GLY B 346 22.96 16.20 25.34
C GLY B 346 24.42 16.28 25.71
N LYS B 347 25.29 16.31 24.70
CA LYS B 347 26.73 16.31 24.91
C LYS B 347 27.42 16.66 23.60
N PHE B 348 28.45 17.49 23.67
CA PHE B 348 29.24 17.84 22.49
C PHE B 348 30.63 18.24 22.94
N ARG B 349 31.58 17.32 22.76
CA ARG B 349 32.99 17.55 23.05
C ARG B 349 33.77 17.52 21.75
N LEU B 350 34.57 18.56 21.50
CA LEU B 350 35.39 18.60 20.30
C LEU B 350 36.46 17.52 20.30
N LEU B 351 37.00 17.18 21.48
CA LEU B 351 38.07 16.20 21.57
C LEU B 351 37.60 14.83 21.10
N GLN B 352 36.40 14.40 21.52
CA GLN B 352 35.94 13.08 21.12
C GLN B 352 35.61 13.04 19.63
N PHE B 353 35.11 14.15 19.08
CA PHE B 353 34.89 14.22 17.64
C PHE B 353 36.20 14.10 16.88
N SER B 354 37.24 14.80 17.35
CA SER B 354 38.55 14.69 16.72
C SER B 354 39.08 13.26 16.81
N LEU B 355 38.93 12.62 17.97
CA LEU B 355 39.38 11.24 18.12
C LEU B 355 38.63 10.31 17.19
N ARG B 356 37.32 10.50 17.05
CA ARG B 356 36.51 9.63 16.19
C ARG B 356 36.90 9.79 14.73
N VAL B 357 37.07 11.03 14.28
CA VAL B 357 37.44 11.24 12.88
C VAL B 357 38.85 10.74 12.63
N PHE B 358 39.75 10.88 13.61
CA PHE B 358 41.10 10.34 13.45
C PHE B 358 41.07 8.82 13.34
N ALA B 359 40.25 8.16 14.17
CA ALA B 359 40.14 6.71 14.09
C ALA B 359 39.58 6.26 12.75
N ASN B 360 38.53 6.94 12.28
CA ASN B 360 37.96 6.59 10.99
C ASN B 360 38.94 6.83 9.85
N ILE B 361 39.78 7.87 9.95
CA ILE B 361 40.77 8.13 8.91
C ILE B 361 41.88 7.08 8.93
N ILE B 362 42.38 6.73 10.12
CA ILE B 362 43.46 5.76 10.19
C ILE B 362 42.97 4.38 9.77
N ILE B 363 41.69 4.07 10.00
CA ILE B 363 41.16 2.80 9.51
C ILE B 363 41.21 2.74 7.99
N CYS B 364 40.81 3.82 7.32
CA CYS B 364 40.88 3.85 5.86
C CYS B 364 42.31 3.77 5.37
N ALA B 365 43.22 4.50 6.03
CA ALA B 365 44.63 4.47 5.64
C ALA B 365 45.22 3.07 5.81
N MET B 366 44.87 2.40 6.90
CA MET B 366 45.32 1.05 7.18
C MET B 366 44.75 0.04 6.20
N LEU B 367 43.50 0.22 5.78
CA LEU B 367 42.94 -0.59 4.69
C LEU B 367 43.72 -0.37 3.40
N GLY B 368 44.02 0.88 3.08
CA GLY B 368 44.81 1.15 1.88
C GLY B 368 46.20 0.56 1.95
N PHE B 369 46.78 0.52 3.15
CA PHE B 369 48.05 -0.16 3.35
C PHE B 369 47.91 -1.64 3.04
N SER B 370 46.79 -2.25 3.44
CA SER B 370 46.53 -3.63 3.07
C SER B 370 46.48 -3.80 1.56
N ILE B 371 45.78 -2.90 0.86
CA ILE B 371 45.69 -2.99 -0.60
C ILE B 371 47.07 -2.89 -1.24
N TYR B 372 47.86 -1.92 -0.79
CA TYR B 372 49.19 -1.74 -1.34
C TYR B 372 50.07 -2.95 -1.09
N CYS B 373 50.00 -3.53 0.11
CA CYS B 373 50.80 -4.70 0.43
C CYS B 373 50.42 -5.88 -0.45
N ILE B 374 49.12 -6.11 -0.64
CA ILE B 374 48.69 -7.23 -1.49
C ILE B 374 49.16 -7.02 -2.92
N ILE B 375 49.00 -5.79 -3.45
CA ILE B 375 49.40 -5.53 -4.82
C ILE B 375 50.90 -5.71 -4.99
N PHE B 376 51.69 -5.22 -4.03
CA PHE B 376 53.14 -5.37 -4.11
C PHE B 376 53.54 -6.85 -4.02
N ALA B 377 52.87 -7.61 -3.16
CA ALA B 377 53.21 -9.02 -3.02
C ALA B 377 52.91 -9.80 -4.30
N VAL B 378 51.79 -9.50 -4.95
CA VAL B 378 51.49 -10.19 -6.22
C VAL B 378 52.43 -9.72 -7.32
N GLN B 379 52.74 -8.43 -7.36
CA GLN B 379 53.61 -7.91 -8.42
C GLN B 379 55.02 -8.49 -8.32
N LYS B 380 55.59 -8.53 -7.11
CA LYS B 380 56.96 -8.99 -6.95
C LYS B 380 57.12 -10.47 -7.31
N SER B 381 56.03 -11.23 -7.31
CA SER B 381 56.07 -12.65 -7.69
C SER B 381 55.93 -12.80 -9.19
N GLN B 382 56.92 -12.27 -9.91
CA GLN B 382 56.92 -12.28 -11.38
C GLN B 382 57.66 -13.46 -11.97
N VAL B 383 58.10 -14.42 -11.15
CA VAL B 383 58.86 -15.56 -11.62
C VAL B 383 57.95 -16.79 -11.70
N GLN B 384 58.08 -17.53 -12.80
CA GLN B 384 57.32 -18.76 -13.00
C GLN B 384 58.18 -20.00 -12.83
N ASP B 385 59.42 -19.97 -13.31
CA ASP B 385 60.33 -21.09 -13.14
C ASP B 385 60.82 -21.17 -11.69
N ASP B 386 61.53 -22.25 -11.37
CA ASP B 386 62.04 -22.47 -10.03
C ASP B 386 63.34 -21.70 -9.80
N GLY B 387 63.30 -20.41 -10.12
CA GLY B 387 64.45 -19.56 -9.87
C GLY B 387 64.69 -19.36 -8.38
N ASN B 388 63.64 -19.10 -7.63
CA ASN B 388 63.72 -18.91 -6.19
C ASN B 388 62.33 -19.12 -5.59
N LEU B 389 62.31 -19.58 -4.34
CA LEU B 389 61.06 -19.87 -3.66
C LEU B 389 60.89 -19.16 -2.33
N PHE B 390 61.94 -18.50 -1.82
CA PHE B 390 61.81 -17.73 -0.58
C PHE B 390 61.04 -16.43 -0.77
N THR B 391 60.80 -16.02 -2.01
CA THR B 391 60.01 -14.83 -2.32
C THR B 391 58.72 -15.14 -3.05
N LYS B 392 58.66 -16.25 -3.77
CA LYS B 392 57.43 -16.65 -4.44
C LYS B 392 56.33 -17.00 -3.45
N ASN B 393 56.68 -17.36 -2.22
CA ASN B 393 55.72 -17.71 -1.18
C ASN B 393 55.37 -16.53 -0.28
N GLN B 394 55.43 -15.30 -0.81
CA GLN B 394 55.15 -14.13 0.01
C GLN B 394 53.75 -13.59 -0.16
N VAL B 395 53.03 -13.97 -1.22
CA VAL B 395 51.65 -13.52 -1.38
C VAL B 395 50.69 -14.32 -0.51
N PRO B 396 50.81 -15.68 -0.35
CA PRO B 396 49.88 -16.36 0.55
C PRO B 396 50.14 -16.02 2.00
N SER B 397 51.41 -15.81 2.35
CA SER B 397 51.77 -15.51 3.73
C SER B 397 51.32 -14.11 4.14
N VAL B 398 51.60 -13.10 3.33
CA VAL B 398 51.29 -11.72 3.73
C VAL B 398 49.79 -11.51 3.78
N VAL B 399 49.08 -11.88 2.71
CA VAL B 399 47.63 -11.69 2.68
C VAL B 399 47.01 -12.33 3.91
N SER B 400 47.36 -13.58 4.18
CA SER B 400 46.81 -14.30 5.32
C SER B 400 47.01 -13.50 6.60
N THR B 401 48.22 -12.99 6.84
CA THR B 401 48.48 -12.35 8.12
C THR B 401 47.59 -11.12 8.27
N ILE B 402 47.33 -10.42 7.16
CA ILE B 402 46.42 -9.29 7.24
C ILE B 402 45.06 -9.76 7.75
N THR B 403 44.52 -10.81 7.13
CA THR B 403 43.21 -11.32 7.50
C THR B 403 43.19 -11.75 8.97
N HIS B 404 44.37 -12.05 9.53
CA HIS B 404 44.44 -12.51 10.90
C HIS B 404 45.00 -11.47 11.87
N VAL B 405 45.62 -10.40 11.38
CA VAL B 405 46.22 -9.46 12.31
C VAL B 405 45.48 -8.14 12.24
N PHE B 406 44.91 -7.84 11.07
CA PHE B 406 44.24 -6.56 10.91
C PHE B 406 42.96 -6.46 11.74
N PRO B 407 42.08 -7.48 11.80
CA PRO B 407 40.87 -7.34 12.63
C PRO B 407 41.12 -6.99 14.09
N MET B 408 42.11 -7.62 14.74
CA MET B 408 42.31 -7.40 16.16
C MET B 408 42.62 -5.95 16.46
N ILE B 409 43.51 -5.33 15.68
CA ILE B 409 43.83 -3.91 15.89
C ILE B 409 42.58 -3.06 15.73
N PHE B 410 41.64 -3.52 14.88
CA PHE B 410 40.35 -2.84 14.75
C PHE B 410 39.72 -2.63 16.12
N ASP B 411 39.68 -3.68 16.93
CA ASP B 411 39.09 -3.59 18.27
C ASP B 411 39.81 -2.53 19.09
N LEU B 412 41.14 -2.47 18.99
CA LEU B 412 41.89 -1.45 19.70
C LEU B 412 41.45 -0.06 19.25
N ILE B 413 41.22 0.11 17.95
CA ILE B 413 40.72 1.38 17.45
C ILE B 413 39.34 1.66 18.03
N GLY B 414 38.54 0.61 18.23
CA GLY B 414 37.24 0.77 18.85
C GLY B 414 37.32 1.32 20.26
N LYS B 415 38.49 1.24 20.90
CA LYS B 415 38.66 1.88 22.20
C LYS B 415 38.56 3.39 22.09
N MET B 416 39.13 3.97 21.03
CA MET B 416 39.07 5.41 20.84
C MET B 416 37.63 5.88 20.62
N GLU B 417 36.88 5.15 19.81
CA GLU B 417 35.48 5.49 19.51
C GLU B 417 34.60 4.73 20.50
N ASN B 418 34.41 5.31 21.69
CA ASN B 418 33.62 4.68 22.73
C ASN B 418 32.16 5.07 22.56
N TYR B 419 31.29 4.06 22.52
CA TYR B 419 29.84 4.27 22.44
C TYR B 419 29.18 2.95 22.84
N HIS B 420 27.90 2.81 22.54
CA HIS B 420 27.17 1.60 22.92
C HIS B 420 27.78 0.37 22.28
N PRO B 421 27.97 -0.68 23.10
CA PRO B 421 28.63 -1.86 22.53
C PRO B 421 27.94 -2.35 21.27
N ARG B 422 26.62 -2.34 21.24
CA ARG B 422 25.94 -2.87 20.06
C ARG B 422 26.46 -2.19 18.81
N THR B 423 26.37 -0.87 18.76
CA THR B 423 26.76 -0.15 17.55
C THR B 423 28.27 -0.25 17.32
N ALA B 424 29.06 -0.34 18.39
CA ALA B 424 30.50 -0.55 18.22
C ALA B 424 30.80 -1.90 17.58
N LEU B 425 30.09 -2.94 18.02
CA LEU B 425 30.26 -4.26 17.43
C LEU B 425 29.79 -4.26 15.98
N ARG B 426 28.69 -3.57 15.69
CA ARG B 426 28.22 -3.48 14.31
C ARG B 426 29.24 -2.76 13.43
N ALA B 427 29.84 -1.69 13.95
CA ALA B 427 30.86 -0.97 13.20
C ALA B 427 32.09 -1.84 12.97
N HIS B 428 32.51 -2.59 13.99
CA HIS B 428 33.64 -3.52 13.82
C HIS B 428 33.33 -4.56 12.76
N LEU B 429 32.12 -5.12 12.78
CA LEU B 429 31.75 -6.10 11.78
C LEU B 429 31.75 -5.50 10.38
N GLY B 430 31.24 -4.26 10.26
CA GLY B 430 31.25 -3.61 8.95
C GLY B 430 32.66 -3.36 8.44
N ARG B 431 33.55 -2.88 9.31
CA ARG B 431 34.92 -2.63 8.88
C ARG B 431 35.62 -3.92 8.50
N VAL B 432 35.41 -4.99 9.26
CA VAL B 432 36.04 -6.27 8.92
C VAL B 432 35.50 -6.81 7.60
N LEU B 433 34.19 -6.69 7.38
CA LEU B 433 33.61 -7.12 6.11
C LEU B 433 34.19 -6.32 4.95
N ILE B 434 34.34 -5.00 5.13
CA ILE B 434 34.91 -4.16 4.08
C ILE B 434 36.35 -4.57 3.80
N LEU B 435 37.13 -4.83 4.86
CA LEU B 435 38.51 -5.25 4.69
C LEU B 435 38.60 -6.56 3.92
N TYR B 436 37.75 -7.54 4.29
CA TYR B 436 37.80 -8.83 3.61
C TYR B 436 37.40 -8.70 2.15
N THR B 437 36.35 -7.91 1.86
CA THR B 437 35.92 -7.72 0.48
C THR B 437 36.99 -7.03 -0.35
N VAL B 438 37.62 -5.98 0.20
CA VAL B 438 38.64 -5.25 -0.53
C VAL B 438 39.85 -6.15 -0.79
N ASN B 439 40.27 -6.92 0.21
CA ASN B 439 41.39 -7.83 0.00
C ASN B 439 41.07 -8.88 -1.05
N TYR B 440 39.86 -9.44 -1.02
CA TYR B 440 39.44 -10.39 -2.03
C TYR B 440 39.52 -9.79 -3.42
N ILE B 441 38.94 -8.60 -3.60
CA ILE B 441 38.90 -7.98 -4.93
C ILE B 441 40.31 -7.67 -5.41
N THR B 442 41.14 -7.06 -4.56
CA THR B 442 42.49 -6.70 -4.97
C THR B 442 43.32 -7.93 -5.30
N LEU B 443 43.22 -8.98 -4.47
CA LEU B 443 43.99 -10.19 -4.72
C LEU B 443 43.57 -10.84 -6.03
N ILE B 444 42.27 -10.91 -6.29
CA ILE B 444 41.81 -11.58 -7.52
C ILE B 444 42.20 -10.76 -8.74
N PHE B 445 42.11 -9.43 -8.66
CA PHE B 445 42.50 -8.58 -9.79
C PHE B 445 43.98 -8.72 -10.08
N ALA B 446 44.82 -8.63 -9.03
CA ALA B 446 46.25 -8.73 -9.21
C ALA B 446 46.64 -10.10 -9.76
N LEU B 447 46.02 -11.17 -9.25
CA LEU B 447 46.33 -12.50 -9.72
C LEU B 447 45.97 -12.67 -11.20
N PHE B 448 44.76 -12.24 -11.59
CA PHE B 448 44.36 -12.38 -12.98
C PHE B 448 45.25 -11.56 -13.91
N GLU B 449 45.57 -10.32 -13.51
CA GLU B 449 46.42 -9.48 -14.34
C GLU B 449 47.82 -10.07 -14.47
N LYS B 450 48.38 -10.58 -13.37
CA LYS B 450 49.71 -11.17 -13.42
C LYS B 450 49.72 -12.40 -14.30
N MET B 451 48.70 -13.24 -14.21
CA MET B 451 48.66 -14.43 -15.06
C MET B 451 48.50 -14.04 -16.53
N THR B 452 47.67 -13.04 -16.83
CA THR B 452 47.52 -12.60 -18.21
C THR B 452 48.84 -12.05 -18.76
N ALA B 453 49.53 -11.23 -17.97
CA ALA B 453 50.81 -10.67 -18.41
C ALA B 453 51.85 -11.77 -18.60
N LEU B 454 51.89 -12.74 -17.69
CA LEU B 454 52.86 -13.83 -17.82
C LEU B 454 52.56 -14.72 -19.02
N ARG B 455 51.28 -14.97 -19.28
CA ARG B 455 50.91 -15.74 -20.46
C ARG B 455 51.27 -15.00 -21.75
N ASP B 456 51.08 -13.68 -21.77
CA ASP B 456 51.45 -12.90 -22.94
C ASP B 456 52.97 -12.89 -23.12
N ARG B 457 53.72 -12.80 -22.02
CA ARG B 457 55.18 -12.82 -22.12
C ARG B 457 55.68 -14.17 -22.60
N VAL B 458 55.10 -15.26 -22.11
CA VAL B 458 55.51 -16.60 -22.51
C VAL B 458 54.91 -17.03 -23.84
N ASN B 459 53.94 -16.29 -24.37
CA ASN B 459 53.32 -16.64 -25.64
C ASN B 459 52.89 -15.38 -26.39
N ASN B 664 54.90 -27.00 -23.95
CA ASN B 664 54.23 -26.03 -24.80
C ASN B 664 53.86 -24.77 -24.02
N ASP B 665 52.62 -24.30 -24.20
CA ASP B 665 52.15 -23.12 -23.51
C ASP B 665 52.02 -23.39 -22.01
N ILE B 666 52.18 -22.33 -21.22
CA ILE B 666 52.08 -22.45 -19.76
C ILE B 666 50.64 -22.70 -19.38
N CYS B 667 50.43 -23.21 -18.17
CA CYS B 667 49.10 -23.53 -17.65
C CYS B 667 48.77 -22.52 -16.56
N TRP B 668 48.01 -21.48 -16.91
CA TRP B 668 47.68 -20.45 -15.94
C TRP B 668 46.65 -20.95 -14.93
N GLU B 669 45.73 -21.83 -15.35
CA GLU B 669 44.71 -22.30 -14.43
C GLU B 669 45.33 -23.10 -13.28
N THR B 670 46.27 -23.98 -13.59
CA THR B 670 46.92 -24.76 -12.54
C THR B 670 47.70 -23.85 -11.59
N ILE B 671 48.31 -22.80 -12.11
CA ILE B 671 49.06 -21.88 -11.26
C ILE B 671 48.11 -21.13 -10.33
N ILE B 672 46.96 -20.69 -10.84
CA ILE B 672 46.00 -20.00 -9.98
C ILE B 672 45.45 -20.97 -8.93
N GLY B 673 45.21 -22.22 -9.31
CA GLY B 673 44.81 -23.22 -8.33
C GLY B 673 45.86 -23.41 -7.26
N GLN B 674 47.13 -23.42 -7.65
CA GLN B 674 48.20 -23.51 -6.66
C GLN B 674 48.17 -22.33 -5.71
N GLU B 675 47.96 -21.11 -6.23
CA GLU B 675 47.92 -19.95 -5.37
C GLU B 675 46.76 -20.04 -4.37
N ILE B 676 45.59 -20.46 -4.84
CA ILE B 676 44.44 -20.57 -3.95
C ILE B 676 44.67 -21.62 -2.88
N VAL B 677 45.19 -22.79 -3.27
CA VAL B 677 45.42 -23.86 -2.30
C VAL B 677 46.49 -23.45 -1.28
N LYS B 678 47.55 -22.78 -1.73
CA LYS B 678 48.57 -22.31 -0.80
C LYS B 678 47.99 -21.27 0.14
N LEU B 679 47.11 -20.40 -0.36
CA LEU B 679 46.47 -19.42 0.51
C LEU B 679 45.63 -20.10 1.58
N VAL B 680 44.87 -21.14 1.21
CA VAL B 680 44.04 -21.84 2.18
C VAL B 680 44.92 -22.51 3.23
N THR B 681 45.99 -23.19 2.80
CA THR B 681 46.86 -23.88 3.75
C THR B 681 47.54 -22.91 4.70
N MET B 682 48.05 -21.79 4.18
CA MET B 682 48.68 -20.80 5.03
C MET B 682 47.67 -20.14 5.97
N ASP B 683 46.42 -19.98 5.52
CA ASP B 683 45.38 -19.49 6.41
C ASP B 683 45.16 -20.44 7.57
N LEU B 684 45.11 -21.74 7.29
CA LEU B 684 44.94 -22.71 8.37
C LEU B 684 46.10 -22.66 9.35
N ILE B 685 47.34 -22.61 8.83
CA ILE B 685 48.50 -22.59 9.72
C ILE B 685 48.50 -21.33 10.58
N PHE B 686 48.20 -20.17 9.98
CA PHE B 686 48.19 -18.93 10.74
C PHE B 686 47.05 -18.91 11.76
N THR B 687 45.89 -19.48 11.43
CA THR B 687 44.81 -19.56 12.40
C THR B 687 45.21 -20.43 13.59
N ILE B 688 45.88 -21.56 13.32
CA ILE B 688 46.32 -22.42 14.42
C ILE B 688 47.33 -21.70 15.29
N LEU B 689 48.27 -20.97 14.67
CA LEU B 689 49.24 -20.21 15.47
C LEU B 689 48.55 -19.13 16.30
N SER B 690 47.57 -18.44 15.72
CA SER B 690 46.87 -17.39 16.45
C SER B 690 46.08 -17.96 17.61
N ILE B 691 45.48 -19.14 17.43
CA ILE B 691 44.78 -19.79 18.54
C ILE B 691 45.75 -20.20 19.63
N LEU B 692 46.92 -20.71 19.24
CA LEU B 692 47.90 -21.16 20.23
C LEU B 692 48.49 -19.97 21.00
N VAL B 693 48.56 -18.80 20.37
CA VAL B 693 49.19 -17.66 21.02
C VAL B 693 48.17 -16.86 21.82
N ILE B 694 47.05 -16.49 21.20
CA ILE B 694 46.08 -15.62 21.87
C ILE B 694 45.37 -16.36 23.00
N ASP B 695 45.01 -17.62 22.78
CA ASP B 695 44.23 -18.35 23.76
C ASP B 695 45.11 -19.08 24.77
N LEU B 696 45.97 -19.99 24.30
CA LEU B 696 46.76 -20.83 25.20
C LEU B 696 47.85 -20.04 25.90
N PHE B 697 48.77 -19.44 25.14
CA PHE B 697 49.93 -18.80 25.74
C PHE B 697 49.52 -17.62 26.61
N ARG B 698 48.60 -16.79 26.12
CA ARG B 698 48.16 -15.64 26.91
C ARG B 698 47.46 -16.06 28.19
N GLY B 699 46.60 -17.08 28.12
CA GLY B 699 45.93 -17.56 29.31
C GLY B 699 46.91 -18.12 30.33
N LEU B 700 47.89 -18.91 29.86
CA LEU B 700 48.89 -19.45 30.77
C LEU B 700 49.73 -18.34 31.38
N TRP B 701 50.09 -17.33 30.57
CA TRP B 701 50.87 -16.22 31.09
C TRP B 701 50.11 -15.45 32.16
N ILE B 702 48.82 -15.20 31.93
CA ILE B 702 48.02 -14.50 32.94
C ILE B 702 47.91 -15.36 34.20
N LYS B 703 47.68 -16.66 34.04
CA LYS B 703 47.51 -17.52 35.21
C LYS B 703 48.79 -17.58 36.05
N TYR B 704 49.95 -17.70 35.40
CA TYR B 704 51.21 -17.91 36.10
C TYR B 704 52.01 -16.62 36.30
N CYS B 705 51.45 -15.47 35.95
CA CYS B 705 52.22 -14.23 36.06
C CYS B 705 51.40 -13.06 36.61
N SER B 706 50.14 -13.26 37.00
CA SER B 706 49.36 -12.17 37.55
C SER B 706 49.64 -11.94 39.03
N SER B 707 50.32 -12.87 39.70
CA SER B 707 50.57 -12.73 41.13
C SER B 707 51.60 -11.64 41.41
N TRP B 708 52.65 -11.53 40.61
CA TRP B 708 53.74 -10.60 40.86
C TRP B 708 53.97 -9.65 39.69
N TRP B 709 52.92 -9.37 38.91
CA TRP B 709 53.04 -8.45 37.79
C TRP B 709 53.09 -7.01 38.29
N CYS B 710 53.49 -6.10 37.39
CA CYS B 710 53.58 -4.69 37.74
C CYS B 710 52.21 -4.12 38.09
N TRP B 711 51.19 -4.46 37.30
CA TRP B 711 49.82 -4.04 37.58
C TRP B 711 48.89 -5.22 37.37
N ASP B 712 47.66 -5.07 37.88
CA ASP B 712 46.68 -6.14 37.84
C ASP B 712 46.14 -6.34 36.43
N ILE B 713 46.85 -7.13 35.62
CA ILE B 713 46.40 -7.40 34.26
C ILE B 713 45.08 -8.17 34.25
N GLU B 714 44.84 -8.99 35.27
CA GLU B 714 43.60 -9.76 35.33
C GLU B 714 42.38 -8.84 35.41
N THR B 715 42.54 -7.67 36.02
CA THR B 715 41.50 -6.66 36.07
C THR B 715 41.73 -5.55 35.04
N THR B 716 42.62 -5.77 34.08
CA THR B 716 43.00 -4.78 33.09
C THR B 716 42.65 -5.30 31.69
N PHE B 717 43.15 -4.59 30.68
CA PHE B 717 42.84 -4.88 29.28
C PHE B 717 43.04 -6.34 28.87
N PRO B 718 44.10 -7.06 29.30
CA PRO B 718 44.26 -8.45 28.83
C PRO B 718 43.08 -9.37 29.12
N GLU B 719 42.71 -9.51 30.40
CA GLU B 719 41.85 -10.60 30.85
C GLU B 719 42.34 -11.95 30.33
N TYR B 720 41.43 -12.92 30.23
CA TYR B 720 41.78 -14.28 29.83
C TYR B 720 41.47 -14.59 28.37
N GLY B 721 40.51 -13.90 27.78
CA GLY B 721 40.15 -14.14 26.40
C GLY B 721 38.71 -14.54 26.21
N GLU B 722 37.94 -13.72 25.49
CA GLU B 722 36.53 -13.97 25.26
C GLU B 722 36.31 -14.43 23.83
N PHE B 723 35.47 -15.46 23.69
CA PHE B 723 35.19 -16.03 22.38
C PHE B 723 34.48 -15.01 21.50
N LYS B 724 35.01 -14.77 20.31
CA LYS B 724 34.43 -13.82 19.35
C LYS B 724 33.72 -14.61 18.27
N VAL B 725 32.39 -14.67 18.34
CA VAL B 725 31.63 -15.48 17.38
C VAL B 725 31.65 -14.85 16.00
N ALA B 726 31.48 -13.52 15.93
CA ALA B 726 31.34 -12.86 14.64
C ALA B 726 32.59 -12.99 13.79
N GLU B 727 33.76 -12.73 14.38
CA GLU B 727 35.01 -12.79 13.62
C GLU B 727 35.29 -14.21 13.13
N ASN B 728 35.05 -15.22 13.97
CA ASN B 728 35.32 -16.59 13.57
C ASN B 728 34.34 -17.07 12.51
N VAL B 729 33.07 -16.67 12.61
CA VAL B 729 32.12 -17.00 11.56
C VAL B 729 32.52 -16.32 10.26
N LEU B 730 33.04 -15.10 10.34
CA LEU B 730 33.52 -14.42 9.14
C LEU B 730 34.71 -15.17 8.54
N HIS B 731 35.60 -15.69 9.37
CA HIS B 731 36.72 -16.47 8.85
C HIS B 731 36.24 -17.72 8.14
N ILE B 732 35.24 -18.41 8.71
CA ILE B 732 34.68 -19.58 8.05
C ILE B 732 34.07 -19.19 6.70
N ILE B 733 33.33 -18.09 6.68
CA ILE B 733 32.69 -17.64 5.44
C ILE B 733 33.74 -17.30 4.38
N ASN B 734 34.81 -16.61 4.79
CA ASN B 734 35.87 -16.23 3.85
C ASN B 734 36.59 -17.45 3.30
N ASN B 735 36.88 -18.44 4.16
CA ASN B 735 37.50 -19.66 3.68
C ASN B 735 36.60 -20.38 2.68
N GLN B 736 35.30 -20.46 2.98
CA GLN B 736 34.39 -21.10 2.03
C GLN B 736 34.32 -20.31 0.73
N GLY B 737 34.47 -18.98 0.81
CA GLY B 737 34.52 -18.19 -0.40
C GLY B 737 35.73 -18.50 -1.26
N MET B 738 36.89 -18.65 -0.63
CA MET B 738 38.08 -19.08 -1.36
C MET B 738 37.86 -20.45 -1.99
N ILE B 739 37.19 -21.36 -1.27
CA ILE B 739 36.91 -22.68 -1.83
C ILE B 739 36.04 -22.58 -3.07
N TRP B 740 34.98 -21.76 -3.00
CA TRP B 740 34.13 -21.58 -4.18
C TRP B 740 34.90 -20.98 -5.34
N LEU B 741 35.74 -19.98 -5.07
CA LEU B 741 36.49 -19.34 -6.14
C LEU B 741 37.48 -20.30 -6.78
N GLY B 742 38.14 -21.13 -5.98
CA GLY B 742 39.17 -22.01 -6.49
C GLY B 742 38.79 -23.47 -6.69
N LEU B 743 37.51 -23.81 -6.68
CA LEU B 743 37.15 -25.21 -6.93
C LEU B 743 36.99 -25.53 -8.41
N PHE B 744 37.21 -24.56 -9.31
CA PHE B 744 37.21 -24.87 -10.73
C PHE B 744 38.60 -25.28 -11.21
N PHE B 745 39.63 -24.63 -10.69
CA PHE B 745 41.00 -24.96 -11.08
C PHE B 745 41.63 -26.04 -10.22
N ALA B 746 40.95 -26.47 -9.16
CA ALA B 746 41.42 -27.54 -8.28
C ALA B 746 40.21 -28.33 -7.80
N PRO B 747 39.88 -29.43 -8.47
CA PRO B 747 38.66 -30.17 -8.10
C PRO B 747 38.66 -30.70 -6.68
N LEU B 748 39.81 -31.05 -6.13
CA LEU B 748 39.89 -31.61 -4.79
C LEU B 748 40.25 -30.58 -3.72
N LEU B 749 40.02 -29.29 -4.00
CA LEU B 749 40.14 -28.29 -2.94
C LEU B 749 39.12 -28.52 -1.83
N PRO B 750 37.85 -28.83 -2.09
CA PRO B 750 36.94 -29.15 -0.98
C PRO B 750 37.40 -30.35 -0.16
N ALA B 751 38.12 -31.30 -0.77
CA ALA B 751 38.64 -32.42 -0.01
C ALA B 751 39.65 -31.95 1.03
N ILE B 752 40.48 -30.97 0.69
CA ILE B 752 41.39 -30.37 1.66
C ILE B 752 40.62 -29.55 2.68
N ASN B 753 39.59 -28.84 2.23
CA ASN B 753 38.87 -27.96 3.14
C ASN B 753 38.06 -28.74 4.16
N ASN B 754 37.65 -29.96 3.85
CA ASN B 754 36.99 -30.79 4.85
C ASN B 754 37.92 -31.05 6.04
N ILE B 755 39.16 -31.43 5.74
CA ILE B 755 40.14 -31.66 6.80
C ILE B 755 40.44 -30.37 7.54
N LYS B 756 40.56 -29.26 6.80
CA LYS B 756 40.83 -27.98 7.45
C LYS B 756 39.71 -27.61 8.41
N LEU B 757 38.45 -27.79 8.00
CA LEU B 757 37.33 -27.43 8.85
C LEU B 757 37.21 -28.36 10.05
N ILE B 758 37.49 -29.65 9.87
CA ILE B 758 37.44 -30.58 11.00
C ILE B 758 38.50 -30.23 12.03
N ILE B 759 39.73 -29.96 11.56
CA ILE B 759 40.80 -29.55 12.46
C ILE B 759 40.43 -28.24 13.15
N LEU B 760 39.85 -27.31 12.40
CA LEU B 760 39.45 -26.03 12.98
C LEU B 760 38.39 -26.21 14.05
N MET B 761 37.40 -27.06 13.81
CA MET B 761 36.34 -27.26 14.78
C MET B 761 36.88 -27.90 16.06
N TYR B 762 37.72 -28.93 15.91
CA TYR B 762 38.28 -29.57 17.09
C TYR B 762 39.15 -28.60 17.88
N ILE B 763 39.98 -27.82 17.18
CA ILE B 763 40.87 -26.89 17.87
C ILE B 763 40.07 -25.79 18.56
N ARG B 764 39.03 -25.28 17.89
CA ARG B 764 38.20 -24.23 18.49
C ARG B 764 37.49 -24.76 19.74
N GLY B 765 36.96 -25.99 19.68
CA GLY B 765 36.32 -26.55 20.86
C GLY B 765 37.30 -26.72 22.02
N TRP B 766 38.48 -27.27 21.72
CA TRP B 766 39.46 -27.44 22.79
C TRP B 766 39.88 -26.10 23.38
N ALA B 767 40.06 -25.09 22.53
CA ALA B 767 40.50 -23.79 23.02
C ALA B 767 39.42 -23.10 23.85
N VAL B 768 38.15 -23.22 23.44
CA VAL B 768 37.08 -22.57 24.19
C VAL B 768 36.86 -23.28 25.52
N MET B 769 37.13 -24.59 25.59
CA MET B 769 37.07 -25.27 26.88
C MET B 769 38.26 -24.93 27.76
N THR B 770 39.46 -24.86 27.20
CA THR B 770 40.69 -24.88 28.00
C THR B 770 41.28 -23.51 28.25
N CYS B 771 40.94 -22.49 27.46
CA CYS B 771 41.58 -21.19 27.60
C CYS B 771 40.64 -20.02 27.74
N ASN B 772 39.39 -20.14 27.29
CA ASN B 772 38.49 -18.99 27.31
C ASN B 772 37.63 -18.97 28.57
N VAL B 773 37.05 -17.81 28.85
CA VAL B 773 36.13 -17.64 29.96
C VAL B 773 34.84 -17.01 29.44
N PRO B 774 33.70 -17.23 30.08
CA PRO B 774 32.45 -16.64 29.59
C PRO B 774 32.50 -15.12 29.61
N ALA B 775 31.93 -14.52 28.58
CA ALA B 775 31.89 -13.07 28.48
C ALA B 775 30.93 -12.49 29.51
N ARG B 776 31.25 -11.30 30.02
CA ARG B 776 30.37 -10.65 30.98
C ARG B 776 29.06 -10.23 30.34
N GLU B 777 29.07 -9.91 29.06
CA GLU B 777 27.85 -9.54 28.33
C GLU B 777 28.12 -9.71 26.85
N ILE B 778 27.37 -10.61 26.19
CA ILE B 778 27.56 -10.91 24.78
C ILE B 778 26.29 -10.52 24.03
N PHE B 779 26.45 -9.81 22.92
CA PHE B 779 25.35 -9.31 22.11
C PHE B 779 25.33 -10.03 20.77
N ARG B 780 24.42 -9.59 19.90
CA ARG B 780 24.32 -10.09 18.54
C ARG B 780 24.26 -8.92 17.58
N ALA B 781 24.87 -9.07 16.41
CA ALA B 781 24.89 -7.99 15.44
C ALA B 781 23.50 -7.66 14.93
N SER B 782 22.69 -8.69 14.66
CA SER B 782 21.35 -8.50 14.11
C SER B 782 20.24 -9.19 14.90
N ARG B 783 20.57 -10.13 15.78
CA ARG B 783 19.58 -10.92 16.51
C ARG B 783 18.63 -11.65 15.56
N SER B 784 19.15 -12.08 14.41
CA SER B 784 18.40 -12.87 13.44
C SER B 784 19.21 -14.09 13.05
N SER B 785 18.50 -15.19 12.79
CA SER B 785 19.18 -16.45 12.49
C SER B 785 19.69 -16.49 11.06
N ASN B 786 19.23 -15.55 10.22
CA ASN B 786 19.63 -15.50 8.81
C ASN B 786 20.51 -14.29 8.52
N PHE B 787 21.41 -13.93 9.43
CA PHE B 787 22.35 -12.85 9.17
C PHE B 787 23.65 -13.40 8.59
N TYR B 788 24.26 -14.36 9.29
CA TYR B 788 25.46 -15.01 8.76
C TYR B 788 25.16 -15.77 7.48
N LEU B 789 23.99 -16.39 7.37
CA LEU B 789 23.62 -17.04 6.12
C LEU B 789 23.45 -16.01 5.00
N GLY B 790 22.90 -14.83 5.32
CA GLY B 790 22.81 -13.79 4.31
C GLY B 790 24.17 -13.33 3.83
N ILE B 791 25.12 -13.16 4.76
CA ILE B 791 26.49 -12.83 4.38
C ILE B 791 27.08 -13.93 3.51
N LEU B 792 26.78 -15.18 3.85
CA LEU B 792 27.28 -16.31 3.05
C LEU B 792 26.72 -16.27 1.63
N LEU B 793 25.44 -15.94 1.49
CA LEU B 793 24.84 -15.86 0.17
C LEU B 793 25.45 -14.73 -0.66
N ILE B 794 25.68 -13.57 -0.01
CA ILE B 794 26.32 -12.47 -0.71
C ILE B 794 27.72 -12.87 -1.16
N TRP B 795 28.46 -13.58 -0.31
CA TRP B 795 29.79 -14.02 -0.69
C TRP B 795 29.74 -15.04 -1.80
N LEU B 796 28.71 -15.89 -1.81
CA LEU B 796 28.55 -16.86 -2.89
C LEU B 796 28.34 -16.15 -4.22
N LEU B 797 27.54 -15.09 -4.23
CA LEU B 797 27.39 -14.30 -5.46
C LEU B 797 28.70 -13.62 -5.85
N LEU B 798 29.41 -13.06 -4.87
CA LEU B 798 30.68 -12.41 -5.15
C LEU B 798 31.71 -13.39 -5.71
N CYS B 799 31.59 -14.67 -5.35
CA CYS B 799 32.54 -15.67 -5.84
C CYS B 799 32.07 -16.30 -7.15
N THR B 800 30.77 -16.26 -7.44
CA THR B 800 30.29 -16.70 -8.75
C THR B 800 30.45 -15.62 -9.81
N LEU B 801 30.72 -14.38 -9.42
CA LEU B 801 31.11 -13.37 -10.42
C LEU B 801 32.38 -13.75 -11.17
N PRO B 802 33.53 -13.99 -10.53
CA PRO B 802 34.76 -14.20 -11.30
C PRO B 802 34.84 -15.55 -11.99
N VAL B 803 34.25 -16.61 -11.41
CA VAL B 803 34.23 -17.89 -12.11
C VAL B 803 33.39 -17.80 -13.37
N GLY B 804 32.26 -17.10 -13.29
CA GLY B 804 31.46 -16.85 -14.47
C GLY B 804 32.21 -16.04 -15.52
N PHE B 805 32.95 -15.01 -15.07
CA PHE B 805 33.73 -14.22 -16.01
C PHE B 805 34.80 -15.06 -16.68
N VAL B 806 35.48 -15.93 -15.91
CA VAL B 806 36.52 -16.78 -16.48
C VAL B 806 35.92 -17.75 -17.49
N ILE B 807 34.77 -18.34 -17.18
CA ILE B 807 34.14 -19.25 -18.12
C ILE B 807 33.72 -18.52 -19.39
N ALA B 808 33.15 -17.32 -19.25
CA ALA B 808 32.58 -16.63 -20.40
C ALA B 808 33.63 -15.98 -21.29
N SER B 809 34.71 -15.44 -20.73
CA SER B 809 35.63 -14.60 -21.47
C SER B 809 36.98 -15.26 -21.75
N MET B 810 37.63 -15.81 -20.73
CA MET B 810 39.00 -16.29 -20.88
C MET B 810 39.05 -17.52 -21.79
N SER B 811 40.24 -17.73 -22.39
CA SER B 811 40.51 -18.81 -23.32
C SER B 811 41.42 -19.85 -22.68
N PRO B 812 41.10 -21.13 -22.83
CA PRO B 812 41.86 -22.17 -22.12
C PRO B 812 43.25 -22.35 -22.70
N SER B 813 44.14 -22.88 -21.85
CA SER B 813 45.47 -23.26 -22.29
C SER B 813 45.39 -24.49 -23.19
N ARG B 814 46.31 -24.57 -24.14
CA ARG B 814 46.34 -25.65 -25.12
C ARG B 814 47.16 -26.85 -24.66
N SER B 815 47.85 -26.76 -23.53
CA SER B 815 48.74 -27.82 -23.09
C SER B 815 48.38 -28.40 -21.72
N CYS B 816 47.18 -28.13 -21.21
CA CYS B 816 46.77 -28.65 -19.91
C CYS B 816 45.26 -28.62 -19.80
N GLY B 817 44.73 -29.59 -19.06
CA GLY B 817 43.31 -29.67 -18.79
C GLY B 817 42.53 -30.29 -19.92
N PRO B 818 41.29 -30.71 -19.65
CA PRO B 818 40.43 -31.24 -20.71
C PRO B 818 39.72 -30.21 -21.57
N PHE B 819 39.96 -28.92 -21.36
CA PHE B 819 39.43 -27.87 -22.22
C PHE B 819 40.49 -27.29 -23.15
N ALA B 820 41.54 -28.05 -23.44
CA ALA B 820 42.60 -27.54 -24.31
C ALA B 820 42.21 -27.53 -25.79
N ARG B 821 41.19 -28.28 -26.18
CA ARG B 821 40.81 -28.41 -27.58
C ARG B 821 39.77 -27.39 -28.02
N TYR B 822 39.43 -26.43 -27.17
CA TYR B 822 38.42 -25.43 -27.47
C TYR B 822 38.99 -24.04 -27.24
N GLN B 823 38.50 -23.08 -28.02
CA GLN B 823 38.92 -21.70 -27.89
C GLN B 823 38.24 -20.98 -26.72
N HIS B 824 37.27 -21.63 -26.08
CA HIS B 824 36.60 -21.07 -24.92
C HIS B 824 36.12 -22.21 -24.04
N PHE B 825 35.83 -21.87 -22.78
CA PHE B 825 35.47 -22.91 -21.80
C PHE B 825 34.10 -23.50 -22.09
N TYR B 826 33.10 -22.67 -22.37
CA TYR B 826 31.73 -23.14 -22.51
C TYR B 826 31.48 -23.89 -23.81
N THR B 827 32.44 -23.90 -24.74
CA THR B 827 32.21 -24.49 -26.05
C THR B 827 31.76 -25.94 -25.96
N VAL B 828 32.29 -26.68 -24.99
CA VAL B 828 31.97 -28.11 -24.87
C VAL B 828 30.46 -28.30 -24.67
N VAL B 829 29.78 -27.33 -24.05
CA VAL B 829 28.34 -27.38 -23.93
C VAL B 829 27.67 -27.07 -25.27
N THR B 830 28.12 -26.01 -25.95
CA THR B 830 27.46 -25.58 -27.18
C THR B 830 27.56 -26.64 -28.27
N ARG B 831 28.74 -27.26 -28.43
CA ARG B 831 28.88 -28.31 -29.43
C ARG B 831 27.98 -29.50 -29.12
N GLU B 832 27.52 -29.62 -27.88
CA GLU B 832 26.55 -30.67 -27.58
C GLU B 832 25.13 -30.20 -27.85
N ILE B 833 24.86 -28.91 -27.71
CA ILE B 833 23.55 -28.37 -28.04
C ILE B 833 23.35 -28.36 -29.55
N GLU B 834 24.37 -27.91 -30.29
CA GLU B 834 24.25 -27.76 -31.74
C GLU B 834 24.11 -29.09 -32.46
N LYS B 835 24.52 -30.20 -31.84
CA LYS B 835 24.41 -31.50 -32.48
C LYS B 835 23.00 -32.06 -32.43
N ARG B 836 22.11 -31.50 -31.60
CA ARG B 836 20.74 -31.98 -31.52
C ARG B 836 19.69 -30.90 -31.76
N VAL B 837 20.11 -29.66 -32.02
CA VAL B 837 19.20 -28.54 -32.21
C VAL B 837 19.45 -27.91 -33.56
N ASP B 838 18.38 -27.60 -34.29
CA ASP B 838 18.49 -27.04 -35.62
C ASP B 838 19.14 -25.65 -35.58
N GLN B 839 19.71 -25.25 -36.72
CA GLN B 839 20.43 -23.99 -36.78
C GLN B 839 19.49 -22.78 -36.77
N THR B 840 18.31 -22.91 -37.40
CA THR B 840 17.39 -21.78 -37.49
C THR B 840 16.87 -21.38 -36.11
N VAL B 841 16.43 -22.36 -35.31
CA VAL B 841 15.93 -22.06 -33.98
C VAL B 841 17.05 -21.54 -33.09
N LEU B 842 18.27 -22.05 -33.27
CA LEU B 842 19.40 -21.55 -32.49
C LEU B 842 19.70 -20.10 -32.85
N SER B 843 19.64 -19.76 -34.13
CA SER B 843 19.83 -18.37 -34.54
C SER B 843 18.72 -17.48 -33.99
N TYR B 844 17.49 -17.99 -33.96
CA TYR B 844 16.39 -17.21 -33.39
C TYR B 844 16.59 -16.96 -31.90
N ILE B 845 17.02 -17.98 -31.16
CA ILE B 845 17.17 -17.83 -29.71
C ILE B 845 18.41 -17.01 -29.36
N ARG B 846 19.41 -16.98 -30.26
CA ARG B 846 20.60 -16.17 -30.01
C ARG B 846 20.26 -14.68 -29.90
N HIS B 847 19.43 -14.15 -30.80
CA HIS B 847 19.16 -12.72 -30.83
C HIS B 847 18.48 -12.19 -29.58
N ILE B 848 17.88 -13.08 -28.77
CA ILE B 848 17.27 -12.64 -27.52
C ILE B 848 18.33 -12.13 -26.55
N ALA B 849 19.51 -12.73 -26.55
CA ALA B 849 20.59 -12.29 -25.67
C ALA B 849 21.26 -11.01 -26.15
N SER B 850 20.65 -10.29 -27.09
CA SER B 850 21.24 -9.05 -27.59
C SER B 850 21.34 -8.02 -26.46
N PRO B 851 22.36 -7.16 -26.51
CA PRO B 851 22.48 -6.13 -25.46
C PRO B 851 21.27 -5.21 -25.37
N GLY B 852 20.60 -4.97 -26.49
CA GLY B 852 19.44 -4.10 -26.48
C GLY B 852 18.16 -4.74 -26.00
N VAL B 853 18.22 -6.00 -25.60
CA VAL B 853 17.09 -6.69 -24.99
C VAL B 853 17.42 -6.90 -23.52
N VAL B 854 18.71 -6.99 -23.21
CA VAL B 854 19.14 -7.23 -21.84
C VAL B 854 19.17 -5.93 -21.05
N ILE B 855 19.72 -4.86 -21.63
CA ILE B 855 19.77 -3.57 -20.93
C ILE B 855 18.37 -3.08 -20.56
N PRO B 856 17.35 -3.15 -21.42
CA PRO B 856 16.00 -2.85 -20.95
C PRO B 856 15.54 -3.75 -19.82
N ILE B 857 15.99 -5.00 -19.79
CA ILE B 857 15.62 -5.89 -18.68
C ILE B 857 16.28 -5.42 -17.38
N ILE B 858 17.54 -4.99 -17.46
CA ILE B 858 18.21 -4.43 -16.29
C ILE B 858 17.49 -3.19 -15.80
N LEU B 859 17.10 -2.30 -16.74
CA LEU B 859 16.35 -1.11 -16.36
C LEU B 859 15.01 -1.46 -15.73
N PHE B 860 14.30 -2.45 -16.29
CA PHE B 860 13.04 -2.90 -15.72
C PHE B 860 13.23 -3.43 -14.31
N LEU B 861 14.29 -4.22 -14.09
CA LEU B 861 14.51 -4.78 -12.76
C LEU B 861 14.88 -3.69 -11.75
N ILE B 862 15.68 -2.70 -12.17
CA ILE B 862 15.99 -1.59 -11.28
C ILE B 862 14.73 -0.80 -10.94
N LEU B 863 13.89 -0.53 -11.94
CA LEU B 863 12.67 0.23 -11.71
C LEU B 863 11.72 -0.52 -10.78
N ILE B 864 11.53 -1.83 -11.01
CA ILE B 864 10.64 -2.59 -10.16
C ILE B 864 11.23 -2.72 -8.76
N ILE B 865 12.56 -2.74 -8.64
CA ILE B 865 13.18 -2.75 -7.32
C ILE B 865 12.85 -1.47 -6.56
N TYR B 866 12.98 -0.32 -7.24
CA TYR B 866 12.69 0.94 -6.57
C TYR B 866 11.20 1.04 -6.22
N PHE B 867 10.34 0.61 -7.12
CA PHE B 867 8.89 0.65 -6.88
C PHE B 867 8.50 -0.27 -5.72
N LEU B 868 9.08 -1.47 -5.67
CA LEU B 868 8.79 -2.38 -4.58
C LEU B 868 9.37 -1.89 -3.27
N PHE B 869 10.52 -1.21 -3.32
CA PHE B 869 11.06 -0.59 -2.12
C PHE B 869 10.12 0.47 -1.57
N SER B 870 9.61 1.33 -2.45
CA SER B 870 8.66 2.33 -2.01
C SER B 870 7.38 1.64 -1.62
N LEU B 871 7.02 0.59 -2.36
CA LEU B 871 5.82 -0.17 -2.05
C LEU B 871 5.96 -0.84 -0.69
N VAL B 872 7.12 -1.46 -0.45
CA VAL B 872 7.36 -2.10 0.83
C VAL B 872 7.27 -1.04 1.92
N ARG B 873 7.83 0.13 1.66
CA ARG B 873 7.78 1.20 2.64
C ARG B 873 6.34 1.55 3.00
N GLY B 874 5.51 1.73 1.98
CA GLY B 874 4.12 2.07 2.22
C GLY B 874 3.41 0.98 3.00
N LEU B 875 3.69 -0.27 2.66
CA LEU B 875 3.06 -1.40 3.36
C LEU B 875 3.44 -1.39 4.83
N ARG B 876 4.72 -1.15 5.12
CA ARG B 876 5.18 -1.10 6.50
C ARG B 876 4.51 0.04 7.24
N GLU B 877 4.35 1.17 6.56
CA GLU B 877 3.69 2.31 7.17
C GLU B 877 2.26 1.95 7.53
N ALA B 878 1.58 1.27 6.62
CA ALA B 878 0.21 0.85 6.88
C ALA B 878 0.16 -0.07 8.07
N ASN B 879 1.10 -1.01 8.13
CA ASN B 879 1.14 -1.96 9.23
C ASN B 879 1.31 -1.23 10.55
N THR B 880 2.18 -0.23 10.57
CA THR B 880 2.41 0.53 11.79
C THR B 880 1.17 1.33 12.19
N GLY C 18 -15.44 42.48 -5.86
CA GLY C 18 -14.77 41.53 -5.00
C GLY C 18 -15.70 40.91 -3.96
N VAL C 19 -16.23 39.73 -4.29
CA VAL C 19 -17.13 39.05 -3.37
C VAL C 19 -16.40 38.62 -2.11
N PHE C 20 -15.22 38.04 -2.26
CA PHE C 20 -14.40 37.61 -1.14
C PHE C 20 -13.11 38.42 -1.11
N THR C 21 -12.63 38.72 0.09
CA THR C 21 -11.39 39.46 0.25
C THR C 21 -10.19 38.53 0.01
N ARG C 22 -9.00 39.14 -0.05
CA ARG C 22 -7.78 38.34 -0.22
C ARG C 22 -7.56 37.43 0.98
N GLU C 23 -7.67 37.97 2.20
CA GLU C 23 -7.47 37.15 3.39
C GLU C 23 -8.58 36.12 3.55
N GLN C 24 -9.82 36.48 3.19
CA GLN C 24 -10.91 35.52 3.26
C GLN C 24 -10.66 34.34 2.33
N LEU C 25 -10.20 34.63 1.10
CA LEU C 25 -9.87 33.55 0.17
C LEU C 25 -8.68 32.74 0.67
N ASP C 26 -7.70 33.39 1.31
CA ASP C 26 -6.57 32.67 1.86
C ASP C 26 -7.02 31.67 2.93
N GLU C 27 -7.88 32.11 3.85
CA GLU C 27 -8.40 31.21 4.87
C GLU C 27 -9.25 30.10 4.26
N TYR C 28 -10.05 30.44 3.25
CA TYR C 28 -10.86 29.41 2.59
C TYR C 28 -10.00 28.35 1.94
N GLN C 29 -8.91 28.76 1.28
CA GLN C 29 -8.00 27.79 0.67
C GLN C 29 -7.27 26.97 1.73
N ASP C 30 -6.88 27.62 2.85
CA ASP C 30 -6.12 26.91 3.86
C ASP C 30 -6.98 25.89 4.60
N CYS C 31 -8.23 26.23 4.89
CA CYS C 31 -9.09 25.33 5.63
C CYS C 31 -9.56 24.16 4.79
N THR C 32 -9.92 24.40 3.54
CA THR C 32 -10.58 23.42 2.69
C THR C 32 -9.64 22.99 1.55
N PHE C 33 -10.19 22.17 0.66
CA PHE C 33 -9.44 21.64 -0.48
C PHE C 33 -9.83 22.32 -1.79
N PHE C 34 -10.30 23.57 -1.73
CA PHE C 34 -10.84 24.26 -2.89
C PHE C 34 -10.00 25.49 -3.24
N THR C 35 -9.69 25.63 -4.52
CA THR C 35 -8.99 26.79 -5.03
C THR C 35 -9.97 27.93 -5.25
N ARG C 36 -9.44 29.07 -5.72
CA ARG C 36 -10.28 30.25 -5.91
C ARG C 36 -11.38 29.99 -6.93
N LYS C 37 -11.06 29.30 -8.02
CA LYS C 37 -12.08 28.97 -9.01
C LYS C 37 -13.17 28.09 -8.41
N ASP C 38 -12.78 27.10 -7.60
CA ASP C 38 -13.77 26.24 -6.95
C ASP C 38 -14.65 27.02 -5.98
N ILE C 39 -14.05 27.92 -5.21
CA ILE C 39 -14.83 28.73 -4.27
C ILE C 39 -15.83 29.61 -5.02
N ILE C 40 -15.40 30.22 -6.12
CA ILE C 40 -16.28 31.09 -6.89
C ILE C 40 -17.41 30.27 -7.52
N ARG C 41 -17.09 29.07 -8.01
CA ARG C 41 -18.14 28.21 -8.58
C ARG C 41 -19.14 27.81 -7.51
N LEU C 42 -18.65 27.49 -6.30
CA LEU C 42 -19.56 27.15 -5.21
C LEU C 42 -20.44 28.32 -4.82
N TYR C 43 -19.88 29.54 -4.81
CA TYR C 43 -20.68 30.73 -4.56
C TYR C 43 -21.75 30.88 -5.64
N LYS C 44 -21.39 30.63 -6.90
CA LYS C 44 -22.37 30.74 -7.98
C LYS C 44 -23.48 29.73 -7.81
N ARG C 45 -23.15 28.50 -7.42
CA ARG C 45 -24.18 27.50 -7.16
C ARG C 45 -25.08 27.91 -5.99
N PHE C 46 -24.47 28.44 -4.93
CA PHE C 46 -25.23 28.91 -3.78
C PHE C 46 -26.21 30.00 -4.19
N TYR C 47 -25.75 30.95 -5.01
CA TYR C 47 -26.61 32.00 -5.50
C TYR C 47 -27.74 31.44 -6.37
N ALA C 48 -27.41 30.52 -7.27
CA ALA C 48 -28.40 29.94 -8.16
C ALA C 48 -29.44 29.10 -7.42
N LEU C 49 -29.11 28.65 -6.21
CA LEU C 49 -30.10 27.92 -5.42
C LEU C 49 -31.29 28.80 -5.08
N ASN C 50 -31.04 30.00 -4.54
CA ASN C 50 -32.06 31.01 -4.21
C ASN C 50 -31.48 32.40 -4.40
N PRO C 51 -31.70 33.01 -5.56
CA PRO C 51 -31.12 34.35 -5.80
C PRO C 51 -31.61 35.42 -4.85
N HIS C 52 -32.87 35.35 -4.41
CA HIS C 52 -33.43 36.41 -3.59
C HIS C 52 -32.81 36.42 -2.19
N LYS C 53 -32.61 35.25 -1.60
CA LYS C 53 -32.16 35.15 -0.22
C LYS C 53 -30.68 35.47 -0.04
N VAL C 54 -29.84 35.15 -1.01
CA VAL C 54 -28.39 35.38 -0.93
C VAL C 54 -28.10 36.74 -1.58
N PRO C 55 -27.51 37.68 -0.86
CA PRO C 55 -27.19 38.98 -1.47
C PRO C 55 -26.09 38.84 -2.51
N THR C 56 -26.05 39.79 -3.45
CA THR C 56 -25.01 39.77 -4.48
C THR C 56 -23.62 39.91 -3.88
N ASN C 57 -23.46 40.81 -2.92
CA ASN C 57 -22.22 40.94 -2.18
C ASN C 57 -22.35 40.16 -0.87
N MET C 58 -21.39 39.27 -0.61
CA MET C 58 -21.40 38.47 0.60
C MET C 58 -20.12 38.67 1.41
N GLN C 59 -19.39 39.75 1.13
CA GLN C 59 -18.19 40.08 1.88
C GLN C 59 -18.51 40.26 3.35
N GLY C 60 -17.68 39.68 4.21
CA GLY C 60 -17.88 39.77 5.65
C GLY C 60 -18.38 38.50 6.27
N ASN C 61 -19.29 38.61 7.24
CA ASN C 61 -19.89 37.46 7.91
C ASN C 61 -21.20 37.03 7.26
N ARG C 62 -21.52 37.59 6.10
CA ARG C 62 -22.74 37.18 5.38
C ARG C 62 -22.82 35.69 5.13
N PRO C 63 -21.74 34.98 4.75
CA PRO C 63 -21.87 33.51 4.60
C PRO C 63 -22.35 32.81 5.86
N ALA C 64 -21.95 33.30 7.03
CA ALA C 64 -22.32 32.64 8.28
C ALA C 64 -23.80 32.81 8.62
N ILE C 65 -24.43 33.89 8.17
CA ILE C 65 -25.82 34.18 8.50
C ILE C 65 -26.79 33.81 7.38
N THR C 66 -26.33 33.73 6.14
CA THR C 66 -27.20 33.36 5.03
C THR C 66 -27.35 31.85 4.99
N THR C 67 -28.57 31.37 5.18
CA THR C 67 -28.85 29.95 5.25
C THR C 67 -30.07 29.61 4.39
N LEU C 68 -30.16 28.34 3.99
CA LEU C 68 -31.32 27.82 3.31
C LEU C 68 -31.86 26.61 4.07
N THR C 69 -33.15 26.36 3.91
CA THR C 69 -33.76 25.18 4.51
C THR C 69 -33.26 23.92 3.82
N PHE C 70 -33.34 22.81 4.56
CA PHE C 70 -32.84 21.55 4.03
C PHE C 70 -33.61 21.09 2.81
N GLU C 71 -34.90 21.47 2.73
CA GLU C 71 -35.71 21.08 1.58
C GLU C 71 -35.19 21.69 0.29
N GLU C 72 -34.83 22.97 0.32
CA GLU C 72 -34.32 23.63 -0.88
C GLU C 72 -33.02 22.99 -1.35
N VAL C 73 -32.11 22.71 -0.42
CA VAL C 73 -30.83 22.11 -0.77
C VAL C 73 -31.03 20.68 -1.29
N GLU C 74 -31.99 19.95 -0.72
CA GLU C 74 -32.29 18.61 -1.17
C GLU C 74 -32.70 18.55 -2.64
N LYS C 75 -33.20 19.66 -3.20
CA LYS C 75 -33.67 19.68 -4.58
C LYS C 75 -32.55 19.64 -5.61
N MET C 76 -31.30 19.90 -5.21
CA MET C 76 -30.22 19.96 -6.19
C MET C 76 -29.95 18.57 -6.76
N PRO C 77 -29.45 18.49 -8.00
CA PRO C 77 -29.28 17.18 -8.65
C PRO C 77 -28.29 16.25 -7.95
N GLU C 78 -27.33 16.80 -7.20
CA GLU C 78 -26.35 15.93 -6.54
C GLU C 78 -26.99 15.11 -5.44
N LEU C 79 -27.78 15.74 -4.57
CA LEU C 79 -28.40 15.09 -3.43
C LEU C 79 -29.83 14.68 -3.69
N LYS C 80 -30.34 14.86 -4.91
CA LYS C 80 -31.76 14.60 -5.18
C LYS C 80 -32.11 13.14 -4.95
N GLU C 81 -31.26 12.22 -5.37
CA GLU C 81 -31.53 10.79 -5.25
C GLU C 81 -30.79 10.16 -4.08
N ASN C 82 -30.17 10.96 -3.22
CA ASN C 82 -29.49 10.41 -2.06
C ASN C 82 -30.51 9.95 -1.03
N PRO C 83 -30.51 8.67 -0.63
CA PRO C 83 -31.42 8.25 0.44
C PRO C 83 -31.14 8.93 1.77
N PHE C 84 -29.89 9.31 2.03
CA PHE C 84 -29.50 9.95 3.28
C PHE C 84 -29.25 11.45 3.10
N LYS C 85 -30.03 12.11 2.23
CA LYS C 85 -29.86 13.54 2.03
C LYS C 85 -30.14 14.32 3.30
N ARG C 86 -31.21 13.96 4.01
CA ARG C 86 -31.55 14.66 5.25
C ARG C 86 -30.47 14.47 6.30
N ARG C 87 -29.95 13.24 6.42
CA ARG C 87 -28.89 12.98 7.39
C ARG C 87 -27.64 13.78 7.08
N ILE C 88 -27.25 13.86 5.80
CA ILE C 88 -26.06 14.61 5.43
C ILE C 88 -26.25 16.09 5.71
N CYS C 89 -27.42 16.63 5.35
CA CYS C 89 -27.69 18.04 5.60
C CYS C 89 -27.67 18.34 7.08
N GLU C 90 -28.25 17.46 7.91
CA GLU C 90 -28.24 17.67 9.35
C GLU C 90 -26.82 17.60 9.92
N VAL C 91 -26.04 16.61 9.50
CA VAL C 91 -24.72 16.41 10.06
C VAL C 91 -23.80 17.57 9.71
N PHE C 92 -23.81 18.01 8.45
CA PHE C 92 -22.93 19.08 8.02
C PHE C 92 -23.48 20.46 8.36
N SER C 93 -24.67 20.56 8.92
CA SER C 93 -25.26 21.85 9.27
C SER C 93 -24.56 22.45 10.48
N GLU C 94 -24.88 23.73 10.73
CA GLU C 94 -24.38 24.43 11.89
C GLU C 94 -25.24 24.07 13.10
N ASP C 95 -25.07 24.82 14.21
CA ASP C 95 -25.82 24.52 15.43
C ASP C 95 -27.33 24.63 15.21
N GLY C 96 -27.76 25.44 14.25
CA GLY C 96 -29.18 25.55 13.97
C GLY C 96 -29.72 24.27 13.36
N ARG C 97 -31.03 24.07 13.51
CA ARG C 97 -31.71 22.91 12.97
C ARG C 97 -32.51 23.29 11.74
N GLY C 98 -32.35 22.53 10.66
CA GLY C 98 -33.03 22.81 9.41
C GLY C 98 -32.42 23.91 8.58
N ASN C 99 -31.25 24.44 8.98
CA ASN C 99 -30.60 25.51 8.24
C ASN C 99 -29.22 25.05 7.79
N LEU C 100 -28.89 25.36 6.54
CA LEU C 100 -27.59 25.05 5.98
C LEU C 100 -27.01 26.33 5.42
N SER C 101 -25.80 26.68 5.85
CA SER C 101 -25.17 27.94 5.49
C SER C 101 -24.09 27.72 4.44
N PHE C 102 -23.56 28.84 3.94
CA PHE C 102 -22.55 28.77 2.89
C PHE C 102 -21.27 28.13 3.37
N ASP C 103 -20.84 28.44 4.60
CA ASP C 103 -19.65 27.82 5.15
C ASP C 103 -19.85 26.32 5.36
N ASP C 104 -21.03 25.93 5.86
CA ASP C 104 -21.31 24.51 6.02
C ASP C 104 -21.45 23.83 4.66
N PHE C 105 -21.98 24.55 3.66
CA PHE C 105 -22.00 24.03 2.30
C PHE C 105 -20.58 23.75 1.81
N LEU C 106 -19.67 24.69 2.07
CA LEU C 106 -18.27 24.52 1.68
C LEU C 106 -17.65 23.32 2.38
N ASP C 107 -17.90 23.17 3.68
CA ASP C 107 -17.36 22.02 4.41
C ASP C 107 -17.93 20.72 3.85
N MET C 108 -19.23 20.69 3.56
CA MET C 108 -19.85 19.48 3.05
C MET C 108 -19.25 19.06 1.71
N PHE C 109 -19.07 20.02 0.80
CA PHE C 109 -18.54 19.64 -0.50
C PHE C 109 -17.02 19.56 -0.55
N SER C 110 -16.32 20.01 0.49
CA SER C 110 -14.89 19.82 0.56
C SER C 110 -14.51 18.53 1.27
N VAL C 111 -15.36 18.04 2.18
CA VAL C 111 -15.13 16.73 2.77
C VAL C 111 -15.39 15.64 1.74
N PHE C 112 -16.47 15.78 0.97
CA PHE C 112 -16.82 14.81 -0.07
C PHE C 112 -15.85 14.83 -1.25
N SER C 113 -15.01 15.86 -1.38
CA SER C 113 -14.16 15.99 -2.54
C SER C 113 -13.11 14.88 -2.57
N GLU C 114 -12.59 14.61 -3.77
CA GLU C 114 -11.66 13.52 -3.97
C GLU C 114 -10.30 13.79 -3.33
N MET C 115 -9.87 15.05 -3.26
CA MET C 115 -8.56 15.37 -2.71
C MET C 115 -8.50 15.25 -1.20
N ALA C 116 -9.65 15.18 -0.52
CA ALA C 116 -9.64 15.00 0.92
C ALA C 116 -9.13 13.60 1.27
N PRO C 117 -8.29 13.47 2.29
CA PRO C 117 -7.73 12.16 2.64
C PRO C 117 -8.79 11.20 3.16
N LEU C 118 -8.35 9.95 3.34
CA LEU C 118 -9.28 8.89 3.74
C LEU C 118 -9.76 9.10 5.18
N GLN C 119 -8.91 9.67 6.04
CA GLN C 119 -9.27 9.82 7.44
C GLN C 119 -10.48 10.73 7.62
N LEU C 120 -10.50 11.88 6.92
CA LEU C 120 -11.62 12.80 7.04
C LEU C 120 -12.90 12.17 6.51
N LYS C 121 -12.81 11.45 5.39
CA LYS C 121 -13.97 10.77 4.84
C LYS C 121 -14.51 9.73 5.82
N LEU C 122 -13.61 8.96 6.44
CA LEU C 122 -14.05 7.97 7.41
C LEU C 122 -14.73 8.63 8.61
N LYS C 123 -14.13 9.71 9.12
CA LYS C 123 -14.71 10.40 10.27
C LYS C 123 -16.12 10.92 9.96
N TYR C 124 -16.27 11.59 8.81
CA TYR C 124 -17.56 12.17 8.50
C TYR C 124 -18.58 11.12 8.08
N ALA C 125 -18.14 10.02 7.47
CA ALA C 125 -19.05 8.91 7.20
C ALA C 125 -19.58 8.31 8.48
N PHE C 126 -18.71 8.13 9.49
CA PHE C 126 -19.18 7.64 10.78
C PHE C 126 -20.15 8.62 11.42
N ARG C 127 -19.82 9.91 11.40
CA ARG C 127 -20.70 10.90 12.03
C ARG C 127 -22.03 11.02 11.29
N ILE C 128 -22.05 10.72 9.99
CA ILE C 128 -23.31 10.70 9.25
C ILE C 128 -24.11 9.46 9.59
N TYR C 129 -23.45 8.31 9.74
CA TYR C 129 -24.15 7.05 9.82
C TYR C 129 -24.94 6.85 11.12
N ASP C 130 -24.59 7.57 12.19
CA ASP C 130 -25.34 7.47 13.42
C ASP C 130 -26.50 8.46 13.43
N TYR C 131 -27.48 8.21 14.28
CA TYR C 131 -28.68 9.03 14.36
C TYR C 131 -28.87 9.66 15.73
N ASP C 132 -28.73 8.88 16.81
CA ASP C 132 -28.93 9.42 18.15
C ASP C 132 -27.86 10.43 18.51
N GLY C 133 -26.62 10.19 18.09
CA GLY C 133 -25.50 11.03 18.46
C GLY C 133 -24.70 10.54 19.64
N ASP C 134 -24.67 9.24 19.89
CA ASP C 134 -23.98 8.66 21.04
C ASP C 134 -22.62 8.07 20.66
N GLU C 135 -22.13 8.38 19.47
CA GLU C 135 -20.81 7.92 19.00
C GLU C 135 -20.76 6.40 18.90
N LEU C 136 -21.93 5.76 18.79
CA LEU C 136 -22.01 4.31 18.66
C LEU C 136 -23.07 3.98 17.62
N LEU C 137 -22.86 2.87 16.90
CA LEU C 137 -23.78 2.40 15.88
C LEU C 137 -24.60 1.25 16.47
N GLY C 138 -25.81 1.57 16.91
CA GLY C 138 -26.68 0.59 17.52
C GLY C 138 -27.48 -0.19 16.49
N HIS C 139 -28.30 -1.11 17.01
CA HIS C 139 -29.17 -1.90 16.14
C HIS C 139 -30.19 -1.01 15.43
N ASP C 140 -30.76 -0.04 16.14
CA ASP C 140 -31.75 0.84 15.54
C ASP C 140 -31.17 1.64 14.38
N ASP C 141 -29.95 2.17 14.56
CA ASP C 141 -29.33 2.97 13.50
C ASP C 141 -29.10 2.16 12.25
N LEU C 142 -28.56 0.95 12.40
CA LEU C 142 -28.28 0.10 11.23
C LEU C 142 -29.58 -0.37 10.57
N SER C 143 -30.60 -0.69 11.37
CA SER C 143 -31.89 -1.07 10.78
C SER C 143 -32.51 0.09 10.01
N LYS C 144 -32.42 1.31 10.56
CA LYS C 144 -32.94 2.47 9.85
C LYS C 144 -32.18 2.72 8.55
N MET C 145 -30.86 2.54 8.59
CA MET C 145 -30.06 2.69 7.37
C MET C 145 -30.47 1.64 6.33
N ILE C 146 -30.72 0.41 6.77
CA ILE C 146 -31.17 -0.63 5.86
C ILE C 146 -32.51 -0.26 5.22
N ARG C 147 -33.46 0.21 6.05
CA ARG C 147 -34.78 0.52 5.54
C ARG C 147 -34.79 1.78 4.68
N SER C 148 -33.82 2.68 4.86
CA SER C 148 -33.75 3.86 4.01
C SER C 148 -33.05 3.56 2.68
N LEU C 149 -31.94 2.82 2.73
CA LEU C 149 -31.19 2.54 1.52
C LEU C 149 -31.97 1.60 0.60
N THR C 150 -32.58 0.55 1.15
CA THR C 150 -33.33 -0.41 0.36
C THR C 150 -34.71 0.11 -0.02
N ARG C 151 -35.18 1.17 0.65
CA ARG C 151 -36.50 1.76 0.41
C ARG C 151 -37.62 0.81 0.80
N ASP C 152 -37.49 0.18 1.98
CA ASP C 152 -38.52 -0.69 2.54
C ASP C 152 -38.91 -1.81 1.57
N GLU C 153 -37.90 -2.39 0.91
CA GLU C 153 -38.14 -3.47 -0.05
C GLU C 153 -37.65 -4.83 0.48
N LEU C 154 -37.30 -4.90 1.75
CA LEU C 154 -36.84 -6.15 2.37
C LEU C 154 -37.76 -6.51 3.52
N SER C 155 -37.93 -7.81 3.75
CA SER C 155 -38.75 -8.28 4.86
C SER C 155 -38.04 -8.04 6.18
N ASP C 156 -38.83 -8.00 7.26
CA ASP C 156 -38.27 -7.75 8.58
C ASP C 156 -37.32 -8.86 9.01
N VAL C 157 -37.65 -10.11 8.70
CA VAL C 157 -36.77 -11.23 9.04
C VAL C 157 -35.44 -11.10 8.30
N GLU C 158 -35.51 -10.76 7.01
CA GLU C 158 -34.29 -10.57 6.23
C GLU C 158 -33.45 -9.43 6.78
N VAL C 159 -34.10 -8.32 7.14
CA VAL C 159 -33.38 -7.18 7.70
C VAL C 159 -32.70 -7.57 9.00
N GLU C 160 -33.41 -8.29 9.86
CA GLU C 160 -32.82 -8.73 11.12
C GLU C 160 -31.65 -9.67 10.91
N PHE C 161 -31.76 -10.57 9.92
CA PHE C 161 -30.66 -11.48 9.62
C PHE C 161 -29.44 -10.70 9.16
N ILE C 162 -29.64 -9.69 8.30
CA ILE C 162 -28.53 -8.86 7.85
C ILE C 162 -27.89 -8.14 9.03
N ILE C 163 -28.71 -7.58 9.91
CA ILE C 163 -28.17 -6.85 11.07
C ILE C 163 -27.37 -7.78 11.95
N GLU C 164 -27.90 -9.00 12.20
CA GLU C 164 -27.20 -9.96 13.03
C GLU C 164 -25.84 -10.35 12.42
N ARG C 165 -25.82 -10.58 11.11
CA ARG C 165 -24.56 -10.89 10.45
C ARG C 165 -23.57 -9.73 10.58
N ILE C 166 -24.07 -8.50 10.40
CA ILE C 166 -23.20 -7.33 10.47
C ILE C 166 -22.58 -7.20 11.85
N ILE C 167 -23.39 -7.35 12.90
CA ILE C 167 -22.84 -7.18 14.24
C ILE C 167 -21.90 -8.34 14.59
N GLU C 168 -22.24 -9.56 14.18
CA GLU C 168 -21.41 -10.70 14.55
C GLU C 168 -20.09 -10.73 13.78
N GLU C 169 -20.03 -10.14 12.59
CA GLU C 169 -18.83 -10.20 11.77
C GLU C 169 -17.99 -8.93 11.80
N ALA C 170 -18.39 -7.92 12.59
CA ALA C 170 -17.68 -6.65 12.60
C ALA C 170 -17.46 -6.16 14.02
N ASP C 171 -17.59 -7.06 15.01
CA ASP C 171 -17.43 -6.69 16.40
C ASP C 171 -16.49 -7.68 17.07
N LEU C 172 -15.56 -7.16 17.87
CA LEU C 172 -14.60 -7.98 18.59
C LEU C 172 -14.77 -7.94 20.10
N ASP C 173 -15.38 -6.89 20.64
CA ASP C 173 -15.63 -6.78 22.07
C ASP C 173 -16.94 -7.41 22.49
N GLY C 174 -17.73 -7.92 21.55
CA GLY C 174 -18.99 -8.56 21.89
C GLY C 174 -20.02 -7.62 22.50
N ASP C 175 -20.00 -6.35 22.09
CA ASP C 175 -20.95 -5.37 22.59
C ASP C 175 -22.14 -5.15 21.66
N SER C 176 -22.20 -5.88 20.54
CA SER C 176 -23.21 -5.72 19.50
C SER C 176 -23.25 -4.32 18.92
N SER C 177 -22.15 -3.57 19.01
CA SER C 177 -22.08 -2.21 18.50
C SER C 177 -20.70 -1.99 17.87
N ILE C 178 -20.65 -1.06 16.93
CA ILE C 178 -19.41 -0.73 16.22
C ILE C 178 -19.03 0.70 16.59
N ASN C 179 -17.81 0.86 17.09
CA ASN C 179 -17.33 2.17 17.50
C ASN C 179 -16.58 2.85 16.35
N PHE C 180 -16.15 4.09 16.58
CA PHE C 180 -15.43 4.84 15.56
C PHE C 180 -14.11 4.16 15.20
N ALA C 181 -13.36 3.71 16.21
CA ALA C 181 -12.12 2.99 15.94
C ALA C 181 -12.39 1.66 15.25
N GLU C 182 -13.43 0.93 15.70
CA GLU C 182 -13.79 -0.31 15.05
C GLU C 182 -14.24 -0.07 13.61
N PHE C 183 -15.02 1.00 13.39
CA PHE C 183 -15.45 1.38 12.04
C PHE C 183 -14.24 1.64 11.15
N GLU C 184 -13.30 2.46 11.63
CA GLU C 184 -12.12 2.79 10.85
C GLU C 184 -11.28 1.55 10.59
N HIS C 185 -11.32 0.58 11.50
CA HIS C 185 -10.57 -0.65 11.27
C HIS C 185 -11.23 -1.55 10.24
N VAL C 186 -12.58 -1.59 10.21
CA VAL C 186 -13.24 -2.57 9.35
C VAL C 186 -13.40 -2.03 7.93
N VAL C 187 -13.93 -0.81 7.78
CA VAL C 187 -14.34 -0.33 6.46
C VAL C 187 -13.22 0.36 5.70
N SER C 188 -12.08 0.60 6.33
CA SER C 188 -10.97 1.23 5.62
C SER C 188 -10.28 0.30 4.64
N ARG C 189 -10.47 -1.01 4.79
CA ARG C 189 -9.91 -1.99 3.87
C ARG C 189 -10.78 -2.22 2.65
N SER C 190 -11.94 -1.58 2.58
CA SER C 190 -12.80 -1.72 1.42
C SER C 190 -12.25 -0.89 0.26
N PRO C 191 -12.01 -1.50 -0.91
CA PRO C 191 -11.48 -0.72 -2.04
C PRO C 191 -12.50 0.19 -2.70
N ASP C 192 -13.79 0.02 -2.43
CA ASP C 192 -14.84 0.80 -3.06
C ASP C 192 -15.25 2.03 -2.28
N PHE C 193 -14.68 2.24 -1.09
CA PHE C 193 -15.17 3.31 -0.22
C PHE C 193 -14.83 4.69 -0.78
N ILE C 194 -13.58 4.90 -1.20
CA ILE C 194 -13.19 6.18 -1.75
C ILE C 194 -13.93 6.45 -3.06
N ARG C 195 -14.12 5.40 -3.86
CA ARG C 195 -14.86 5.54 -5.11
C ARG C 195 -16.31 5.92 -4.84
N THR C 196 -16.93 5.34 -3.82
CA THR C 196 -18.34 5.59 -3.54
C THR C 196 -18.53 6.88 -2.75
N PHE C 197 -17.74 7.07 -1.69
CA PHE C 197 -17.88 8.26 -0.84
C PHE C 197 -17.15 9.42 -1.51
N HIS C 198 -17.78 9.95 -2.55
CA HIS C 198 -17.17 11.03 -3.34
C HIS C 198 -18.29 11.79 -4.03
N ILE C 199 -18.20 13.12 -4.00
CA ILE C 199 -19.15 13.98 -4.69
C ILE C 199 -18.36 14.97 -5.52
N ARG C 200 -18.63 15.01 -6.83
CA ARG C 200 -18.00 15.98 -7.71
C ARG C 200 -18.90 17.20 -7.84
N ILE C 201 -18.33 18.38 -7.65
CA ILE C 201 -19.11 19.61 -7.68
C ILE C 201 -18.23 20.78 -8.11
N VAL D 18 -12.75 17.87 -61.97
CA VAL D 18 -11.68 17.63 -62.94
C VAL D 18 -11.48 16.15 -63.19
N ALA D 19 -10.29 15.65 -62.89
CA ALA D 19 -9.99 14.24 -63.11
C ALA D 19 -10.87 13.38 -62.20
N PRO D 20 -11.36 12.24 -62.69
CA PRO D 20 -12.28 11.42 -61.88
C PRO D 20 -11.57 10.65 -60.79
N GLY D 21 -10.24 10.56 -60.86
CA GLY D 21 -9.48 9.86 -59.85
C GLY D 21 -8.58 10.78 -59.03
N LEU D 22 -8.48 12.04 -59.43
CA LEU D 22 -7.62 12.99 -58.77
C LEU D 22 -8.36 14.16 -58.13
N ARG D 23 -9.55 14.50 -58.61
CA ARG D 23 -10.30 15.63 -58.06
C ARG D 23 -11.70 15.29 -57.60
N LEU D 24 -12.32 14.23 -58.11
CA LEU D 24 -13.65 13.85 -57.63
C LEU D 24 -13.59 13.45 -56.16
N TRP D 25 -12.54 12.74 -55.75
CA TRP D 25 -12.39 12.39 -54.35
C TRP D 25 -12.24 13.62 -53.48
N MET D 26 -11.56 14.66 -53.98
CA MET D 26 -11.42 15.89 -53.19
C MET D 26 -12.77 16.57 -52.97
N LEU D 27 -13.59 16.64 -54.02
CA LEU D 27 -14.92 17.23 -53.86
C LEU D 27 -15.79 16.39 -52.93
N ILE D 28 -15.73 15.06 -53.06
CA ILE D 28 -16.49 14.19 -52.18
C ILE D 28 -16.06 14.38 -50.74
N ALA D 29 -14.74 14.47 -50.51
CA ALA D 29 -14.23 14.68 -49.15
C ALA D 29 -14.65 16.03 -48.59
N LEU D 30 -14.65 17.08 -49.42
CA LEU D 30 -15.08 18.39 -48.94
C LEU D 30 -16.56 18.39 -48.58
N VAL D 31 -17.39 17.76 -49.43
CA VAL D 31 -18.82 17.68 -49.13
C VAL D 31 -19.05 16.88 -47.86
N GLY D 32 -18.34 15.76 -47.71
CA GLY D 32 -18.45 14.98 -46.49
C GLY D 32 -18.00 15.75 -45.26
N GLY D 33 -16.95 16.56 -45.42
CA GLY D 33 -16.46 17.35 -44.29
C GLY D 33 -17.45 18.41 -43.84
N VAL D 34 -18.04 19.14 -44.79
CA VAL D 34 -19.01 20.16 -44.41
C VAL D 34 -20.27 19.51 -43.84
N LEU D 35 -20.69 18.37 -44.41
CA LEU D 35 -21.83 17.65 -43.85
C LEU D 35 -21.54 17.17 -42.43
N LEU D 36 -20.32 16.67 -42.19
CA LEU D 36 -19.94 16.22 -40.86
C LEU D 36 -19.92 17.37 -39.88
N ILE D 37 -19.40 18.54 -40.29
CA ILE D 37 -19.40 19.69 -39.41
C ILE D 37 -20.83 20.11 -39.07
N MET D 38 -21.71 20.10 -40.07
CA MET D 38 -23.11 20.45 -39.82
C MET D 38 -23.76 19.46 -38.86
N ILE D 39 -23.50 18.17 -39.04
CA ILE D 39 -24.08 17.16 -38.16
C ILE D 39 -23.57 17.31 -36.74
N VAL D 40 -22.25 17.55 -36.60
CA VAL D 40 -21.66 17.74 -35.28
C VAL D 40 -22.27 18.95 -34.59
N ILE D 41 -22.44 20.04 -35.32
CA ILE D 41 -22.99 21.25 -34.74
C ILE D 41 -24.40 21.01 -34.20
N VAL D 42 -25.24 20.39 -35.02
CA VAL D 42 -26.62 20.14 -34.59
C VAL D 42 -26.66 19.32 -33.31
N CYS D 43 -25.88 18.24 -33.27
CA CYS D 43 -25.86 17.39 -32.09
C CYS D 43 -25.37 18.17 -30.88
N CYS D 44 -24.38 19.04 -31.10
CA CYS D 44 -23.80 19.78 -29.99
C CYS D 44 -24.81 20.69 -29.26
N PHE D 45 -25.91 21.03 -29.90
CA PHE D 45 -26.83 21.97 -29.27
C PHE D 45 -28.14 21.28 -28.93
N MET D 46 -28.14 19.94 -29.00
CA MET D 46 -29.33 19.15 -28.72
C MET D 46 -28.93 17.96 -27.84
N ARG D 47 -29.91 17.45 -27.12
CA ARG D 47 -29.71 16.41 -26.11
C ARG D 47 -30.63 15.22 -26.41
N ILE D 48 -30.57 14.74 -27.66
CA ILE D 48 -31.32 13.55 -28.03
C ILE D 48 -30.93 12.40 -27.12
N ARG D 49 -31.92 11.63 -26.69
CA ARG D 49 -31.72 10.49 -25.78
C ARG D 49 -32.51 9.33 -26.38
N ILE D 50 -31.83 8.55 -27.22
CA ILE D 50 -32.50 7.45 -27.91
C ILE D 50 -33.07 6.42 -26.95
N PRO D 51 -32.35 5.96 -25.92
CA PRO D 51 -32.97 5.05 -24.96
C PRO D 51 -34.14 5.68 -24.24
N ARG D 52 -35.15 4.87 -23.95
CA ARG D 52 -36.32 5.28 -23.22
C ARG D 52 -36.14 4.99 -21.73
N THR D 53 -36.86 5.74 -20.90
CA THR D 53 -36.84 5.47 -19.47
C THR D 53 -37.50 4.12 -19.19
N LYS D 54 -37.05 3.49 -18.10
CA LYS D 54 -37.53 2.15 -17.77
C LYS D 54 -39.02 2.12 -17.48
N ARG D 55 -39.59 3.23 -17.00
CA ARG D 55 -41.01 3.25 -16.69
C ARG D 55 -41.87 3.08 -17.93
N GLN D 56 -41.59 3.86 -18.98
CA GLN D 56 -42.40 3.75 -20.19
C GLN D 56 -42.14 2.44 -20.92
N ILE D 57 -40.91 1.92 -20.84
CA ILE D 57 -40.62 0.60 -21.40
C ILE D 57 -41.44 -0.46 -20.69
N ASP D 58 -41.53 -0.38 -19.35
CA ASP D 58 -42.33 -1.33 -18.59
C ASP D 58 -43.80 -1.21 -18.94
N LEU D 59 -44.31 0.01 -19.08
CA LEU D 59 -45.72 0.17 -19.42
C LEU D 59 -46.02 -0.36 -20.81
N ILE D 60 -45.09 -0.17 -21.77
CA ILE D 60 -45.27 -0.74 -23.09
C ILE D 60 -45.25 -2.26 -23.05
N ALA D 61 -44.31 -2.83 -22.28
CA ALA D 61 -44.20 -4.29 -22.20
C ALA D 61 -45.43 -4.90 -21.55
N ALA D 62 -45.95 -4.25 -20.51
CA ALA D 62 -47.14 -4.77 -19.83
C ALA D 62 -48.35 -4.79 -20.76
N LYS D 63 -48.53 -3.74 -21.56
CA LYS D 63 -49.65 -3.66 -22.48
C LYS D 63 -49.30 -4.32 -23.81
N GLY E 18 13.83 -54.59 21.83
CA GLY E 18 14.53 -53.69 22.73
C GLY E 18 13.96 -53.71 24.14
N VAL E 19 14.43 -52.76 24.96
CA VAL E 19 13.93 -52.68 26.33
C VAL E 19 12.48 -52.22 26.35
N PHE E 20 12.08 -51.43 25.36
CA PHE E 20 10.68 -51.07 25.16
C PHE E 20 10.06 -51.98 24.10
N THR E 21 8.76 -52.23 24.23
CA THR E 21 8.03 -52.96 23.20
C THR E 21 7.78 -52.05 22.01
N ARG E 22 7.41 -52.66 20.88
CA ARG E 22 7.14 -51.88 19.67
C ARG E 22 6.01 -50.90 19.88
N GLU E 23 4.94 -51.34 20.55
CA GLU E 23 3.82 -50.44 20.82
C GLU E 23 4.27 -49.27 21.71
N GLN E 24 5.09 -49.55 22.72
CA GLN E 24 5.50 -48.51 23.66
C GLN E 24 6.34 -47.44 22.96
N LEU E 25 7.37 -47.84 22.22
CA LEU E 25 8.22 -46.84 21.59
C LEU E 25 7.50 -46.16 20.43
N ASP E 26 6.59 -46.86 19.75
CA ASP E 26 5.80 -46.23 18.70
C ASP E 26 4.90 -45.14 19.30
N GLU E 27 4.25 -45.43 20.43
CA GLU E 27 3.44 -44.43 21.10
C GLU E 27 4.29 -43.25 21.56
N TYR E 28 5.47 -43.54 22.13
CA TYR E 28 6.35 -42.46 22.59
C TYR E 28 6.77 -41.58 21.42
N GLN E 29 7.09 -42.19 20.28
CA GLN E 29 7.47 -41.40 19.11
C GLN E 29 6.29 -40.59 18.59
N ASP E 30 5.08 -41.12 18.71
CA ASP E 30 3.91 -40.37 18.26
C ASP E 30 3.65 -39.15 19.13
N CYS E 31 3.63 -39.32 20.46
CA CYS E 31 3.34 -38.18 21.32
C CYS E 31 4.53 -37.22 21.41
N THR E 32 5.73 -37.76 21.54
CA THR E 32 6.93 -36.94 21.75
C THR E 32 7.65 -36.69 20.43
N PHE E 33 8.72 -35.92 20.51
CA PHE E 33 9.52 -35.51 19.36
C PHE E 33 10.84 -36.25 19.27
N PHE E 34 10.90 -37.49 19.74
CA PHE E 34 12.16 -38.21 19.92
C PHE E 34 12.23 -39.44 19.04
N THR E 35 13.45 -39.82 18.67
CA THR E 35 13.70 -41.06 17.97
C THR E 35 14.12 -42.15 18.96
N ARG E 36 14.41 -43.34 18.45
CA ARG E 36 14.75 -44.46 19.32
C ARG E 36 16.01 -44.18 20.13
N LYS E 37 17.03 -43.62 19.49
CA LYS E 37 18.28 -43.34 20.19
C LYS E 37 18.07 -42.35 21.33
N ASP E 38 17.28 -41.31 21.09
CA ASP E 38 17.02 -40.32 22.13
C ASP E 38 16.27 -40.93 23.31
N ILE E 39 15.29 -41.79 23.04
CA ILE E 39 14.55 -42.45 24.12
C ILE E 39 15.48 -43.35 24.92
N ILE E 40 16.36 -44.09 24.24
CA ILE E 40 17.30 -44.96 24.95
C ILE E 40 18.24 -44.13 25.83
N ARG E 41 18.73 -43.00 25.29
CA ARG E 41 19.62 -42.15 26.06
C ARG E 41 18.91 -41.56 27.28
N LEU E 42 17.65 -41.14 27.10
CA LEU E 42 16.88 -40.62 28.23
C LEU E 42 16.63 -41.70 29.28
N TYR E 43 16.37 -42.93 28.84
CA TYR E 43 16.24 -44.05 29.77
C TYR E 43 17.55 -44.24 30.55
N LYS E 44 18.68 -44.18 29.86
CA LYS E 44 19.96 -44.35 30.53
C LYS E 44 20.18 -43.26 31.58
N ARG E 45 19.88 -42.01 31.23
CA ARG E 45 20.03 -40.92 32.19
C ARG E 45 19.09 -41.10 33.37
N PHE E 46 17.84 -41.48 33.10
CA PHE E 46 16.85 -41.70 34.15
C PHE E 46 17.32 -42.79 35.12
N TYR E 47 17.87 -43.87 34.58
CA TYR E 47 18.44 -44.92 35.42
C TYR E 47 19.61 -44.40 36.22
N ALA E 48 20.46 -43.58 35.59
CA ALA E 48 21.62 -43.02 36.28
C ALA E 48 21.23 -42.07 37.41
N LEU E 49 20.01 -41.51 37.38
CA LEU E 49 19.58 -40.67 38.49
C LEU E 49 19.56 -41.45 39.80
N ASN E 50 18.99 -42.66 39.79
CA ASN E 50 19.01 -43.51 40.97
C ASN E 50 18.90 -44.97 40.53
N PRO E 51 19.99 -45.74 40.64
CA PRO E 51 19.93 -47.13 40.17
C PRO E 51 19.02 -48.02 40.99
N HIS E 52 18.77 -47.68 42.26
CA HIS E 52 18.06 -48.59 43.15
C HIS E 52 16.59 -48.73 42.77
N LYS E 53 15.89 -47.62 42.55
CA LYS E 53 14.44 -47.67 42.40
C LYS E 53 14.01 -48.04 40.98
N VAL E 54 14.65 -47.48 39.96
CA VAL E 54 14.25 -47.70 38.57
C VAL E 54 14.67 -49.11 38.18
N PRO E 55 13.74 -49.95 37.72
CA PRO E 55 14.12 -51.31 37.30
C PRO E 55 14.79 -51.32 35.95
N THR E 56 15.65 -52.32 35.74
CA THR E 56 16.31 -52.46 34.44
C THR E 56 15.33 -52.87 33.36
N ASN E 57 14.49 -53.87 33.64
CA ASN E 57 13.43 -54.28 32.73
C ASN E 57 12.20 -53.41 32.99
N MET E 58 11.65 -52.84 31.92
CA MET E 58 10.64 -51.80 32.09
C MET E 58 9.57 -51.92 31.01
N GLN E 59 9.24 -53.14 30.60
CA GLN E 59 8.19 -53.34 29.61
C GLN E 59 6.81 -53.28 30.25
N GLY E 60 5.88 -52.60 29.59
CA GLY E 60 4.50 -52.59 30.02
C GLY E 60 4.06 -51.32 30.70
N ASN E 61 3.44 -51.46 31.87
CA ASN E 61 2.87 -50.35 32.61
C ASN E 61 3.93 -49.65 33.47
N ARG E 62 5.15 -50.20 33.49
CA ARG E 62 6.20 -49.70 34.38
C ARG E 62 6.43 -48.19 34.31
N PRO E 63 6.54 -47.55 33.13
CA PRO E 63 6.80 -46.10 33.13
C PRO E 63 5.72 -45.28 33.82
N ALA E 64 4.46 -45.71 33.73
CA ALA E 64 3.37 -44.98 34.38
C ALA E 64 3.46 -45.04 35.89
N ILE E 65 4.07 -46.08 36.46
CA ILE E 65 4.19 -46.22 37.91
C ILE E 65 5.59 -45.87 38.41
N THR E 66 6.57 -45.67 37.53
CA THR E 66 7.93 -45.34 37.94
C THR E 66 8.03 -43.84 38.16
N THR E 67 8.20 -43.44 39.42
CA THR E 67 8.31 -42.03 39.79
C THR E 67 9.44 -41.85 40.79
N LEU E 68 10.01 -40.64 40.81
CA LEU E 68 11.01 -40.26 41.79
C LEU E 68 10.72 -38.87 42.32
N THR E 69 11.33 -38.56 43.46
CA THR E 69 11.12 -37.28 44.11
C THR E 69 11.70 -36.14 43.27
N PHE E 70 11.21 -34.92 43.53
CA PHE E 70 11.67 -33.75 42.79
C PHE E 70 13.13 -33.47 43.06
N GLU E 71 13.60 -33.72 44.29
CA GLU E 71 14.98 -33.43 44.64
C GLU E 71 15.95 -34.27 43.82
N GLU E 72 15.56 -35.50 43.47
CA GLU E 72 16.42 -36.34 42.65
C GLU E 72 16.52 -35.80 41.23
N VAL E 73 15.42 -35.25 40.70
CA VAL E 73 15.47 -34.67 39.36
C VAL E 73 16.29 -33.38 39.35
N GLU E 74 16.14 -32.56 40.39
CA GLU E 74 16.88 -31.29 40.43
C GLU E 74 18.38 -31.48 40.60
N LYS E 75 18.85 -32.68 40.92
CA LYS E 75 20.28 -32.90 41.12
C LYS E 75 21.05 -33.04 39.81
N MET E 76 20.37 -33.35 38.70
CA MET E 76 21.08 -33.47 37.43
C MET E 76 21.57 -32.09 36.98
N PRO E 77 22.68 -32.03 36.24
CA PRO E 77 23.30 -30.72 35.95
C PRO E 77 22.53 -29.86 34.96
N GLU E 78 21.61 -30.44 34.18
CA GLU E 78 20.87 -29.65 33.20
C GLU E 78 19.99 -28.59 33.88
N LEU E 79 19.31 -28.97 34.96
CA LEU E 79 18.46 -28.05 35.71
C LEU E 79 19.02 -27.71 37.08
N LYS E 80 20.29 -28.06 37.35
CA LYS E 80 20.86 -27.77 38.67
C LYS E 80 20.89 -26.27 38.93
N GLU E 81 21.32 -25.48 37.95
CA GLU E 81 21.48 -24.04 38.13
C GLU E 81 20.28 -23.25 37.67
N ASN E 82 19.22 -23.90 37.21
CA ASN E 82 18.03 -23.18 36.79
C ASN E 82 17.29 -22.67 38.02
N PRO E 83 17.06 -21.35 38.12
CA PRO E 83 16.31 -20.84 39.29
C PRO E 83 14.89 -21.37 39.38
N PHE E 84 14.24 -21.62 38.25
CA PHE E 84 12.86 -22.09 38.24
C PHE E 84 12.75 -23.61 38.08
N LYS E 85 13.69 -24.36 38.66
CA LYS E 85 13.61 -25.82 38.54
C LYS E 85 12.35 -26.35 39.22
N ARG E 86 12.05 -25.86 40.42
CA ARG E 86 10.88 -26.34 41.15
C ARG E 86 9.60 -26.07 40.38
N ARG E 87 9.47 -24.86 39.82
CA ARG E 87 8.28 -24.54 39.03
C ARG E 87 8.18 -25.44 37.80
N ILE E 88 9.31 -25.71 37.15
CA ILE E 88 9.28 -26.55 35.96
C ILE E 88 8.83 -27.96 36.31
N CYS E 89 9.40 -28.55 37.35
CA CYS E 89 8.99 -29.89 37.75
C CYS E 89 7.53 -29.93 38.17
N GLU E 90 7.08 -28.92 38.92
CA GLU E 90 5.68 -28.90 39.34
C GLU E 90 4.74 -28.78 38.14
N VAL E 91 5.10 -27.95 37.16
CA VAL E 91 4.25 -27.78 35.99
C VAL E 91 4.19 -29.07 35.17
N PHE E 92 5.33 -29.72 34.97
CA PHE E 92 5.38 -30.93 34.15
C PHE E 92 5.02 -32.19 34.91
N SER E 93 4.73 -32.10 36.20
CA SER E 93 4.40 -33.26 36.99
C SER E 93 2.96 -33.71 36.76
N GLU E 94 2.66 -34.92 37.23
CA GLU E 94 1.30 -35.46 37.18
C GLU E 94 0.48 -34.88 38.32
N ASP E 95 -0.70 -35.47 38.56
CA ASP E 95 -1.53 -35.04 39.68
C ASP E 95 -0.81 -35.22 41.01
N GLY E 96 0.05 -36.22 41.12
CA GLY E 96 0.82 -36.39 42.34
C GLY E 96 1.76 -35.23 42.58
N ARG E 97 1.89 -34.85 43.85
CA ARG E 97 2.73 -33.73 44.25
C ARG E 97 4.08 -34.25 44.73
N GLY E 98 5.15 -33.66 44.23
CA GLY E 98 6.49 -34.04 44.62
C GLY E 98 7.04 -35.27 43.94
N ASN E 99 6.30 -35.87 43.01
CA ASN E 99 6.76 -37.04 42.28
C ASN E 99 6.72 -36.75 40.78
N LEU E 100 7.78 -37.17 40.09
CA LEU E 100 7.89 -37.02 38.65
C LEU E 100 8.13 -38.40 38.05
N SER E 101 7.36 -38.72 37.01
CA SER E 101 7.42 -40.04 36.38
C SER E 101 8.25 -39.99 35.11
N PHE E 102 8.50 -41.18 34.55
CA PHE E 102 9.28 -41.28 33.31
C PHE E 102 8.56 -40.60 32.15
N ASP E 103 7.24 -40.76 32.06
CA ASP E 103 6.49 -40.12 30.98
C ASP E 103 6.54 -38.60 31.12
N ASP E 104 6.39 -38.08 32.34
CA ASP E 104 6.48 -36.64 32.55
C ASP E 104 7.89 -36.12 32.26
N PHE E 105 8.90 -36.89 32.66
CA PHE E 105 10.29 -36.52 32.36
C PHE E 105 10.52 -36.44 30.87
N LEU E 106 10.02 -37.43 30.11
CA LEU E 106 10.18 -37.42 28.67
C LEU E 106 9.43 -36.27 28.02
N ASP E 107 8.20 -35.99 28.50
CA ASP E 107 7.47 -34.85 27.95
C ASP E 107 8.19 -33.54 28.25
N MET E 108 8.74 -33.43 29.46
CA MET E 108 9.48 -32.24 29.87
C MET E 108 10.67 -31.99 28.95
N PHE E 109 11.43 -33.05 28.64
CA PHE E 109 12.58 -32.85 27.77
C PHE E 109 12.24 -32.97 26.29
N SER E 110 10.98 -33.28 25.95
CA SER E 110 10.55 -33.26 24.57
C SER E 110 9.98 -31.92 24.14
N VAL E 111 9.31 -31.21 25.04
CA VAL E 111 8.88 -29.85 24.71
C VAL E 111 10.08 -28.92 24.65
N PHE E 112 11.04 -29.09 25.56
CA PHE E 112 12.22 -28.24 25.63
C PHE E 112 13.15 -28.40 24.43
N SER E 113 13.01 -29.47 23.67
CA SER E 113 13.92 -29.70 22.55
C SER E 113 13.69 -28.66 21.46
N GLU E 114 14.68 -28.52 20.57
CA GLU E 114 14.62 -27.51 19.53
C GLU E 114 13.62 -27.87 18.44
N MET E 115 13.24 -29.14 18.31
CA MET E 115 12.30 -29.55 17.28
C MET E 115 10.86 -29.19 17.62
N ALA E 116 10.55 -28.93 18.88
CA ALA E 116 9.19 -28.56 19.25
C ALA E 116 8.85 -27.18 18.69
N PRO E 117 7.71 -27.04 18.02
CA PRO E 117 7.36 -25.74 17.42
C PRO E 117 7.24 -24.65 18.46
N LEU E 118 7.19 -23.42 17.96
CA LEU E 118 7.20 -22.25 18.84
C LEU E 118 5.95 -22.19 19.71
N GLN E 119 4.81 -22.64 19.19
CA GLN E 119 3.56 -22.56 19.94
C GLN E 119 3.62 -23.40 21.21
N LEU E 120 4.15 -24.62 21.12
CA LEU E 120 4.21 -25.48 22.30
C LEU E 120 5.12 -24.88 23.37
N LYS E 121 6.27 -24.34 22.96
CA LYS E 121 7.16 -23.69 23.92
C LYS E 121 6.48 -22.48 24.55
N LEU E 122 5.75 -21.70 23.75
CA LEU E 122 5.06 -20.54 24.29
C LEU E 122 4.02 -20.96 25.34
N LYS E 123 3.23 -21.98 25.02
CA LYS E 123 2.20 -22.44 25.95
C LYS E 123 2.82 -22.93 27.25
N TYR E 124 3.88 -23.74 27.15
CA TYR E 124 4.46 -24.27 28.38
C TYR E 124 5.22 -23.21 29.17
N ALA E 125 5.80 -22.21 28.49
CA ALA E 125 6.41 -21.10 29.22
C ALA E 125 5.36 -20.30 29.98
N PHE E 126 4.22 -20.04 29.34
CA PHE E 126 3.14 -19.34 30.04
C PHE E 126 2.62 -20.15 31.22
N ARG E 127 2.53 -21.47 31.05
CA ARG E 127 2.14 -22.34 32.15
C ARG E 127 3.15 -22.30 33.29
N ILE E 128 4.45 -22.26 32.96
CA ILE E 128 5.48 -22.30 33.97
C ILE E 128 5.52 -20.99 34.77
N TYR E 129 5.37 -19.86 34.08
CA TYR E 129 5.66 -18.58 34.71
C TYR E 129 4.62 -18.12 35.73
N ASP E 130 3.49 -18.82 35.86
CA ASP E 130 2.52 -18.49 36.89
C ASP E 130 2.85 -19.22 38.18
N TYR E 131 2.33 -18.70 39.29
CA TYR E 131 2.57 -19.29 40.60
C TYR E 131 1.29 -19.80 41.26
N ASP E 132 0.24 -18.98 41.30
CA ASP E 132 -1.02 -19.44 41.89
C ASP E 132 -1.62 -20.59 41.08
N GLY E 133 -1.59 -20.49 39.77
CA GLY E 133 -2.16 -21.49 38.90
C GLY E 133 -3.56 -21.20 38.40
N ASP E 134 -3.90 -19.93 38.18
CA ASP E 134 -5.23 -19.54 37.73
C ASP E 134 -5.25 -19.11 36.27
N GLU E 135 -4.24 -19.52 35.49
CA GLU E 135 -4.12 -19.14 34.08
C GLU E 135 -4.06 -17.64 33.90
N LEU E 136 -3.54 -16.92 34.89
CA LEU E 136 -3.41 -15.47 34.83
C LEU E 136 -2.13 -15.06 35.54
N LEU E 137 -1.36 -14.18 34.89
CA LEU E 137 -0.09 -13.72 35.42
C LEU E 137 -0.34 -12.43 36.19
N GLY E 138 -0.52 -12.56 37.50
CA GLY E 138 -0.77 -11.43 38.37
C GLY E 138 0.51 -10.73 38.79
N HIS E 139 0.32 -9.68 39.59
CA HIS E 139 1.46 -8.91 40.09
C HIS E 139 2.35 -9.76 40.99
N ASP E 140 1.75 -10.54 41.89
CA ASP E 140 2.54 -11.34 42.81
C ASP E 140 3.34 -12.41 42.07
N ASP E 141 2.73 -13.03 41.05
CA ASP E 141 3.43 -14.08 40.31
C ASP E 141 4.67 -13.54 39.62
N LEU E 142 4.52 -12.42 38.90
CA LEU E 142 5.66 -11.85 38.19
C LEU E 142 6.70 -11.29 39.17
N SER E 143 6.24 -10.74 40.30
CA SER E 143 7.19 -10.27 41.31
C SER E 143 8.02 -11.42 41.86
N LYS E 144 7.38 -12.56 42.14
CA LYS E 144 8.12 -13.73 42.62
C LYS E 144 9.07 -14.24 41.55
N MET E 145 8.64 -14.23 40.29
CA MET E 145 9.52 -14.68 39.21
C MET E 145 10.74 -13.77 39.10
N ILE E 146 10.55 -12.46 39.23
CA ILE E 146 11.68 -11.53 39.18
C ILE E 146 12.62 -11.77 40.36
N ARG E 147 12.06 -11.92 41.55
CA ARG E 147 12.90 -12.19 42.72
C ARG E 147 13.67 -13.49 42.61
N SER E 148 13.10 -14.51 41.96
CA SER E 148 13.83 -15.75 41.75
C SER E 148 14.90 -15.61 40.69
N LEU E 149 14.62 -14.89 39.61
CA LEU E 149 15.59 -14.75 38.53
C LEU E 149 16.73 -13.83 38.92
N THR E 150 16.42 -12.69 39.55
CA THR E 150 17.44 -11.73 39.93
C THR E 150 18.30 -12.22 41.09
N ARG E 151 17.79 -13.14 41.91
CA ARG E 151 18.47 -13.62 43.11
C ARG E 151 18.58 -12.51 44.15
N ASP E 152 17.51 -11.73 44.32
CA ASP E 152 17.42 -10.70 45.36
C ASP E 152 18.56 -9.67 45.25
N GLU E 153 18.88 -9.27 44.02
CA GLU E 153 19.90 -8.26 43.78
C GLU E 153 19.31 -6.93 43.35
N LEU E 154 17.99 -6.76 43.47
CA LEU E 154 17.32 -5.53 43.10
C LEU E 154 16.51 -5.01 44.28
N SER E 155 16.40 -3.69 44.39
CA SER E 155 15.63 -3.08 45.44
C SER E 155 14.14 -3.28 45.22
N ASP E 156 13.37 -3.08 46.29
CA ASP E 156 11.92 -3.24 46.20
C ASP E 156 11.30 -2.23 45.23
N VAL E 157 11.79 -0.98 45.26
CA VAL E 157 11.28 0.02 44.34
C VAL E 157 11.65 -0.35 42.90
N GLU E 158 12.81 -0.98 42.71
CA GLU E 158 13.20 -1.44 41.38
C GLU E 158 12.25 -2.51 40.87
N VAL E 159 11.89 -3.47 41.74
CA VAL E 159 10.95 -4.51 41.37
C VAL E 159 9.60 -3.91 41.04
N GLU E 160 9.16 -2.94 41.85
CA GLU E 160 7.88 -2.28 41.60
C GLU E 160 7.88 -1.56 40.26
N PHE E 161 8.97 -0.86 39.94
CA PHE E 161 9.05 -0.16 38.66
C PHE E 161 9.03 -1.14 37.50
N ILE E 162 9.77 -2.25 37.62
CA ILE E 162 9.77 -3.25 36.55
C ILE E 162 8.37 -3.83 36.37
N ILE E 163 7.70 -4.13 37.48
CA ILE E 163 6.34 -4.68 37.40
C ILE E 163 5.39 -3.69 36.75
N GLU E 164 5.46 -2.42 37.13
CA GLU E 164 4.58 -1.41 36.54
C GLU E 164 4.84 -1.26 35.05
N ARG E 165 6.11 -1.26 34.64
CA ARG E 165 6.43 -1.14 33.22
C ARG E 165 5.92 -2.36 32.45
N ILE E 166 6.11 -3.56 32.99
CA ILE E 166 5.64 -4.77 32.33
C ILE E 166 4.13 -4.73 32.17
N ILE E 167 3.42 -4.33 33.23
CA ILE E 167 1.96 -4.30 33.19
C ILE E 167 1.47 -3.26 32.19
N GLU E 168 2.05 -2.05 32.23
CA GLU E 168 1.56 -0.96 31.39
C GLU E 168 1.91 -1.16 29.91
N GLU E 169 3.02 -1.83 29.62
CA GLU E 169 3.45 -2.03 28.24
C GLU E 169 2.84 -3.27 27.60
N ALA E 170 2.45 -4.26 28.41
CA ALA E 170 1.96 -5.54 27.88
C ALA E 170 0.52 -5.78 28.32
N ASP E 171 -0.34 -4.77 28.19
CA ASP E 171 -1.75 -4.91 28.50
C ASP E 171 -2.57 -4.20 27.44
N LEU E 172 -3.65 -4.85 26.99
CA LEU E 172 -4.53 -4.27 25.98
C LEU E 172 -5.96 -4.10 26.47
N ASP E 173 -6.44 -4.97 27.35
CA ASP E 173 -7.78 -4.88 27.90
C ASP E 173 -7.84 -4.11 29.21
N GLY E 174 -6.70 -3.70 29.75
CA GLY E 174 -6.68 -2.98 31.01
C GLY E 174 -7.13 -3.78 32.21
N ASP E 175 -6.85 -5.08 32.21
CA ASP E 175 -7.19 -5.95 33.33
C ASP E 175 -6.07 -6.08 34.35
N SER E 176 -4.98 -5.33 34.18
CA SER E 176 -3.78 -5.40 35.01
C SER E 176 -3.22 -6.82 35.11
N SER E 177 -3.42 -7.64 34.08
CA SER E 177 -2.92 -9.00 34.03
C SER E 177 -2.70 -9.41 32.59
N ILE E 178 -1.85 -10.41 32.39
CA ILE E 178 -1.50 -10.89 31.06
C ILE E 178 -2.05 -12.30 30.90
N ASN E 179 -2.87 -12.49 29.87
CA ASN E 179 -3.40 -13.80 29.55
C ASN E 179 -2.53 -14.49 28.50
N PHE E 180 -2.93 -15.70 28.10
CA PHE E 180 -2.14 -16.46 27.14
C PHE E 180 -2.09 -15.77 25.79
N ALA E 181 -3.21 -15.20 25.34
CA ALA E 181 -3.23 -14.52 24.04
C ALA E 181 -2.29 -13.32 24.03
N GLU E 182 -2.32 -12.50 25.09
CA GLU E 182 -1.42 -11.35 25.16
C GLU E 182 0.04 -11.80 25.26
N PHE E 183 0.30 -12.87 26.03
CA PHE E 183 1.64 -13.40 26.14
C PHE E 183 2.17 -13.84 24.78
N GLU E 184 1.34 -14.57 24.02
CA GLU E 184 1.74 -15.01 22.69
C GLU E 184 1.96 -13.83 21.75
N HIS E 185 1.08 -12.82 21.83
CA HIS E 185 1.23 -11.67 20.96
C HIS E 185 2.48 -10.86 21.31
N VAL E 186 2.92 -10.91 22.56
CA VAL E 186 4.03 -10.07 22.99
C VAL E 186 5.37 -10.77 22.77
N VAL E 187 5.55 -11.97 23.34
CA VAL E 187 6.88 -12.57 23.40
C VAL E 187 7.18 -13.49 22.23
N SER E 188 6.19 -13.81 21.39
CA SER E 188 6.49 -14.61 20.21
C SER E 188 7.25 -13.83 19.14
N ARG E 189 7.20 -12.50 19.17
CA ARG E 189 7.97 -11.68 18.26
C ARG E 189 9.40 -11.46 18.74
N SER E 190 9.74 -11.93 19.93
CA SER E 190 11.11 -11.81 20.43
C SER E 190 12.00 -12.80 19.69
N PRO E 191 13.15 -12.34 19.17
CA PRO E 191 14.05 -13.25 18.45
C PRO E 191 14.94 -14.10 19.36
N ASP E 192 14.95 -13.84 20.66
CA ASP E 192 15.78 -14.57 21.60
C ASP E 192 15.00 -15.59 22.42
N PHE E 193 13.76 -15.89 22.06
CA PHE E 193 12.96 -16.79 22.89
C PHE E 193 13.28 -18.24 22.58
N ILE E 194 13.08 -18.67 21.32
CA ILE E 194 13.31 -20.07 20.98
C ILE E 194 14.77 -20.45 21.18
N ARG E 195 15.68 -19.47 21.05
CA ARG E 195 17.08 -19.72 21.36
C ARG E 195 17.27 -20.02 22.84
N THR E 196 16.57 -19.30 23.72
CA THR E 196 16.73 -19.45 25.16
C THR E 196 15.93 -20.62 25.71
N PHE E 197 14.64 -20.70 25.35
CA PHE E 197 13.77 -21.76 25.84
C PHE E 197 14.16 -23.07 25.16
N HIS E 198 15.28 -23.63 25.60
CA HIS E 198 15.84 -24.81 24.95
C HIS E 198 16.84 -25.46 25.91
N ILE E 199 16.68 -26.76 26.12
CA ILE E 199 17.63 -27.57 26.88
C ILE E 199 17.93 -28.81 26.06
N ARG E 200 19.20 -29.01 25.73
CA ARG E 200 19.62 -30.11 24.88
C ARG E 200 19.84 -31.36 25.73
N ILE E 201 19.37 -32.51 25.23
CA ILE E 201 19.53 -33.76 25.95
C ILE E 201 19.58 -34.92 24.95
N VAL F 18 69.45 -38.08 6.54
CA VAL F 18 70.45 -38.34 5.51
C VAL F 18 70.73 -37.09 4.69
N ALA F 19 69.96 -36.92 3.61
CA ALA F 19 70.13 -35.75 2.75
C ALA F 19 69.70 -34.49 3.50
N PRO F 20 70.41 -33.37 3.29
CA PRO F 20 70.08 -32.15 4.06
C PRO F 20 68.90 -31.39 3.48
N GLY F 21 68.70 -31.46 2.17
CA GLY F 21 67.60 -30.76 1.54
C GLY F 21 66.51 -31.70 1.04
N LEU F 22 66.75 -33.01 1.12
CA LEU F 22 65.79 -34.00 0.67
C LEU F 22 65.31 -34.93 1.77
N ARG F 23 66.05 -35.08 2.87
CA ARG F 23 65.66 -36.01 3.93
C ARG F 23 65.65 -35.40 5.33
N LEU F 24 66.45 -34.36 5.61
CA LEU F 24 66.45 -33.78 6.95
C LEU F 24 65.08 -33.17 7.28
N TRP F 25 64.49 -32.45 6.32
CA TRP F 25 63.14 -31.92 6.53
C TRP F 25 62.15 -33.06 6.76
N MET F 26 62.31 -34.18 6.05
CA MET F 26 61.42 -35.31 6.25
C MET F 26 61.56 -35.89 7.66
N LEU F 27 62.81 -36.03 8.13
CA LEU F 27 63.03 -36.55 9.47
C LEU F 27 62.42 -35.63 10.53
N ILE F 28 62.60 -34.32 10.35
CA ILE F 28 61.98 -33.36 11.27
C ILE F 28 60.47 -33.47 11.21
N ALA F 29 59.92 -33.73 10.01
CA ALA F 29 58.48 -33.86 9.87
C ALA F 29 57.95 -35.07 10.63
N LEU F 30 58.61 -36.23 10.49
CA LEU F 30 58.17 -37.39 11.26
C LEU F 30 58.33 -37.19 12.76
N VAL F 31 59.43 -36.56 13.19
CA VAL F 31 59.62 -36.31 14.62
C VAL F 31 58.51 -35.41 15.15
N GLY F 32 58.20 -34.34 14.42
CA GLY F 32 57.14 -33.44 14.84
C GLY F 32 55.78 -34.10 14.82
N GLY F 33 55.51 -34.95 13.84
CA GLY F 33 54.25 -35.66 13.79
C GLY F 33 54.07 -36.61 14.96
N VAL F 34 55.13 -37.35 15.31
CA VAL F 34 55.06 -38.24 16.46
C VAL F 34 54.87 -37.45 17.74
N LEU F 35 55.58 -36.33 17.88
CA LEU F 35 55.43 -35.49 19.07
C LEU F 35 54.01 -34.94 19.17
N LEU F 36 53.45 -34.51 18.04
CA LEU F 36 52.09 -33.96 18.05
C LEU F 36 51.07 -35.04 18.35
N ILE F 37 51.26 -36.26 17.84
CA ILE F 37 50.37 -37.36 18.19
C ILE F 37 50.43 -37.64 19.67
N MET F 38 51.64 -37.65 20.25
CA MET F 38 51.78 -37.86 21.69
C MET F 38 51.08 -36.76 22.48
N ILE F 39 51.23 -35.51 22.02
CA ILE F 39 50.59 -34.39 22.72
C ILE F 39 49.08 -34.51 22.65
N VAL F 40 48.54 -34.84 21.48
CA VAL F 40 47.09 -34.95 21.32
C VAL F 40 46.55 -36.10 22.17
N ILE F 41 47.22 -37.24 22.13
CA ILE F 41 46.75 -38.40 22.88
C ILE F 41 46.54 -38.10 24.36
N VAL F 42 47.63 -37.86 25.09
CA VAL F 42 47.52 -37.65 26.53
C VAL F 42 46.61 -36.49 26.90
N CYS F 43 46.75 -35.36 26.20
CA CYS F 43 45.95 -34.18 26.54
C CYS F 43 44.46 -34.41 26.42
N CYS F 44 44.04 -35.13 25.38
CA CYS F 44 42.61 -35.32 25.15
C CYS F 44 41.94 -35.96 26.37
N PHE F 45 42.60 -36.93 26.98
CA PHE F 45 42.04 -37.61 28.14
C PHE F 45 41.93 -36.68 29.34
N MET F 46 42.98 -35.91 29.59
CA MET F 46 42.99 -35.03 30.74
C MET F 46 41.96 -33.93 30.54
N ARG F 47 41.61 -33.27 31.66
CA ARG F 47 40.57 -32.25 31.70
C ARG F 47 41.12 -30.97 32.32
N ILE F 48 42.28 -30.53 31.83
CA ILE F 48 42.91 -29.34 32.37
C ILE F 48 42.03 -28.11 32.11
N ARG F 49 41.95 -27.24 33.12
CA ARG F 49 41.15 -26.01 33.05
C ARG F 49 42.08 -24.87 33.44
N ILE F 50 42.72 -24.27 32.44
CA ILE F 50 43.70 -23.21 32.71
C ILE F 50 43.09 -22.01 33.43
N PRO F 51 41.96 -21.45 32.98
CA PRO F 51 41.42 -20.29 33.70
C PRO F 51 40.99 -20.64 35.11
N ARG F 52 41.12 -19.66 36.01
CA ARG F 52 40.73 -19.82 37.39
C ARG F 52 39.35 -19.21 37.62
N THR F 53 38.58 -19.86 38.48
CA THR F 53 37.21 -19.44 38.74
C THR F 53 37.18 -18.09 39.45
N LYS F 54 36.03 -17.42 39.35
CA LYS F 54 35.87 -16.11 39.96
C LYS F 54 36.00 -16.17 41.48
N ARG F 55 35.71 -17.33 42.07
CA ARG F 55 35.88 -17.48 43.52
C ARG F 55 37.33 -17.30 43.93
N GLN F 56 38.26 -17.89 43.16
CA GLN F 56 39.68 -17.71 43.45
C GLN F 56 40.10 -16.26 43.26
N ILE F 57 39.55 -15.59 42.25
CA ILE F 57 39.85 -14.18 42.02
C ILE F 57 39.40 -13.35 43.22
N ASP F 58 38.19 -13.60 43.72
CA ASP F 58 37.69 -12.87 44.88
C ASP F 58 38.52 -13.17 46.12
N LEU F 59 38.93 -14.43 46.31
CA LEU F 59 39.76 -14.77 47.45
C LEU F 59 41.12 -14.07 47.39
N ILE F 60 41.71 -14.00 46.20
CA ILE F 60 42.98 -13.31 46.04
C ILE F 60 42.82 -11.82 46.29
N ALA F 61 41.74 -11.22 45.77
CA ALA F 61 41.51 -9.79 45.97
C ALA F 61 41.30 -9.46 47.44
N ALA F 62 40.57 -10.32 48.17
CA ALA F 62 40.35 -10.08 49.58
C ALA F 62 41.65 -10.16 50.37
N LYS F 63 42.50 -11.13 50.03
CA LYS F 63 43.79 -11.28 50.72
C LYS F 63 44.80 -10.27 50.22
N GLY G 27 -74.61 18.09 22.72
CA GLY G 27 -75.89 18.74 22.91
C GLY G 27 -75.81 20.00 23.75
N MET G 28 -76.20 21.13 23.16
CA MET G 28 -76.18 22.40 23.88
C MET G 28 -77.15 22.41 25.05
N ASP G 29 -78.23 21.65 24.97
CA ASP G 29 -79.23 21.63 26.03
C ASP G 29 -78.70 20.99 27.32
N TYR G 30 -77.62 20.21 27.24
CA TYR G 30 -77.08 19.52 28.40
C TYR G 30 -75.90 20.24 29.04
N ILE G 31 -75.05 20.87 28.26
CA ILE G 31 -73.88 21.58 28.78
C ILE G 31 -74.33 23.00 29.10
N SER G 32 -74.03 23.46 30.33
CA SER G 32 -74.41 24.79 30.74
C SER G 32 -73.28 25.80 30.61
N SER G 33 -72.07 25.42 31.02
CA SER G 33 -70.93 26.34 30.95
C SER G 33 -69.67 25.56 30.63
N PHE G 34 -68.83 26.14 29.77
CA PHE G 34 -67.60 25.51 29.32
C PHE G 34 -66.55 26.60 29.16
N ASP G 35 -65.44 26.47 29.88
CA ASP G 35 -64.40 27.50 29.82
C ASP G 35 -63.03 26.87 30.03
N ILE G 36 -62.00 27.56 29.53
CA ILE G 36 -60.61 27.21 29.75
C ILE G 36 -59.91 28.44 30.29
N ARG G 37 -59.21 28.28 31.41
CA ARG G 37 -58.58 29.40 32.11
C ARG G 37 -57.12 29.10 32.42
N LEU G 38 -56.25 30.06 32.11
CA LEU G 38 -54.84 29.97 32.43
C LEU G 38 -54.41 31.18 33.24
N ASN G 39 -53.40 30.99 34.09
CA ASN G 39 -52.89 32.10 34.89
C ASN G 39 -52.13 33.10 34.04
N LYS G 40 -51.56 32.65 32.92
CA LYS G 40 -50.84 33.52 32.01
C LYS G 40 -51.22 33.14 30.58
N ASP G 41 -51.13 34.11 29.68
CA ASP G 41 -51.52 33.91 28.28
C ASP G 41 -50.32 33.77 27.36
N VAL G 42 -49.16 34.34 27.72
CA VAL G 42 -47.93 34.23 26.94
C VAL G 42 -46.85 33.63 27.82
N TYR G 43 -46.17 32.61 27.31
CA TYR G 43 -45.03 32.03 27.99
C TYR G 43 -43.85 31.96 27.03
N TYR G 44 -42.69 31.60 27.57
CA TYR G 44 -41.47 31.49 26.79
C TYR G 44 -41.17 30.03 26.48
N ALA G 45 -40.21 29.83 25.57
CA ALA G 45 -39.84 28.49 25.16
C ALA G 45 -39.18 27.73 26.31
N GLY G 46 -39.56 26.47 26.47
CA GLY G 46 -39.00 25.63 27.52
C GLY G 46 -39.64 25.77 28.87
N GLU G 47 -40.64 26.63 29.02
CA GLU G 47 -41.29 26.84 30.31
C GLU G 47 -42.42 25.84 30.52
N THR G 48 -42.92 25.79 31.75
CA THR G 48 -44.03 24.92 32.11
C THR G 48 -45.33 25.70 32.02
N ILE G 49 -46.31 25.14 31.32
CA ILE G 49 -47.60 25.79 31.11
C ILE G 49 -48.65 25.07 31.94
N SER G 50 -49.43 25.85 32.69
CA SER G 50 -50.48 25.34 33.56
C SER G 50 -51.82 25.93 33.15
N GLY G 51 -52.88 25.13 33.29
CA GLY G 51 -54.21 25.62 32.96
C GLY G 51 -55.27 24.78 33.61
N SER G 52 -56.52 25.16 33.36
CA SER G 52 -57.66 24.45 33.93
C SER G 52 -58.85 24.54 33.00
N VAL G 53 -59.68 23.50 33.03
CA VAL G 53 -60.96 23.48 32.33
C VAL G 53 -62.08 23.53 33.36
N LEU G 54 -63.00 24.46 33.17
CA LEU G 54 -64.18 24.61 34.02
C LEU G 54 -65.40 24.14 33.25
N LEU G 55 -66.12 23.16 33.80
CA LEU G 55 -67.30 22.60 33.17
C LEU G 55 -68.44 22.61 34.18
N GLU G 56 -69.54 23.27 33.82
CA GLU G 56 -70.71 23.38 34.68
C GLU G 56 -71.91 22.76 33.97
N ASN G 57 -72.57 21.82 34.63
CA ASN G 57 -73.75 21.14 34.12
C ASN G 57 -74.84 21.14 35.17
N THR G 58 -76.09 21.04 34.74
CA THR G 58 -77.21 21.12 35.68
C THR G 58 -77.75 19.74 36.06
N GLU G 59 -77.66 18.77 35.16
CA GLU G 59 -78.19 17.44 35.41
C GLU G 59 -77.11 16.40 35.15
N ASN G 60 -77.37 15.17 35.60
CA ASN G 60 -76.42 14.08 35.42
C ASN G 60 -76.41 13.65 33.96
N ILE G 61 -75.22 13.63 33.36
CA ILE G 61 -75.04 13.26 31.97
C ILE G 61 -74.06 12.09 31.90
N LYS G 62 -74.42 11.05 31.16
CA LYS G 62 -73.52 9.93 30.95
C LYS G 62 -72.40 10.35 30.01
N ILE G 63 -71.16 10.21 30.47
CA ILE G 63 -69.99 10.61 29.71
C ILE G 63 -68.94 9.51 29.84
N ARG G 64 -68.46 8.99 28.70
CA ARG G 64 -67.39 8.01 28.76
C ARG G 64 -66.11 8.63 29.30
N GLY G 65 -65.83 9.87 28.90
CA GLY G 65 -64.66 10.57 29.40
C GLY G 65 -64.54 11.96 28.84
N ILE G 66 -63.62 12.72 29.42
CA ILE G 66 -63.20 14.03 28.92
C ILE G 66 -61.68 14.06 28.89
N ARG G 67 -61.12 14.46 27.75
CA ARG G 67 -59.69 14.43 27.49
C ARG G 67 -59.22 15.80 27.00
N VAL G 68 -57.93 16.05 27.15
CA VAL G 68 -57.30 17.28 26.66
C VAL G 68 -56.10 16.91 25.81
N LEU G 69 -55.91 17.64 24.71
CA LEU G 69 -54.81 17.41 23.79
C LEU G 69 -54.14 18.75 23.48
N LEU G 70 -52.84 18.71 23.23
CA LEU G 70 -52.08 19.87 22.81
C LEU G 70 -51.65 19.69 21.35
N ARG G 71 -52.01 20.64 20.49
CA ARG G 71 -51.72 20.51 19.07
C ARG G 71 -51.24 21.84 18.52
N GLY G 72 -50.05 21.81 17.90
CA GLY G 72 -49.56 22.94 17.15
C GLY G 72 -49.51 22.60 15.68
N LYS G 73 -50.41 23.18 14.88
CA LYS G 73 -50.60 22.76 13.51
C LYS G 73 -50.27 23.91 12.56
N VAL G 74 -49.56 23.57 11.48
CA VAL G 74 -49.34 24.46 10.35
C VAL G 74 -50.25 24.01 9.22
N HIS G 75 -51.11 24.91 8.76
CA HIS G 75 -52.13 24.62 7.75
C HIS G 75 -51.89 25.54 6.56
N ALA G 76 -51.61 24.95 5.40
CA ALA G 76 -51.33 25.71 4.20
C ALA G 76 -52.27 25.33 3.07
N THR G 77 -52.81 26.34 2.40
CA THR G 77 -53.72 26.18 1.27
C THR G 77 -53.15 26.98 0.10
N LEU G 78 -52.93 26.32 -1.03
CA LEU G 78 -52.35 26.95 -2.20
C LEU G 78 -53.27 26.73 -3.40
N LYS G 79 -53.58 27.80 -4.13
CA LYS G 79 -54.47 27.73 -5.28
C LYS G 79 -53.62 27.80 -6.55
N VAL G 80 -53.82 26.84 -7.45
CA VAL G 80 -53.08 26.78 -8.71
C VAL G 80 -54.06 26.53 -9.84
N VAL G 81 -53.59 26.75 -11.07
CA VAL G 81 -54.38 26.51 -12.27
C VAL G 81 -53.56 25.57 -13.16
N LYS G 82 -54.14 24.42 -13.51
CA LYS G 82 -53.51 23.45 -14.39
C LYS G 82 -54.48 23.06 -15.50
N SER G 83 -54.07 23.32 -16.75
CA SER G 83 -54.87 22.97 -17.92
C SER G 83 -56.27 23.60 -17.85
N GLY G 84 -56.34 24.81 -17.31
CA GLY G 84 -57.59 25.51 -17.18
C GLY G 84 -58.44 25.11 -16.00
N GLU G 85 -57.99 24.17 -15.17
CA GLU G 85 -58.74 23.73 -14.01
C GLU G 85 -58.09 24.25 -12.74
N ARG G 86 -58.90 24.82 -11.86
CA ARG G 86 -58.40 25.35 -10.60
C ARG G 86 -58.29 24.21 -9.59
N ARG G 87 -57.12 24.10 -8.96
CA ARG G 87 -56.85 23.05 -7.98
C ARG G 87 -56.37 23.69 -6.67
N THR G 88 -56.98 23.26 -5.57
CA THR G 88 -56.65 23.74 -4.24
C THR G 88 -55.87 22.64 -3.52
N LEU G 89 -54.62 22.93 -3.18
CA LEU G 89 -53.78 21.99 -2.45
C LEU G 89 -53.76 22.36 -0.98
N LYS G 90 -54.15 21.40 -0.15
CA LYS G 90 -54.30 21.57 1.29
C LYS G 90 -53.34 20.63 2.01
N ASP G 91 -52.53 21.19 2.91
CA ASP G 91 -51.59 20.36 3.65
C ASP G 91 -51.48 20.84 5.10
N ASP G 92 -51.13 19.90 5.97
CA ASP G 92 -51.05 20.12 7.41
C ASP G 92 -49.77 19.52 7.97
N GLN G 93 -49.26 20.15 9.03
CA GLN G 93 -48.08 19.69 9.74
C GLN G 93 -48.35 19.77 11.23
N TYR G 94 -48.20 18.64 11.93
CA TYR G 94 -48.37 18.61 13.38
C TYR G 94 -47.01 18.66 14.05
N VAL G 95 -46.68 19.82 14.63
CA VAL G 95 -45.38 20.00 15.31
C VAL G 95 -45.42 19.58 16.77
N LEU G 96 -46.52 19.86 17.47
CA LEU G 96 -46.65 19.50 18.87
C LEU G 96 -47.84 18.57 19.02
N ASP G 97 -47.64 17.46 19.75
CA ASP G 97 -48.71 16.49 19.95
C ASP G 97 -48.54 15.90 21.35
N GLU G 98 -49.29 16.44 22.30
CA GLU G 98 -49.30 15.96 23.68
C GLU G 98 -50.74 15.74 24.14
N LYS G 99 -50.95 14.63 24.84
CA LYS G 99 -52.27 14.28 25.33
C LYS G 99 -52.18 13.87 26.80
N GLN G 100 -53.28 14.07 27.52
CA GLN G 100 -53.37 13.69 28.92
C GLN G 100 -54.83 13.47 29.27
N LEU G 101 -55.12 12.34 29.90
CA LEU G 101 -56.49 12.01 30.30
C LEU G 101 -56.89 12.88 31.48
N LEU G 102 -58.06 13.51 31.39
CA LEU G 102 -58.56 14.34 32.48
C LEU G 102 -59.57 13.63 33.35
N TRP G 103 -60.62 13.05 32.77
CA TRP G 103 -61.61 12.37 33.58
C TRP G 103 -62.23 11.22 32.79
N GLY G 104 -62.68 10.20 33.50
CA GLY G 104 -63.31 9.05 32.88
C GLY G 104 -62.39 7.86 32.74
N LYS G 105 -62.74 6.94 31.85
CA LYS G 105 -61.97 5.73 31.62
C LYS G 105 -61.44 5.71 30.19
N ASP G 106 -60.32 5.02 29.99
CA ASP G 106 -59.72 4.92 28.68
C ASP G 106 -60.56 4.04 27.77
N LYS G 107 -60.34 4.18 26.46
CA LYS G 107 -61.04 3.36 25.48
C LYS G 107 -60.70 1.88 25.60
N SER G 108 -59.52 1.55 26.13
CA SER G 108 -59.13 0.16 26.33
C SER G 108 -59.76 -0.45 27.58
N ASP G 109 -60.34 0.37 28.46
CA ASP G 109 -60.98 -0.13 29.67
C ASP G 109 -62.29 -0.81 29.30
N GLU G 110 -62.33 -2.13 29.42
CA GLU G 110 -63.54 -2.89 29.08
C GLU G 110 -64.58 -2.86 30.19
N SER G 111 -64.28 -2.27 31.34
CA SER G 111 -65.25 -2.22 32.43
C SER G 111 -66.44 -1.38 32.03
N ASP G 112 -67.64 -1.91 32.23
CA ASP G 112 -68.87 -1.18 31.89
C ASP G 112 -69.25 -0.15 32.95
N SER G 113 -68.57 -0.14 34.10
CA SER G 113 -68.87 0.82 35.15
C SER G 113 -68.37 2.19 34.74
N VAL G 114 -69.22 2.97 34.09
CA VAL G 114 -68.87 4.31 33.64
C VAL G 114 -68.97 5.28 34.81
N PRO G 115 -67.90 6.02 35.12
CA PRO G 115 -68.00 7.01 36.19
C PRO G 115 -68.99 8.12 35.83
N ILE G 116 -69.67 8.61 36.84
CA ILE G 116 -70.70 9.65 36.68
C ILE G 116 -70.16 10.94 37.29
N LEU G 117 -70.36 12.04 36.58
CA LEU G 117 -69.96 13.35 37.06
C LEU G 117 -71.17 14.05 37.68
N ALA G 118 -71.06 14.41 38.95
CA ALA G 118 -72.18 15.02 39.67
C ALA G 118 -72.50 16.39 39.09
N ARG G 119 -73.77 16.76 39.20
CA ARG G 119 -74.21 18.06 38.70
C ARG G 119 -73.57 19.19 39.50
N GLY G 120 -73.27 20.28 38.81
CA GLY G 120 -72.61 21.43 39.39
C GLY G 120 -71.47 21.87 38.52
N VAL G 121 -70.48 22.52 39.13
CA VAL G 121 -69.31 23.03 38.43
C VAL G 121 -68.09 22.23 38.88
N HIS G 122 -67.24 21.87 37.93
CA HIS G 122 -66.03 21.10 38.19
C HIS G 122 -64.85 21.73 37.47
N GLN G 123 -63.68 21.66 38.10
CA GLN G 123 -62.44 22.22 37.56
C GLN G 123 -61.41 21.11 37.44
N PHE G 124 -60.79 20.99 36.27
CA PHE G 124 -59.75 20.00 36.03
C PHE G 124 -58.47 20.74 35.63
N SER G 125 -57.42 20.57 36.43
CA SER G 125 -56.17 21.27 36.20
C SER G 125 -55.19 20.37 35.44
N PHE G 126 -54.32 21.01 34.65
CA PHE G 126 -53.37 20.29 33.81
C PHE G 126 -52.08 21.09 33.68
N ASN G 127 -50.96 20.36 33.62
CA ASN G 127 -49.63 20.95 33.50
C ASN G 127 -48.87 20.23 32.41
N PHE G 128 -48.17 20.99 31.56
CA PHE G 128 -47.33 20.43 30.52
C PHE G 128 -46.00 21.18 30.43
N ASP G 129 -45.00 20.53 29.86
CA ASP G 129 -43.68 21.12 29.71
C ASP G 129 -43.36 21.26 28.22
N LEU G 130 -43.03 22.47 27.80
CA LEU G 130 -42.70 22.72 26.41
C LEU G 130 -41.31 22.15 26.10
N PRO G 131 -41.11 21.58 24.90
CA PRO G 131 -39.79 21.05 24.56
C PRO G 131 -38.78 22.16 24.34
N GLN G 132 -37.51 21.82 24.55
CA GLN G 132 -36.42 22.78 24.36
C GLN G 132 -36.10 23.03 22.89
N SER G 133 -36.54 22.15 22.00
CA SER G 133 -36.27 22.33 20.57
C SER G 133 -36.98 23.57 20.04
N SER G 134 -36.45 24.13 18.96
CA SER G 134 -36.99 25.33 18.37
C SER G 134 -38.38 25.09 17.78
N LEU G 135 -39.34 25.93 18.16
CA LEU G 135 -40.72 25.88 17.67
C LEU G 135 -41.00 27.09 16.79
N PRO G 136 -41.61 26.88 15.62
CA PRO G 136 -41.93 28.00 14.74
C PRO G 136 -42.95 28.93 15.38
N CYS G 137 -42.81 30.22 15.08
CA CYS G 137 -43.72 31.22 15.62
C CYS G 137 -45.08 31.13 14.94
N SER G 138 -46.11 31.53 15.67
CA SER G 138 -47.46 31.52 15.13
C SER G 138 -47.65 32.65 14.12
N LEU G 139 -48.46 32.39 13.11
CA LEU G 139 -48.81 33.42 12.14
C LEU G 139 -50.19 33.11 11.58
N GLU G 140 -50.87 34.14 11.07
CA GLU G 140 -52.19 34.00 10.47
C GLU G 140 -52.16 34.65 9.09
N SER G 141 -52.22 33.84 8.05
CA SER G 141 -52.20 34.31 6.68
C SER G 141 -53.17 33.51 5.84
N ARG G 142 -53.48 34.04 4.65
CA ARG G 142 -54.40 33.37 3.74
C ARG G 142 -53.86 32.02 3.27
N HIS G 143 -52.54 31.95 3.03
CA HIS G 143 -51.93 30.74 2.48
C HIS G 143 -51.22 29.87 3.50
N CYS G 144 -51.05 30.34 4.74
CA CYS G 144 -50.37 29.58 5.76
C CYS G 144 -50.74 30.11 7.14
N THR G 145 -51.12 29.20 8.04
CA THR G 145 -51.49 29.55 9.40
C THR G 145 -50.87 28.56 10.39
N ILE G 146 -50.18 29.07 11.39
CA ILE G 146 -49.59 28.25 12.45
C ILE G 146 -50.34 28.58 13.73
N ARG G 147 -50.97 27.57 14.34
CA ARG G 147 -51.73 27.78 15.56
C ARG G 147 -51.36 26.72 16.59
N TYR G 148 -51.02 27.17 17.79
CA TYR G 148 -50.79 26.31 18.94
C TYR G 148 -52.01 26.40 19.84
N TYR G 149 -52.61 25.24 20.15
CA TYR G 149 -53.90 25.25 20.80
C TYR G 149 -54.08 24.01 21.68
N PHE G 150 -55.05 24.12 22.57
CA PHE G 150 -55.48 23.05 23.44
C PHE G 150 -56.90 22.66 23.04
N LYS G 151 -57.13 21.37 22.81
CA LYS G 151 -58.42 20.85 22.41
C LYS G 151 -58.94 19.96 23.52
N VAL G 152 -60.06 20.35 24.12
CA VAL G 152 -60.73 19.57 25.14
C VAL G 152 -61.94 18.91 24.52
N ILE G 153 -62.00 17.59 24.62
CA ILE G 153 -63.08 16.81 24.03
C ILE G 153 -63.82 16.10 25.14
N ILE G 154 -65.14 16.29 25.20
CA ILE G 154 -65.94 15.59 26.20
C ILE G 154 -66.76 14.52 25.51
N ASP G 155 -66.15 13.36 25.25
CA ASP G 155 -66.86 12.29 24.55
C ASP G 155 -68.10 11.85 25.32
N ILE G 156 -69.24 11.80 24.63
CA ILE G 156 -70.49 11.42 25.29
C ILE G 156 -71.27 10.42 24.45
N PRO G 157 -71.74 9.34 25.08
CA PRO G 157 -72.47 8.31 24.33
C PRO G 157 -73.80 8.84 23.81
N TYR G 158 -74.18 8.33 22.63
CA TYR G 158 -75.45 8.61 21.97
C TYR G 158 -75.65 10.09 21.67
N ALA G 159 -74.59 10.89 21.68
CA ALA G 159 -74.67 12.31 21.41
C ALA G 159 -73.36 12.79 20.82
N SER G 160 -73.42 13.94 20.14
CA SER G 160 -72.22 14.55 19.58
C SER G 160 -71.30 15.03 20.70
N SER G 161 -70.01 14.75 20.55
CA SER G 161 -69.04 15.13 21.56
C SER G 161 -68.66 16.59 21.41
N PRO G 162 -68.88 17.45 22.40
CA PRO G 162 -68.46 18.84 22.29
C PRO G 162 -66.94 18.97 22.25
N GLN G 163 -66.47 20.03 21.58
CA GLN G 163 -65.05 20.32 21.50
C GLN G 163 -64.81 21.78 21.86
N GLY G 164 -63.79 22.01 22.67
CA GLY G 164 -63.40 23.36 23.06
C GLY G 164 -61.94 23.61 22.74
N ILE G 165 -61.68 24.66 21.95
CA ILE G 165 -60.35 24.92 21.42
C ILE G 165 -59.88 26.27 21.94
N LYS G 166 -58.68 26.30 22.52
CA LYS G 166 -58.10 27.51 23.09
C LYS G 166 -56.72 27.75 22.48
N TYR G 167 -56.48 28.98 22.03
CA TYR G 167 -55.24 29.30 21.32
C TYR G 167 -54.27 30.04 22.21
N PHE G 168 -52.97 29.85 21.94
CA PHE G 168 -51.93 30.61 22.61
C PHE G 168 -50.79 30.88 21.62
N THR G 169 -49.87 31.74 22.04
CA THR G 169 -48.76 32.17 21.19
C THR G 169 -47.45 31.62 21.74
N ILE G 170 -46.66 31.01 20.85
CA ILE G 170 -45.35 30.46 21.20
C ILE G 170 -44.29 31.42 20.71
N ILE G 171 -43.38 31.82 21.59
CA ILE G 171 -42.33 32.78 21.26
C ILE G 171 -41.11 32.01 20.77
N GLY G 172 -40.80 32.16 19.49
CA GLY G 172 -39.64 31.53 18.90
C GLY G 172 -39.29 32.15 17.56
N PRO G 173 -38.17 31.73 16.96
CA PRO G 173 -37.20 30.74 17.45
C PRO G 173 -36.28 31.30 18.53
N HIS G 174 -35.47 30.45 19.15
CA HIS G 174 -34.54 30.87 20.19
C HIS G 174 -33.36 31.60 19.54
N ILE G 175 -33.45 32.92 19.44
CA ILE G 175 -32.40 33.74 18.83
C ILE G 175 -31.71 34.51 19.96
N ASP G 176 -30.40 34.31 20.07
CA ASP G 176 -29.60 35.00 21.08
C ASP G 176 -28.63 35.95 20.38
N SER G 177 -28.60 37.20 20.84
CA SER G 177 -27.79 38.23 20.19
C SER G 177 -26.29 38.09 20.47
N MET G 178 -25.90 37.26 21.43
CA MET G 178 -24.49 37.08 21.75
C MET G 178 -23.79 36.17 20.74
N GLU G 179 -24.53 35.62 19.78
CA GLU G 179 -23.93 34.80 18.72
C GLU G 179 -22.87 35.60 17.99
N GLU G 180 -21.74 34.95 17.69
CA GLU G 180 -20.61 35.63 17.09
C GLU G 180 -20.96 36.23 15.73
N LYS G 181 -21.89 35.59 15.02
CA LYS G 181 -22.26 36.05 13.68
C LYS G 181 -22.94 37.43 13.71
N TYR G 182 -23.47 37.84 14.87
CA TYR G 182 -24.20 39.10 14.95
C TYR G 182 -23.41 40.24 15.57
N LEU G 183 -22.31 39.95 16.28
CA LEU G 183 -21.55 40.99 16.96
C LEU G 183 -20.57 41.70 16.05
N SER G 184 -20.30 41.18 14.87
CA SER G 184 -19.34 41.81 13.97
C SER G 184 -19.98 43.00 13.27
N PRO G 185 -19.23 44.07 13.01
CA PRO G 185 -19.79 45.20 12.28
C PRO G 185 -19.84 44.93 10.78
N LEU G 186 -20.62 45.74 10.07
CA LEU G 186 -20.76 45.62 8.63
C LEU G 186 -20.40 46.94 7.96
N SER G 187 -19.62 46.86 6.89
CA SER G 187 -19.23 48.04 6.12
C SER G 187 -19.43 47.77 4.64
N ALA G 188 -20.00 48.74 3.92
CA ALA G 188 -20.20 48.64 2.49
C ALA G 188 -19.85 49.98 1.85
N GLN G 189 -19.44 49.92 0.59
CA GLN G 189 -19.08 51.12 -0.16
C GLN G 189 -19.25 50.86 -1.65
N ASP G 190 -19.58 51.91 -2.38
CA ASP G 190 -19.76 51.82 -3.82
C ASP G 190 -19.55 53.19 -4.45
N ARG G 191 -19.22 53.19 -5.74
CA ARG G 191 -19.03 54.42 -6.49
C ARG G 191 -19.35 54.16 -7.95
N LYS G 192 -20.01 55.11 -8.59
CA LYS G 192 -20.45 54.99 -9.98
C LYS G 192 -20.10 56.27 -10.74
N VAL G 193 -19.63 56.09 -11.98
CA VAL G 193 -19.30 57.19 -12.87
C VAL G 193 -20.17 57.04 -14.11
N ASN G 194 -20.89 58.12 -14.47
CA ASN G 194 -21.82 58.10 -15.59
C ASN G 194 -21.14 58.36 -16.93
N CYS G 195 -19.86 58.74 -16.91
CA CYS G 195 -19.14 59.06 -18.14
C CYS G 195 -17.86 58.24 -18.27
N CYS G 196 -16.95 58.64 -19.14
CA CYS G 196 -15.70 57.93 -19.29
C CYS G 196 -14.85 58.14 -18.05
N TRP G 197 -14.31 57.07 -17.50
CA TRP G 197 -13.51 57.17 -16.28
C TRP G 197 -12.61 58.40 -16.26
N CYS G 198 -12.09 58.77 -17.43
CA CYS G 198 -11.18 59.91 -17.48
C CYS G 198 -11.81 61.15 -16.87
N CYS G 199 -13.06 61.42 -17.20
CA CYS G 199 -13.76 62.57 -16.65
C CYS G 199 -14.34 62.22 -15.28
N GLN G 200 -13.69 62.69 -14.22
CA GLN G 200 -14.19 62.41 -12.88
C GLN G 200 -15.56 63.04 -12.64
N ARG G 201 -16.08 63.74 -13.64
CA ARG G 201 -17.37 64.41 -13.50
C ARG G 201 -18.51 63.39 -13.46
N GLY G 202 -19.52 63.68 -12.65
CA GLY G 202 -20.67 62.81 -12.53
C GLY G 202 -20.55 61.68 -11.54
N ALA G 203 -19.53 61.70 -10.68
CA ALA G 203 -19.31 60.62 -9.73
C ALA G 203 -20.38 60.60 -8.65
N LEU G 204 -20.73 59.40 -8.20
CA LEU G 204 -21.67 59.20 -7.11
C LEU G 204 -21.12 58.10 -6.20
N ALA G 205 -20.77 58.47 -4.97
CA ALA G 205 -20.11 57.57 -4.04
C ALA G 205 -20.88 57.48 -2.74
N LEU G 206 -20.98 56.27 -2.20
CA LEU G 206 -21.68 56.02 -0.95
C LEU G 206 -20.86 55.08 -0.09
N ARG G 207 -20.79 55.37 1.21
CA ARG G 207 -20.17 54.50 2.19
C ARG G 207 -21.08 54.40 3.40
N ILE G 208 -21.35 53.17 3.85
CA ILE G 208 -22.28 52.91 4.95
C ILE G 208 -21.66 51.93 5.93
N ILE G 209 -21.79 52.22 7.22
CA ILE G 209 -21.31 51.35 8.28
C ILE G 209 -22.43 51.13 9.30
N LEU G 210 -22.66 49.87 9.63
CA LEU G 210 -23.59 49.45 10.68
C LEU G 210 -22.79 48.71 11.74
N GLU G 211 -23.17 48.87 13.01
CA GLU G 211 -22.45 48.21 14.09
C GLU G 211 -22.78 46.73 14.20
N ARG G 212 -23.98 46.32 13.78
CA ARG G 212 -24.39 44.93 13.92
C ARG G 212 -25.49 44.66 12.89
N THR G 213 -25.94 43.40 12.87
CA THR G 213 -26.99 42.97 11.95
C THR G 213 -28.25 42.48 12.64
N ALA G 214 -28.20 42.12 13.92
CA ALA G 214 -29.35 41.65 14.66
C ALA G 214 -29.98 42.81 15.42
N TYR G 215 -31.30 42.92 15.34
CA TYR G 215 -32.02 44.02 15.97
C TYR G 215 -33.30 43.50 16.60
N VAL G 216 -33.75 44.22 17.62
CA VAL G 216 -34.96 43.89 18.36
C VAL G 216 -36.08 44.80 17.88
N CYS G 217 -37.30 44.27 17.83
CA CYS G 217 -38.45 45.07 17.42
C CYS G 217 -38.62 46.28 18.31
N GLY G 218 -38.79 47.44 17.70
CA GLY G 218 -38.90 48.69 18.42
C GLY G 218 -37.58 49.33 18.83
N GLU G 219 -36.46 48.74 18.44
CA GLU G 219 -35.16 49.29 18.79
C GLU G 219 -34.61 50.15 17.66
N ASN G 220 -33.86 51.18 18.02
CA ASN G 220 -33.28 52.10 17.06
C ASN G 220 -32.06 51.45 16.40
N ILE G 221 -31.92 51.64 15.09
CA ILE G 221 -30.81 51.07 14.34
C ILE G 221 -29.76 52.17 14.16
N ARG G 222 -28.52 51.89 14.55
CA ARG G 222 -27.43 52.85 14.46
C ARG G 222 -26.76 52.69 13.10
N VAL G 223 -26.79 53.75 12.29
CA VAL G 223 -26.23 53.76 10.95
C VAL G 223 -25.31 54.97 10.85
N ARG G 224 -24.22 54.83 10.09
CA ARG G 224 -23.43 55.99 9.67
C ARG G 224 -23.15 55.89 8.19
N ALA G 225 -23.18 57.04 7.50
CA ALA G 225 -23.03 57.04 6.06
C ALA G 225 -22.42 58.35 5.57
N GLN G 226 -21.61 58.24 4.53
CA GLN G 226 -21.05 59.38 3.81
C GLN G 226 -21.45 59.27 2.34
N ILE G 227 -21.92 60.38 1.78
CA ILE G 227 -22.42 60.40 0.40
C ILE G 227 -21.75 61.56 -0.33
N GLU G 228 -21.33 61.31 -1.57
CA GLU G 228 -20.78 62.35 -2.45
C GLU G 228 -21.55 62.27 -3.77
N ASN G 229 -22.15 63.37 -4.17
CA ASN G 229 -23.00 63.42 -5.37
C ASN G 229 -22.51 64.55 -6.27
N ARG G 230 -22.01 64.16 -7.46
CA ARG G 230 -21.52 65.12 -8.43
C ARG G 230 -22.40 65.20 -9.69
N GLN G 231 -23.62 64.67 -9.61
CA GLN G 231 -24.53 64.69 -10.75
C GLN G 231 -25.24 66.04 -10.84
N SER G 232 -26.03 66.21 -11.91
CA SER G 232 -26.77 67.44 -12.14
C SER G 232 -28.12 67.47 -11.41
N THR G 233 -28.55 66.35 -10.84
CA THR G 233 -29.83 66.26 -10.14
C THR G 233 -29.64 65.65 -8.77
N ALA G 234 -30.51 66.04 -7.84
CA ALA G 234 -30.42 65.54 -6.47
C ALA G 234 -30.92 64.10 -6.38
N GLN G 235 -30.40 63.39 -5.38
CA GLN G 235 -30.76 62.01 -5.12
C GLN G 235 -31.23 61.85 -3.69
N SER G 236 -32.11 60.88 -3.46
CA SER G 236 -32.60 60.55 -2.13
C SER G 236 -32.31 59.08 -1.82
N LEU G 237 -31.87 58.84 -0.59
CA LEU G 237 -31.57 57.47 -0.17
C LEU G 237 -32.85 56.79 0.29
N VAL G 238 -33.30 55.81 -0.49
CA VAL G 238 -34.52 55.06 -0.20
C VAL G 238 -34.13 53.72 0.39
N ILE G 239 -34.65 53.43 1.58
CA ILE G 239 -34.43 52.17 2.26
C ILE G 239 -35.78 51.50 2.44
N ARG G 240 -35.92 50.29 1.89
CA ARG G 240 -37.17 49.55 1.93
C ARG G 240 -36.95 48.22 2.64
N LEU G 241 -37.83 47.91 3.58
CA LEU G 241 -37.84 46.60 4.23
C LEU G 241 -38.82 45.71 3.47
N VAL G 242 -38.31 44.62 2.90
CA VAL G 242 -39.10 43.71 2.09
C VAL G 242 -39.23 42.39 2.84
N GLN G 243 -40.47 42.00 3.11
CA GLN G 243 -40.77 40.73 3.75
C GLN G 243 -41.02 39.66 2.69
N HIS G 244 -40.11 38.71 2.58
CA HIS G 244 -40.26 37.60 1.65
C HIS G 244 -40.83 36.40 2.41
N VAL G 245 -42.05 36.02 2.04
CA VAL G 245 -42.77 34.90 2.63
C VAL G 245 -43.07 33.91 1.51
N GLU G 246 -42.36 32.78 1.52
CA GLU G 246 -42.52 31.74 0.52
C GLU G 246 -43.26 30.56 1.11
N VAL G 247 -44.33 30.14 0.46
CA VAL G 247 -45.13 29.00 0.87
C VAL G 247 -44.90 27.86 -0.12
N PHE G 248 -44.45 26.72 0.39
CA PHE G 248 -44.12 25.58 -0.44
C PHE G 248 -44.98 24.38 -0.02
N VAL G 249 -45.64 23.77 -0.98
CA VAL G 249 -46.43 22.55 -0.76
C VAL G 249 -45.72 21.42 -1.48
N GLU G 250 -45.84 20.20 -0.95
CA GLU G 250 -45.14 19.06 -1.51
C GLU G 250 -46.05 18.13 -2.31
N LYS G 251 -47.36 18.15 -2.05
CA LYS G 251 -48.30 17.26 -2.73
C LYS G 251 -48.33 17.59 -4.22
N GLY G 252 -47.81 16.68 -5.03
CA GLY G 252 -47.79 16.87 -6.47
C GLY G 252 -46.55 16.30 -7.12
N LEU G 253 -46.63 16.03 -8.43
CA LEU G 253 -45.46 15.51 -9.14
C LEU G 253 -44.32 16.51 -9.17
N LEU G 254 -44.63 17.79 -9.40
CA LEU G 254 -43.61 18.84 -9.43
C LEU G 254 -43.69 19.76 -8.22
N GLY G 255 -44.79 19.76 -7.48
CA GLY G 255 -44.96 20.66 -6.35
C GLY G 255 -45.27 22.08 -6.77
N GLU G 256 -45.94 22.82 -5.89
CA GLU G 256 -46.32 24.20 -6.17
C GLU G 256 -45.75 25.11 -5.08
N ASN G 257 -45.23 26.25 -5.48
CA ASN G 257 -44.65 27.22 -4.56
C ASN G 257 -45.32 28.57 -4.77
N LYS G 258 -45.38 29.35 -3.70
CA LYS G 258 -46.00 30.68 -3.72
C LYS G 258 -44.91 31.72 -3.52
N MET G 259 -44.78 32.64 -4.47
CA MET G 259 -43.85 33.74 -4.35
C MET G 259 -44.61 34.99 -3.91
N MET G 260 -44.22 35.53 -2.76
CA MET G 260 -44.94 36.61 -2.11
C MET G 260 -43.95 37.61 -1.53
N SER G 261 -44.06 38.86 -1.98
CA SER G 261 -43.13 39.91 -1.59
C SER G 261 -43.87 41.22 -1.39
N CYS G 262 -43.60 41.88 -0.26
CA CYS G 262 -44.18 43.16 0.08
C CYS G 262 -43.15 44.04 0.76
N VAL G 263 -43.29 45.35 0.59
CA VAL G 263 -42.43 46.31 1.28
C VAL G 263 -43.06 46.63 2.64
N VAL G 264 -42.37 46.23 3.71
CA VAL G 264 -42.89 46.49 5.05
C VAL G 264 -42.90 47.98 5.35
N PHE G 265 -41.80 48.68 5.09
CA PHE G 265 -41.72 50.11 5.32
C PHE G 265 -40.71 50.72 4.37
N GLU G 266 -40.92 52.00 4.06
CA GLU G 266 -40.02 52.75 3.18
C GLU G 266 -39.61 54.03 3.88
N HIS G 267 -38.30 54.32 3.85
CA HIS G 267 -37.76 55.53 4.44
C HIS G 267 -36.95 56.27 3.37
N LYS G 268 -37.08 57.60 3.35
CA LYS G 268 -36.40 58.45 2.38
C LYS G 268 -35.51 59.44 3.13
N SER G 269 -34.24 59.50 2.72
CA SER G 269 -33.30 60.44 3.32
C SER G 269 -33.47 61.83 2.72
N PRO G 270 -33.00 62.86 3.41
CA PRO G 270 -33.04 64.21 2.82
C PRO G 270 -32.21 64.29 1.56
N ALA G 271 -32.65 65.14 0.63
CA ALA G 271 -31.99 65.26 -0.66
C ALA G 271 -30.60 65.84 -0.50
N ILE G 272 -29.70 65.44 -1.40
CA ILE G 272 -28.31 65.90 -1.38
C ILE G 272 -28.10 66.86 -2.54
N ALA G 273 -27.47 68.00 -2.25
CA ALA G 273 -27.27 69.02 -3.28
C ALA G 273 -26.29 68.50 -4.34
N ALA G 274 -26.43 69.06 -5.55
CA ALA G 274 -25.59 68.65 -6.66
C ALA G 274 -24.14 69.09 -6.43
N ASN G 275 -23.21 68.21 -6.83
CA ASN G 275 -21.77 68.47 -6.71
C ASN G 275 -21.39 68.80 -5.27
N SER G 276 -21.94 68.05 -4.33
CA SER G 276 -21.68 68.25 -2.92
C SER G 276 -21.48 66.92 -2.22
N GLN G 277 -21.42 66.97 -0.89
CA GLN G 277 -21.26 65.79 -0.06
C GLN G 277 -22.01 65.99 1.25
N GLY G 278 -22.38 64.87 1.86
CA GLY G 278 -23.15 64.92 3.10
C GLY G 278 -22.87 63.70 3.97
N LYS G 279 -23.25 63.83 5.24
CA LYS G 279 -23.13 62.77 6.23
C LYS G 279 -24.51 62.47 6.80
N TYR G 280 -24.75 61.19 7.08
CA TYR G 280 -26.05 60.73 7.56
C TYR G 280 -25.85 59.80 8.75
N ASP G 281 -26.73 59.94 9.75
CA ASP G 281 -26.69 59.11 10.95
C ASP G 281 -28.09 59.07 11.55
N SER G 282 -28.63 57.86 11.74
CA SER G 282 -29.96 57.73 12.32
C SER G 282 -30.01 58.22 13.76
N THR G 283 -28.99 57.94 14.57
CA THR G 283 -29.00 58.35 15.96
C THR G 283 -28.89 59.87 16.14
N LEU G 284 -28.47 60.59 15.10
CA LEU G 284 -28.26 62.02 15.20
C LEU G 284 -29.30 62.85 14.48
N GLU G 285 -29.85 62.37 13.36
CA GLU G 285 -30.82 63.15 12.60
C GLU G 285 -32.25 62.82 13.03
N GLN G 286 -32.66 61.57 12.86
CA GLN G 286 -34.00 61.15 13.23
C GLN G 286 -34.03 59.63 13.42
N PRO G 287 -34.80 59.14 14.39
CA PRO G 287 -34.86 57.69 14.61
C PRO G 287 -35.59 56.99 13.46
N ILE G 288 -34.92 56.03 12.84
CA ILE G 288 -35.52 55.19 11.82
C ILE G 288 -36.37 54.16 12.55
N ARG G 289 -37.68 54.38 12.59
CA ARG G 289 -38.58 53.57 13.40
C ARG G 289 -38.80 52.21 12.73
N LEU G 290 -38.37 51.15 13.39
CA LEU G 290 -38.63 49.81 12.86
C LEU G 290 -40.03 49.39 13.27
N PRO G 291 -40.81 48.86 12.32
CA PRO G 291 -42.21 48.52 12.62
C PRO G 291 -42.37 47.18 13.32
N VAL G 292 -43.41 47.02 14.13
CA VAL G 292 -43.68 45.75 14.78
C VAL G 292 -43.84 44.68 13.69
N VAL G 293 -42.89 43.74 13.66
CA VAL G 293 -42.82 42.76 12.57
C VAL G 293 -42.58 41.38 13.17
N PRO G 294 -43.05 40.34 12.48
CA PRO G 294 -42.78 38.97 12.93
C PRO G 294 -41.30 38.67 12.92
N PRO G 295 -40.82 37.82 13.82
CA PRO G 295 -39.39 37.49 13.85
C PRO G 295 -38.98 36.67 12.64
N THR G 296 -37.68 36.73 12.34
CA THR G 296 -37.13 35.96 11.23
C THR G 296 -37.30 34.48 11.48
N LEU G 297 -37.95 33.79 10.53
CA LEU G 297 -38.28 32.37 10.67
C LEU G 297 -37.74 31.65 9.43
N VAL G 298 -36.48 31.20 9.52
CA VAL G 298 -35.81 30.53 8.41
C VAL G 298 -35.45 29.11 8.86
N GLY G 299 -35.95 28.11 8.13
CA GLY G 299 -35.58 26.74 8.38
C GLY G 299 -36.04 26.16 9.70
N VAL G 300 -37.06 26.74 10.32
CA VAL G 300 -37.59 26.19 11.57
C VAL G 300 -38.82 25.36 11.27
N CYS G 301 -39.59 25.77 10.28
CA CYS G 301 -40.73 25.00 9.79
C CYS G 301 -40.57 24.80 8.29
N ARG G 302 -40.80 23.56 7.85
CA ARG G 302 -40.57 23.21 6.46
C ARG G 302 -41.59 23.84 5.52
N LEU G 303 -42.74 24.25 6.05
CA LEU G 303 -43.88 24.60 5.19
C LEU G 303 -43.95 26.07 4.81
N ILE G 304 -43.08 26.92 5.37
CA ILE G 304 -43.11 28.35 5.04
C ILE G 304 -41.77 28.96 5.44
N GLN G 305 -41.25 29.84 4.57
CA GLN G 305 -40.00 30.53 4.80
C GLN G 305 -40.27 32.03 4.87
N ILE G 306 -39.74 32.69 5.90
CA ILE G 306 -39.92 34.12 6.08
C ILE G 306 -38.55 34.75 6.30
N TYR G 307 -38.20 35.74 5.49
CA TYR G 307 -36.94 36.45 5.68
C TYR G 307 -37.10 37.91 5.30
N TYR G 308 -36.16 38.72 5.77
CA TYR G 308 -36.23 40.18 5.70
C TYR G 308 -35.08 40.71 4.87
N ALA G 309 -35.41 41.51 3.85
CA ALA G 309 -34.39 42.11 2.99
C ALA G 309 -34.43 43.63 3.14
N LEU G 310 -33.31 44.22 3.51
CA LEU G 310 -33.18 45.67 3.60
C LEU G 310 -32.54 46.15 2.30
N ARG G 311 -33.33 46.82 1.47
CA ARG G 311 -32.86 47.32 0.17
C ARG G 311 -32.53 48.79 0.29
N VAL G 312 -31.33 49.18 -0.13
CA VAL G 312 -30.90 50.56 -0.12
C VAL G 312 -30.60 50.98 -1.55
N CYS G 313 -31.20 52.09 -1.98
CA CYS G 313 -31.02 52.57 -3.34
C CYS G 313 -31.05 54.09 -3.34
N MET G 314 -30.66 54.67 -4.48
CA MET G 314 -30.70 56.11 -4.67
C MET G 314 -31.72 56.44 -5.75
N GLU G 315 -32.67 57.32 -5.40
CA GLU G 315 -33.76 57.70 -6.29
C GLU G 315 -33.57 59.13 -6.74
N ASP G 316 -33.56 59.34 -8.06
CA ASP G 316 -33.41 60.68 -8.60
C ASP G 316 -34.76 61.40 -8.65
N GLU G 317 -34.74 62.62 -9.17
CA GLU G 317 -35.97 63.39 -9.29
C GLU G 317 -36.94 62.77 -10.30
N LYS G 318 -36.44 61.97 -11.24
CA LYS G 318 -37.28 61.33 -12.25
C LYS G 318 -37.70 59.91 -11.87
N GLY G 319 -37.28 59.41 -10.71
CA GLY G 319 -37.69 58.11 -10.27
C GLY G 319 -36.78 56.96 -10.65
N ASN G 320 -35.55 57.25 -11.09
CA ASN G 320 -34.63 56.18 -11.49
C ASN G 320 -33.85 55.69 -10.29
N GLU G 321 -33.82 54.36 -10.12
CA GLU G 321 -33.09 53.73 -9.03
C GLU G 321 -31.78 53.13 -9.55
N CYS G 322 -30.74 53.20 -8.71
CA CYS G 322 -29.43 52.71 -9.09
C CYS G 322 -28.66 52.33 -7.81
N LEU G 323 -27.63 51.51 -8.00
CA LEU G 323 -26.76 51.06 -6.91
C LEU G 323 -27.56 50.43 -5.77
N HIS G 324 -28.27 49.35 -6.10
CA HIS G 324 -29.07 48.64 -5.12
C HIS G 324 -28.18 47.78 -4.23
N ILE G 325 -28.33 47.90 -2.92
CA ILE G 325 -27.58 47.12 -1.94
C ILE G 325 -28.57 46.38 -1.05
N ASP G 326 -28.41 45.07 -0.94
CA ASP G 326 -29.33 44.22 -0.19
C ASP G 326 -28.65 43.71 1.07
N PHE G 327 -29.33 43.83 2.22
CA PHE G 327 -28.87 43.30 3.48
C PHE G 327 -29.85 42.26 4.01
N PRO G 328 -29.38 41.13 4.53
CA PRO G 328 -30.28 40.22 5.23
C PRO G 328 -30.47 40.68 6.68
N LEU G 329 -31.73 40.82 7.08
CA LEU G 329 -32.06 41.37 8.39
C LEU G 329 -32.48 40.25 9.33
N THR G 330 -31.92 40.26 10.54
CA THR G 330 -32.22 39.28 11.57
C THR G 330 -33.01 39.96 12.68
N VAL G 331 -34.15 39.38 13.04
CA VAL G 331 -35.01 39.93 14.08
C VAL G 331 -34.80 39.12 15.35
N ALA G 332 -34.03 39.67 16.29
CA ALA G 332 -33.78 39.01 17.56
C ALA G 332 -34.73 39.55 18.63
N THR G 333 -34.83 38.80 19.73
CA THR G 333 -35.66 39.20 20.86
C THR G 333 -34.87 39.69 22.06
N ILE G 334 -33.64 39.22 22.23
CA ILE G 334 -32.80 39.59 23.36
C ILE G 334 -31.81 40.65 22.88
N PRO G 335 -31.82 41.85 23.43
CA PRO G 335 -30.81 42.85 23.07
C PRO G 335 -29.45 42.47 23.62
N TYR G 336 -28.41 43.10 23.06
CA TYR G 336 -27.06 42.85 23.56
C TYR G 336 -26.99 43.30 25.03
N ARG G 337 -26.89 42.33 25.92
CA ARG G 337 -27.07 42.59 27.34
C ARG G 337 -25.79 42.28 28.11
N ILE G 338 -25.27 43.31 28.77
CA ILE G 338 -24.18 43.15 29.73
C ILE G 338 -24.79 43.07 31.12
N PRO G 339 -24.16 42.39 32.08
CA PRO G 339 -24.67 42.44 33.46
C PRO G 339 -24.85 43.88 33.94
N ASN G 340 -25.69 44.03 34.97
CA ASN G 340 -26.28 45.30 35.43
C ASN G 340 -27.38 45.80 34.50
N ALA G 341 -28.11 44.86 33.80
CA ALA G 341 -29.22 44.94 32.86
C ALA G 341 -30.53 45.28 33.58
N PRO G 342 -31.44 45.98 32.92
CA PRO G 342 -32.67 46.44 33.58
C PRO G 342 -33.62 45.29 33.87
N PRO G 343 -34.50 45.44 34.85
CA PRO G 343 -35.50 44.39 35.13
C PRO G 343 -36.39 44.15 33.92
N PRO G 344 -36.82 42.92 33.71
CA PRO G 344 -37.40 42.51 32.42
C PRO G 344 -38.61 43.34 31.98
N PRO G 345 -39.66 43.47 32.81
CA PRO G 345 -41.00 43.76 32.24
C PRO G 345 -41.01 44.86 31.18
N VAL G 346 -41.49 44.50 30.00
CA VAL G 346 -41.73 45.43 28.89
C VAL G 346 -43.10 45.13 28.29
N ASP G 347 -43.72 46.17 27.71
CA ASP G 347 -45.15 46.17 27.44
C ASP G 347 -45.49 45.19 26.33
N TYR G 348 -46.70 44.64 26.42
CA TYR G 348 -47.28 43.79 25.39
C TYR G 348 -48.40 44.56 24.70
N ASP G 349 -48.36 44.58 23.36
CA ASP G 349 -49.33 45.35 22.60
C ASP G 349 -49.80 44.53 21.41
N PHE G 350 -50.85 45.02 20.76
CA PHE G 350 -51.45 44.30 19.65
C PHE G 350 -50.65 44.53 18.37
N CYS G 351 -50.74 43.56 17.46
CA CYS G 351 -49.93 43.59 16.25
C CYS G 351 -50.38 44.70 15.31
N SER G 352 -49.43 45.18 14.50
CA SER G 352 -49.73 46.21 13.52
C SER G 352 -50.40 45.62 12.28
N ASN G 353 -51.34 46.36 11.70
CA ASN G 353 -52.12 45.87 10.57
C ASN G 353 -51.43 46.07 9.22
N HIS G 354 -50.29 46.77 9.18
CA HIS G 354 -49.59 47.02 7.93
C HIS G 354 -48.50 45.99 7.65
N VAL G 355 -48.42 44.92 8.41
CA VAL G 355 -47.44 43.86 8.21
C VAL G 355 -48.18 42.54 7.98
N GLU G 356 -47.46 41.56 7.44
CA GLU G 356 -48.03 40.24 7.23
C GLU G 356 -48.39 39.59 8.56
N GLY G 357 -49.48 38.83 8.57
CA GLY G 357 -49.99 38.20 9.76
C GLY G 357 -51.19 38.88 10.37
N GLY G 358 -51.50 40.11 9.93
CA GLY G 358 -52.64 40.83 10.47
C GLY G 358 -53.62 41.28 9.40
N LYS G 359 -53.17 41.31 8.15
CA LYS G 359 -54.01 41.79 7.05
C LYS G 359 -55.11 40.81 6.67
N TYR G 360 -54.99 39.53 7.01
CA TYR G 360 -55.98 38.53 6.67
C TYR G 360 -56.39 37.76 7.92
N VAL G 361 -57.70 37.52 8.04
CA VAL G 361 -58.27 36.77 9.15
C VAL G 361 -59.12 35.65 8.57
N SER G 362 -58.95 34.44 9.11
CA SER G 362 -59.68 33.29 8.61
C SER G 362 -61.18 33.48 8.84
N PRO G 363 -62.03 33.01 7.91
CA PRO G 363 -63.49 33.19 8.10
C PRO G 363 -64.03 32.52 9.35
N GLU G 364 -63.36 31.47 9.84
CA GLU G 364 -63.83 30.78 11.04
C GLU G 364 -63.65 31.61 12.30
N PHE G 365 -62.92 32.73 12.22
CA PHE G 365 -62.55 33.51 13.39
C PHE G 365 -63.44 34.72 13.63
N ARG G 366 -64.33 35.05 12.71
CA ARG G 366 -65.20 36.21 12.84
C ARG G 366 -66.63 35.73 13.07
N LEU G 367 -67.24 36.21 14.15
CA LEU G 367 -68.61 35.84 14.53
C LEU G 367 -69.57 36.85 13.92
N GLY G 368 -70.06 36.55 12.72
CA GLY G 368 -70.97 37.44 12.03
C GLY G 368 -70.33 38.11 10.82
N GLU G 382 -67.55 47.90 14.07
CA GLU G 382 -66.40 47.51 14.87
C GLU G 382 -66.22 46.00 14.89
N GLU G 383 -65.26 45.51 14.11
CA GLU G 383 -65.02 44.07 14.02
C GLU G 383 -64.23 43.56 15.22
N ILE G 384 -64.66 42.43 15.77
CA ILE G 384 -63.96 41.82 16.91
C ILE G 384 -63.41 40.47 16.46
N VAL G 385 -62.14 40.23 16.74
CA VAL G 385 -61.45 39.00 16.35
C VAL G 385 -61.22 38.19 17.62
N LEU G 386 -61.51 36.88 17.55
CA LEU G 386 -61.37 36.02 18.71
C LEU G 386 -59.92 35.92 19.17
N TYR G 387 -58.99 35.75 18.23
CA TYR G 387 -57.59 35.55 18.56
C TYR G 387 -56.72 36.33 17.59
N ARG G 388 -55.69 37.00 18.13
CA ARG G 388 -54.82 37.82 17.33
C ARG G 388 -53.46 37.93 18.03
N PRO G 389 -52.36 37.89 17.28
CA PRO G 389 -51.04 37.87 17.91
C PRO G 389 -50.76 39.10 18.77
N VAL G 390 -50.01 38.89 19.84
CA VAL G 390 -49.57 39.96 20.73
C VAL G 390 -48.04 39.99 20.72
N TYR G 391 -47.50 41.20 20.55
CA TYR G 391 -46.06 41.37 20.42
C TYR G 391 -45.54 42.27 21.53
N VAL G 392 -44.21 42.35 21.64
CA VAL G 392 -43.59 43.08 22.72
C VAL G 392 -43.07 44.43 22.22
N LYS G 393 -43.05 45.42 23.11
CA LYS G 393 -42.51 46.73 22.78
C LYS G 393 -42.15 47.48 24.06
N LEU G 394 -41.29 48.48 23.90
CA LEU G 394 -40.97 49.38 24.99
C LEU G 394 -41.66 50.73 24.78
N ALA G 395 -42.33 51.21 25.83
CA ALA G 395 -43.08 52.45 25.73
C ALA G 395 -42.16 53.62 25.38
N ASP G 396 -42.66 54.51 24.53
CA ASP G 396 -41.85 55.64 24.06
C ASP G 396 -41.44 56.54 25.22
N ARG G 397 -40.55 57.49 24.94
CA ARG G 397 -39.91 58.28 25.98
C ARG G 397 -40.94 59.19 26.65
N ARG G 398 -41.40 58.77 27.83
CA ARG G 398 -42.37 59.55 28.58
C ARG G 398 -41.64 60.60 29.40
N ILE G 399 -41.73 61.86 28.97
CA ILE G 399 -41.08 62.96 29.68
C ILE G 399 -41.99 63.43 30.82
N GLY G 400 -41.82 62.84 31.99
CA GLY G 400 -42.63 63.18 33.15
C GLY G 400 -43.63 62.11 33.52
#